data_8ZIK
#
_entry.id   8ZIK
#
_cell.length_a   72.318
_cell.length_b   94.990
_cell.length_c   179.759
_cell.angle_alpha   90.000
_cell.angle_beta   90.000
_cell.angle_gamma   90.000
#
_symmetry.space_group_name_H-M   'P 21 21 21'
#
loop_
_entity.id
_entity.type
_entity.pdbx_description
1 polymer cellulase
2 branched beta-D-glucopyranose-(1-4)-beta-D-glucopyranose-(1-4)-beta-D-glucopyranose-(1-4)-beta-D-glucopyranose
3 non-polymer 2-acetamido-2-deoxy-beta-D-glucopyranose
4 water water
#
_entity_poly.entity_id   1
_entity_poly.type   'polypeptide(L)'
_entity_poly.pdbx_seq_one_letter_code
;APTNSKTKRNKKMRFAGVNESGAEFGSDNIPGVYGTDYTWYNTTAMGEFISQGMNIFRLNLLMERLVPNTMTGPMNADYL
GNLTKDVNYVTDKGAYAMITPHNYGRYYGNIINSTSDFEAFWKTVAGAFKDNDLVMFDTNNQYYGMAGQLVADLNQAAIN
GIRAAGATSQYVNVEGNSYTGAWTWTTAEGTDGLTNAQTMGNLTDPEDKILYHMHQYLDSDGSGTSSTCVNSTIGATRLM
DATAWLKSNNKIAILGQYAGAVNSVCEEAVEGMLDYIDENSDVWTGAIWWAAGPWWGDYMFSVEPDNGPAYSTYDPIILE
YS
;
_entity_poly.pdbx_strand_id   D,B,A,C
#
loop_
_chem_comp.id
_chem_comp.type
_chem_comp.name
_chem_comp.formula
BGC D-saccharide, beta linking beta-D-glucopyranose 'C6 H12 O6'
NAG D-saccharide, beta linking 2-acetamido-2-deoxy-beta-D-glucopyranose 'C8 H15 N O6'
#
# COMPACT_ATOMS: atom_id res chain seq x y z
N ARG A 14 50.46 -7.16 12.38
CA ARG A 14 49.40 -6.78 11.45
C ARG A 14 48.01 -7.34 11.84
N PHE A 15 47.95 -8.46 12.56
CA PHE A 15 46.68 -9.11 12.88
C PHE A 15 46.50 -9.23 14.39
N ALA A 16 45.38 -8.68 14.89
CA ALA A 16 45.02 -8.74 16.30
C ALA A 16 43.50 -8.84 16.38
N GLY A 17 43.01 -9.89 17.04
CA GLY A 17 41.59 -10.12 17.06
C GLY A 17 41.22 -11.30 17.94
N VAL A 18 40.05 -11.88 17.65
CA VAL A 18 39.47 -12.90 18.50
C VAL A 18 38.92 -14.05 17.65
N ASN A 19 38.85 -15.23 18.27
CA ASN A 19 37.99 -16.29 17.76
C ASN A 19 36.54 -15.97 18.05
N GLU A 20 35.67 -16.44 17.15
CA GLU A 20 34.22 -16.44 17.37
C GLU A 20 33.75 -17.89 17.36
N SER A 21 33.29 -18.36 18.51
CA SER A 21 32.98 -19.76 18.76
C SER A 21 31.52 -19.86 19.19
N GLY A 22 30.78 -20.80 18.59
CA GLY A 22 29.38 -21.00 18.85
C GLY A 22 28.67 -21.77 17.75
N ALA A 23 29.08 -21.55 16.50
CA ALA A 23 28.49 -22.24 15.37
C ALA A 23 28.93 -23.69 15.27
N GLU A 24 29.96 -24.08 16.03
CA GLU A 24 30.42 -25.44 16.11
C GLU A 24 30.00 -26.12 17.41
N PHE A 25 29.17 -25.45 18.22
CA PHE A 25 28.70 -26.00 19.48
C PHE A 25 27.76 -27.18 19.26
N GLY A 26 27.57 -27.96 20.32
CA GLY A 26 26.67 -29.11 20.23
C GLY A 26 27.05 -30.04 19.10
N SER A 27 28.35 -30.30 18.94
CA SER A 27 28.85 -31.17 17.89
C SER A 27 28.22 -32.57 17.94
N ASP A 28 27.56 -32.93 19.04
CA ASP A 28 26.92 -34.23 19.14
C ASP A 28 25.62 -34.29 18.33
N ASN A 29 24.99 -33.15 18.10
CA ASN A 29 23.77 -33.08 17.30
C ASN A 29 24.12 -32.52 15.92
N ILE A 30 24.09 -33.38 14.92
CA ILE A 30 24.33 -33.01 13.53
C ILE A 30 23.11 -33.43 12.74
N PRO A 31 22.45 -32.53 12.00
CA PRO A 31 22.85 -31.12 11.80
C PRO A 31 22.71 -30.22 13.04
N GLY A 32 21.92 -30.65 14.01
CA GLY A 32 21.61 -29.81 15.15
C GLY A 32 20.64 -28.70 14.79
N VAL A 33 20.07 -28.06 15.81
CA VAL A 33 19.09 -27.00 15.64
C VAL A 33 19.74 -25.66 15.95
N TYR A 34 19.54 -24.69 15.06
CA TYR A 34 20.00 -23.34 15.31
C TYR A 34 19.20 -22.71 16.43
N GLY A 35 19.89 -22.05 17.36
CA GLY A 35 19.25 -21.52 18.55
C GLY A 35 19.11 -22.50 19.68
N THR A 36 19.35 -23.79 19.46
CA THR A 36 19.39 -24.75 20.55
C THR A 36 20.75 -25.43 20.69
N ASP A 37 21.28 -25.98 19.60
CA ASP A 37 22.56 -26.66 19.66
C ASP A 37 23.73 -25.73 19.35
N TYR A 38 23.55 -24.82 18.41
CA TYR A 38 24.61 -23.88 18.06
C TYR A 38 24.00 -22.52 17.78
N THR A 39 24.87 -21.53 17.60
CA THR A 39 24.42 -20.20 17.24
C THR A 39 25.48 -19.56 16.36
N TRP A 40 25.10 -18.48 15.71
CA TRP A 40 26.04 -17.61 15.03
C TRP A 40 26.32 -16.41 15.93
N TYR A 41 27.17 -15.52 15.44
CA TYR A 41 27.89 -14.59 16.30
C TYR A 41 27.21 -13.23 16.39
N ASN A 42 27.55 -12.51 17.44
CA ASN A 42 26.90 -11.25 17.79
C ASN A 42 27.62 -10.11 17.08
N THR A 43 27.01 -9.61 16.01
CA THR A 43 27.68 -8.60 15.18
C THR A 43 27.85 -7.29 15.93
N THR A 44 26.94 -6.96 16.85
CA THR A 44 27.14 -5.80 17.71
C THR A 44 28.47 -5.90 18.47
N ALA A 45 28.72 -7.06 19.10
CA ALA A 45 29.99 -7.21 19.79
C ALA A 45 31.16 -7.10 18.83
N MET A 46 31.06 -7.74 17.67
CA MET A 46 32.16 -7.74 16.72
C MET A 46 32.45 -6.32 16.22
N GLY A 47 31.40 -5.51 16.06
CA GLY A 47 31.60 -4.14 15.65
C GLY A 47 32.33 -3.34 16.71
N GLU A 48 31.98 -3.56 17.98
CA GLU A 48 32.74 -2.93 19.06
C GLU A 48 34.20 -3.30 18.98
N PHE A 49 34.50 -4.59 18.80
CA PHE A 49 35.90 -4.99 18.67
C PHE A 49 36.56 -4.26 17.50
N ILE A 50 35.86 -4.16 16.37
CA ILE A 50 36.48 -3.49 15.24
C ILE A 50 36.70 -2.01 15.54
N SER A 51 35.74 -1.37 16.22
CA SER A 51 35.93 0.04 16.60
C SER A 51 37.15 0.23 17.50
N GLN A 52 37.34 -0.66 18.47
CA GLN A 52 38.52 -0.58 19.32
C GLN A 52 39.80 -0.85 18.55
N GLY A 53 39.74 -1.41 17.34
CA GLY A 53 40.93 -1.59 16.55
C GLY A 53 41.32 -3.03 16.24
N MET A 54 40.54 -4.04 16.60
CA MET A 54 40.86 -5.39 16.16
C MET A 54 40.46 -5.57 14.69
N ASN A 55 41.29 -6.31 13.95
CA ASN A 55 41.10 -6.44 12.52
C ASN A 55 41.03 -7.89 12.04
N ILE A 56 40.84 -8.86 12.92
CA ILE A 56 40.66 -10.23 12.44
C ILE A 56 39.73 -10.98 13.39
N PHE A 57 38.81 -11.73 12.80
CA PHE A 57 37.85 -12.55 13.52
C PHE A 57 37.86 -13.95 12.92
N ARG A 58 38.17 -14.95 13.74
CA ARG A 58 38.23 -16.34 13.30
C ARG A 58 36.88 -16.98 13.59
N LEU A 59 36.11 -17.23 12.52
CA LEU A 59 34.73 -17.71 12.63
C LEU A 59 34.72 -19.22 12.53
N ASN A 60 34.41 -19.89 13.64
CA ASN A 60 34.45 -21.34 13.71
C ASN A 60 33.11 -21.91 13.30
N LEU A 61 33.14 -23.06 12.61
CA LEU A 61 31.93 -23.71 12.14
C LEU A 61 32.19 -25.21 12.04
N LEU A 62 31.14 -25.98 11.71
CA LEU A 62 31.22 -27.43 11.55
C LEU A 62 31.07 -27.84 10.07
N MET A 63 32.08 -28.57 9.54
CA MET A 63 31.99 -29.17 8.20
C MET A 63 30.64 -29.77 7.86
N GLU A 64 30.11 -30.59 8.78
CA GLU A 64 28.92 -31.39 8.52
C GLU A 64 27.66 -30.53 8.46
N ARG A 65 27.68 -29.36 9.10
CA ARG A 65 26.57 -28.40 8.97
C ARG A 65 26.67 -27.59 7.69
N LEU A 66 27.88 -27.28 7.23
CA LEU A 66 28.08 -26.49 6.02
C LEU A 66 27.90 -27.34 4.77
N VAL A 67 28.43 -28.57 4.78
CA VAL A 67 28.28 -29.53 3.69
C VAL A 67 27.87 -30.86 4.30
N PRO A 68 26.58 -31.15 4.41
CA PRO A 68 26.14 -32.39 5.06
C PRO A 68 26.43 -33.64 4.22
N ASN A 69 26.56 -34.77 4.93
CA ASN A 69 26.46 -36.11 4.36
C ASN A 69 27.74 -36.59 3.68
N THR A 70 28.21 -35.81 2.70
CA THR A 70 29.39 -36.16 1.92
C THR A 70 30.13 -34.87 1.57
N MET A 71 31.45 -34.90 1.66
CA MET A 71 32.24 -33.68 1.49
C MET A 71 32.16 -33.12 0.08
N THR A 72 31.74 -33.94 -0.87
CA THR A 72 31.60 -33.55 -2.26
C THR A 72 30.21 -32.99 -2.55
N GLY A 73 29.39 -32.84 -1.53
CA GLY A 73 28.00 -32.48 -1.70
C GLY A 73 27.77 -30.98 -1.75
N PRO A 74 26.54 -30.58 -2.03
CA PRO A 74 26.17 -29.16 -1.98
C PRO A 74 26.21 -28.63 -0.56
N MET A 75 26.11 -27.32 -0.48
CA MET A 75 26.25 -26.61 0.77
C MET A 75 24.83 -26.37 1.29
N ASN A 76 24.65 -26.46 2.61
CA ASN A 76 23.34 -26.18 3.21
C ASN A 76 23.09 -24.68 3.13
N ALA A 77 21.96 -24.30 2.54
CA ALA A 77 21.72 -22.89 2.21
C ALA A 77 21.61 -22.03 3.46
N ASP A 78 20.88 -22.52 4.47
CA ASP A 78 20.69 -21.73 5.70
C ASP A 78 21.98 -21.52 6.47
N TYR A 79 22.81 -22.56 6.58
CA TYR A 79 24.05 -22.44 7.33
C TYR A 79 25.05 -21.56 6.59
N LEU A 80 25.07 -21.68 5.26
CA LEU A 80 25.99 -20.90 4.46
C LEU A 80 25.62 -19.43 4.49
N GLY A 81 24.32 -19.13 4.47
CA GLY A 81 23.90 -17.74 4.50
C GLY A 81 24.32 -17.07 5.79
N ASN A 82 24.10 -17.76 6.92
CA ASN A 82 24.54 -17.22 8.20
C ASN A 82 26.04 -17.01 8.21
N LEU A 83 26.82 -18.03 7.87
CA LEU A 83 28.24 -17.83 7.69
C LEU A 83 28.52 -16.57 6.87
N THR A 84 27.78 -16.39 5.77
CA THR A 84 28.06 -15.28 4.86
C THR A 84 27.66 -13.95 5.48
N LYS A 85 26.52 -13.91 6.18
CA LYS A 85 26.13 -12.69 6.86
C LYS A 85 27.23 -12.23 7.80
N ASP A 86 27.64 -13.11 8.73
CA ASP A 86 28.67 -12.75 9.70
C ASP A 86 29.98 -12.39 9.02
N VAL A 87 30.35 -13.13 7.97
CA VAL A 87 31.58 -12.81 7.23
C VAL A 87 31.49 -11.40 6.65
N ASN A 88 30.39 -11.10 5.95
CA ASN A 88 30.27 -9.79 5.30
C ASN A 88 30.36 -8.66 6.32
N TYR A 89 29.70 -8.83 7.47
CA TYR A 89 29.76 -7.79 8.50
C TYR A 89 31.19 -7.42 8.83
N VAL A 90 32.03 -8.43 9.04
CA VAL A 90 33.41 -8.19 9.42
C VAL A 90 34.19 -7.54 8.28
N THR A 91 34.06 -8.10 7.06
CA THR A 91 34.83 -7.58 5.94
C THR A 91 34.25 -6.28 5.40
N ASP A 92 32.93 -6.08 5.52
CA ASP A 92 32.35 -4.81 5.09
C ASP A 92 32.98 -3.64 5.85
N LYS A 93 33.48 -3.89 7.06
CA LYS A 93 34.11 -2.88 7.89
C LYS A 93 35.63 -2.95 7.85
N GLY A 94 36.21 -3.67 6.89
CA GLY A 94 37.64 -3.62 6.68
C GLY A 94 38.47 -4.60 7.48
N ALA A 95 37.85 -5.43 8.33
CA ALA A 95 38.57 -6.45 9.10
C ALA A 95 38.53 -7.80 8.37
N TYR A 96 39.51 -8.64 8.69
CA TYR A 96 39.61 -9.96 8.10
C TYR A 96 38.67 -10.94 8.80
N ALA A 97 38.06 -11.82 7.99
CA ALA A 97 37.20 -12.89 8.47
C ALA A 97 37.81 -14.23 8.05
N MET A 98 38.30 -14.99 9.03
CA MET A 98 38.86 -16.31 8.79
C MET A 98 37.77 -17.37 8.91
N ILE A 99 37.63 -18.20 7.89
CA ILE A 99 36.63 -19.26 7.85
C ILE A 99 37.31 -20.55 8.29
N THR A 100 36.88 -21.10 9.43
CA THR A 100 37.55 -22.22 10.08
C THR A 100 36.59 -23.39 10.30
N PRO A 101 36.68 -24.47 9.51
CA PRO A 101 35.96 -25.70 9.84
C PRO A 101 36.56 -26.35 11.07
N HIS A 102 35.82 -26.38 12.17
CA HIS A 102 36.36 -26.78 13.48
C HIS A 102 36.23 -28.29 13.65
N ASN A 103 37.01 -29.03 12.87
CA ASN A 103 36.74 -30.46 12.71
C ASN A 103 37.89 -31.40 13.04
N TYR A 104 39.04 -30.91 13.47
CA TYR A 104 40.13 -31.77 13.93
C TYR A 104 40.53 -32.80 12.88
N GLY A 105 40.42 -32.45 11.59
CA GLY A 105 40.79 -33.41 10.58
C GLY A 105 39.80 -34.54 10.40
N ARG A 106 38.59 -34.40 10.94
CA ARG A 106 37.63 -35.49 10.96
C ARG A 106 36.31 -35.03 10.38
N TYR A 107 35.60 -35.98 9.76
CA TYR A 107 34.30 -35.75 9.16
C TYR A 107 33.35 -36.86 9.62
N TYR A 108 32.29 -36.47 10.30
CA TYR A 108 31.39 -37.43 10.94
C TYR A 108 32.17 -38.36 11.87
N GLY A 109 33.19 -37.82 12.53
CA GLY A 109 33.95 -38.59 13.52
C GLY A 109 35.06 -39.44 12.96
N ASN A 110 35.23 -39.51 11.63
CA ASN A 110 36.25 -40.33 11.01
C ASN A 110 37.34 -39.48 10.38
N ILE A 111 38.60 -39.89 10.56
CA ILE A 111 39.71 -39.14 10.01
C ILE A 111 39.51 -38.96 8.51
N ILE A 112 39.58 -37.71 8.05
CA ILE A 112 39.46 -37.45 6.62
C ILE A 112 40.71 -38.01 5.95
N ASN A 113 40.59 -39.09 5.19
CA ASN A 113 41.78 -39.53 4.48
C ASN A 113 41.65 -39.52 2.95
N SER A 114 40.57 -38.94 2.41
CA SER A 114 40.43 -38.73 0.97
C SER A 114 40.82 -37.28 0.66
N THR A 115 42.06 -37.09 0.18
CA THR A 115 42.48 -35.75 -0.22
C THR A 115 41.66 -35.22 -1.39
N SER A 116 41.22 -36.11 -2.27
CA SER A 116 40.36 -35.70 -3.38
C SER A 116 39.05 -35.12 -2.85
N ASP A 117 38.43 -35.80 -1.88
CA ASP A 117 37.19 -35.31 -1.28
C ASP A 117 37.41 -34.01 -0.52
N PHE A 118 38.55 -33.89 0.17
CA PHE A 118 38.81 -32.67 0.96
C PHE A 118 39.02 -31.49 0.04
N GLU A 119 39.72 -31.71 -1.08
CA GLU A 119 39.91 -30.65 -2.05
C GLU A 119 38.57 -30.19 -2.60
N ALA A 120 37.68 -31.14 -2.91
CA ALA A 120 36.35 -30.79 -3.41
C ALA A 120 35.57 -29.97 -2.39
N PHE A 121 35.64 -30.34 -1.11
CA PHE A 121 34.99 -29.57 -0.07
C PHE A 121 35.50 -28.13 -0.06
N TRP A 122 36.82 -27.95 -0.18
CA TRP A 122 37.38 -26.61 -0.11
C TRP A 122 37.12 -25.82 -1.38
N LYS A 123 37.09 -26.48 -2.55
CA LYS A 123 36.65 -25.77 -3.75
C LYS A 123 35.23 -25.26 -3.57
N THR A 124 34.35 -26.10 -3.02
CA THR A 124 32.96 -25.70 -2.78
C THR A 124 32.89 -24.47 -1.86
N VAL A 125 33.54 -24.55 -0.71
CA VAL A 125 33.45 -23.47 0.27
C VAL A 125 34.08 -22.20 -0.29
N ALA A 126 35.34 -22.29 -0.73
CA ALA A 126 36.04 -21.12 -1.26
C ALA A 126 35.32 -20.49 -2.42
N GLY A 127 34.62 -21.29 -3.23
CA GLY A 127 33.80 -20.72 -4.29
C GLY A 127 32.83 -19.67 -3.77
N ALA A 128 32.27 -19.91 -2.58
CA ALA A 128 31.26 -19.02 -2.02
C ALA A 128 31.83 -17.69 -1.54
N PHE A 129 33.15 -17.52 -1.53
CA PHE A 129 33.78 -16.30 -1.04
C PHE A 129 34.94 -15.88 -1.94
N LYS A 130 34.92 -16.29 -3.22
CA LYS A 130 36.10 -16.20 -4.07
C LYS A 130 36.53 -14.76 -4.30
N ASP A 131 35.58 -13.82 -4.29
CA ASP A 131 35.92 -12.44 -4.59
C ASP A 131 36.22 -11.60 -3.36
N ASN A 132 36.01 -12.12 -2.14
CA ASN A 132 36.20 -11.33 -0.94
C ASN A 132 37.67 -11.39 -0.51
N ASP A 133 38.39 -10.29 -0.66
CA ASP A 133 39.81 -10.31 -0.36
C ASP A 133 40.11 -10.08 1.11
N LEU A 134 39.09 -9.85 1.93
CA LEU A 134 39.28 -9.79 3.37
C LEU A 134 38.92 -11.12 4.07
N VAL A 135 38.63 -12.17 3.30
CA VAL A 135 38.40 -13.50 3.86
C VAL A 135 39.74 -14.22 3.95
N MET A 136 39.88 -15.06 4.98
CA MET A 136 40.96 -16.02 5.03
C MET A 136 40.34 -17.41 5.13
N PHE A 137 41.04 -18.41 4.60
CA PHE A 137 40.61 -19.81 4.70
C PHE A 137 41.55 -20.57 5.64
N ASP A 138 40.97 -21.31 6.56
CA ASP A 138 41.69 -22.08 7.57
C ASP A 138 41.32 -23.53 7.32
N THR A 139 42.30 -24.35 6.92
CA THR A 139 41.95 -25.62 6.29
C THR A 139 41.22 -26.55 7.26
N ASN A 140 41.67 -26.61 8.51
CA ASN A 140 40.90 -27.38 9.47
C ASN A 140 41.48 -27.06 10.86
N ASN A 141 40.61 -27.00 11.87
CA ASN A 141 41.05 -26.67 13.23
C ASN A 141 41.67 -27.89 13.90
N GLN A 142 42.95 -27.79 14.26
CA GLN A 142 43.61 -28.73 15.15
C GLN A 142 43.47 -30.19 14.67
N TYR A 143 44.03 -30.49 13.49
CA TYR A 143 44.35 -31.88 13.19
C TYR A 143 45.02 -32.52 14.41
N TYR A 144 44.66 -33.76 14.71
CA TYR A 144 45.34 -34.51 15.76
C TYR A 144 45.21 -36.01 15.48
N GLY A 145 46.18 -36.77 15.99
CA GLY A 145 46.04 -38.23 16.00
C GLY A 145 46.02 -38.84 14.62
N MET A 146 46.79 -38.28 13.69
CA MET A 146 46.90 -38.75 12.32
C MET A 146 48.36 -38.85 11.90
N ALA A 147 48.54 -39.36 10.68
CA ALA A 147 49.86 -39.38 10.07
C ALA A 147 50.29 -37.96 9.77
N GLY A 148 51.55 -37.65 10.08
CA GLY A 148 52.06 -36.34 9.74
C GLY A 148 51.99 -36.06 8.26
N GLN A 149 52.31 -37.06 7.42
CA GLN A 149 52.27 -36.83 5.99
C GLN A 149 50.86 -36.55 5.52
N LEU A 150 49.88 -37.28 6.06
CA LEU A 150 48.50 -37.05 5.66
C LEU A 150 48.05 -35.64 6.02
N VAL A 151 48.46 -35.13 7.19
CA VAL A 151 48.02 -33.78 7.55
C VAL A 151 48.57 -32.76 6.56
N ALA A 152 49.83 -32.91 6.19
CA ALA A 152 50.40 -32.04 5.15
C ALA A 152 49.60 -32.17 3.86
N ASP A 153 49.33 -33.41 3.43
CA ASP A 153 48.66 -33.60 2.14
C ASP A 153 47.26 -32.99 2.16
N LEU A 154 46.60 -33.02 3.31
CA LEU A 154 45.27 -32.43 3.44
C LEU A 154 45.35 -30.91 3.37
N ASN A 155 46.34 -30.30 4.01
CA ASN A 155 46.54 -28.87 3.81
C ASN A 155 46.76 -28.55 2.34
N GLN A 156 47.62 -29.32 1.66
CA GLN A 156 47.90 -29.04 0.25
C GLN A 156 46.65 -29.19 -0.58
N ALA A 157 45.82 -30.21 -0.29
CA ALA A 157 44.58 -30.41 -1.04
C ALA A 157 43.60 -29.26 -0.81
N ALA A 158 43.61 -28.68 0.39
CA ALA A 158 42.79 -27.49 0.65
C ALA A 158 43.26 -26.30 -0.17
N ILE A 159 44.57 -26.04 -0.20
CA ILE A 159 45.11 -24.98 -1.06
C ILE A 159 44.70 -25.23 -2.51
N ASN A 160 44.90 -26.45 -3.01
CA ASN A 160 44.52 -26.76 -4.39
C ASN A 160 43.07 -26.39 -4.66
N GLY A 161 42.17 -26.80 -3.77
CA GLY A 161 40.76 -26.56 -3.99
C GLY A 161 40.40 -25.08 -3.91
N ILE A 162 40.99 -24.37 -2.96
CA ILE A 162 40.68 -22.95 -2.81
C ILE A 162 41.08 -22.18 -4.05
N ARG A 163 42.32 -22.41 -4.52
CA ARG A 163 42.77 -21.71 -5.73
C ARG A 163 42.00 -22.19 -6.96
N ALA A 164 41.73 -23.51 -7.05
CA ALA A 164 40.97 -24.04 -8.18
C ALA A 164 39.62 -23.35 -8.30
N ALA A 165 39.07 -22.89 -7.18
CA ALA A 165 37.80 -22.15 -7.17
C ALA A 165 37.96 -20.71 -7.63
N GLY A 166 39.18 -20.23 -7.87
CA GLY A 166 39.37 -18.86 -8.27
C GLY A 166 39.50 -17.88 -7.12
N ALA A 167 39.61 -18.38 -5.88
CA ALA A 167 39.90 -17.54 -4.72
C ALA A 167 41.41 -17.41 -4.66
N THR A 168 41.93 -16.30 -5.20
CA THR A 168 43.36 -16.08 -5.36
C THR A 168 43.93 -14.97 -4.47
N SER A 169 43.07 -14.11 -3.91
CA SER A 169 43.53 -13.00 -3.09
C SER A 169 43.70 -13.34 -1.62
N GLN A 170 43.14 -14.48 -1.18
CA GLN A 170 43.02 -14.79 0.24
C GLN A 170 44.22 -15.57 0.75
N TYR A 171 44.64 -15.27 1.98
CA TYR A 171 45.63 -16.10 2.65
C TYR A 171 44.99 -17.42 3.07
N VAL A 172 45.75 -18.49 2.98
CA VAL A 172 45.30 -19.81 3.43
C VAL A 172 46.07 -20.16 4.69
N ASN A 173 45.35 -20.27 5.80
CA ASN A 173 45.95 -20.72 7.05
C ASN A 173 46.07 -22.25 7.02
N VAL A 174 47.29 -22.75 7.13
CA VAL A 174 47.54 -24.18 7.16
C VAL A 174 47.85 -24.57 8.62
N GLU A 175 47.24 -25.64 9.11
CA GLU A 175 47.39 -26.03 10.51
C GLU A 175 48.08 -27.38 10.61
N GLY A 176 48.92 -27.53 11.61
CA GLY A 176 49.63 -28.78 11.78
C GLY A 176 48.81 -29.83 12.50
N ASN A 177 49.40 -31.04 12.53
CA ASN A 177 48.98 -32.15 13.38
C ASN A 177 49.16 -31.77 14.86
N SER A 178 48.82 -32.68 15.77
CA SER A 178 48.97 -32.47 17.22
C SER A 178 48.42 -31.12 17.68
N TYR A 179 47.17 -30.85 17.29
CA TYR A 179 46.49 -29.62 17.68
C TYR A 179 47.29 -28.39 17.27
N THR A 180 48.09 -28.53 16.20
CA THR A 180 48.95 -27.49 15.64
C THR A 180 49.62 -26.66 16.75
N GLY A 181 50.16 -27.33 17.76
CA GLY A 181 50.74 -26.63 18.89
C GLY A 181 52.09 -26.01 18.51
N ALA A 182 52.28 -24.74 18.87
CA ALA A 182 53.54 -24.11 18.51
C ALA A 182 54.69 -24.75 19.28
N TRP A 183 54.48 -25.03 20.58
CA TRP A 183 55.57 -25.51 21.41
C TRP A 183 56.09 -26.88 20.98
N THR A 184 55.28 -27.67 20.26
CA THR A 184 55.66 -29.02 19.86
C THR A 184 55.86 -29.12 18.35
N TRP A 185 56.00 -28.00 17.66
CA TRP A 185 56.09 -28.03 16.20
C TRP A 185 57.16 -29.01 15.74
N THR A 186 58.31 -29.00 16.40
CA THR A 186 59.47 -29.78 15.99
C THR A 186 59.64 -31.07 16.77
N THR A 187 58.73 -31.37 17.70
CA THR A 187 58.88 -32.54 18.54
C THR A 187 57.72 -33.52 18.44
N ALA A 188 56.47 -33.05 18.42
CA ALA A 188 55.35 -33.99 18.45
C ALA A 188 55.36 -34.81 17.18
N GLU A 189 55.03 -36.09 17.30
CA GLU A 189 55.15 -37.05 16.21
C GLU A 189 53.77 -37.56 15.81
N GLY A 190 53.55 -37.69 14.51
CA GLY A 190 52.31 -38.23 14.00
C GLY A 190 52.29 -39.73 14.06
N THR A 191 51.13 -40.28 13.69
CA THR A 191 50.96 -41.72 13.69
C THR A 191 51.95 -42.42 12.77
N ASP A 192 52.60 -41.68 11.88
CA ASP A 192 53.67 -42.21 11.03
C ASP A 192 55.05 -41.88 11.57
N GLY A 193 55.14 -41.23 12.74
CA GLY A 193 56.41 -40.86 13.33
C GLY A 193 56.99 -39.53 12.90
N LEU A 194 56.26 -38.76 12.09
CA LEU A 194 56.78 -37.52 11.54
C LEU A 194 56.24 -36.32 12.32
N THR A 195 57.09 -35.31 12.46
CA THR A 195 56.70 -34.07 13.12
C THR A 195 56.13 -33.07 12.12
N ASN A 196 55.56 -31.99 12.65
CA ASN A 196 55.07 -30.92 11.80
C ASN A 196 56.23 -30.28 11.05
N ALA A 197 57.36 -30.09 11.73
CA ALA A 197 58.52 -29.50 11.06
C ALA A 197 58.99 -30.39 9.91
N GLN A 198 58.79 -31.70 10.03
CA GLN A 198 59.24 -32.65 9.01
C GLN A 198 58.33 -32.71 7.80
N THR A 199 57.07 -32.31 7.92
CA THR A 199 56.08 -32.51 6.87
C THR A 199 55.43 -31.24 6.34
N MET A 200 55.37 -30.17 7.12
CA MET A 200 54.63 -28.96 6.81
C MET A 200 55.41 -27.96 5.94
N GLY A 201 56.72 -28.14 5.80
CA GLY A 201 57.53 -27.12 5.16
C GLY A 201 57.32 -27.02 3.67
N ASN A 202 57.12 -28.15 2.99
CA ASN A 202 57.14 -28.15 1.53
C ASN A 202 55.79 -27.76 0.91
N LEU A 203 54.83 -27.28 1.69
CA LEU A 203 53.57 -26.84 1.10
C LEU A 203 53.81 -25.74 0.07
N THR A 204 53.18 -25.88 -1.10
CA THR A 204 53.27 -24.89 -2.16
C THR A 204 51.91 -24.27 -2.45
N ASP A 205 51.92 -23.03 -2.91
CA ASP A 205 50.73 -22.25 -3.19
C ASP A 205 50.95 -21.43 -4.46
N PRO A 206 50.15 -21.64 -5.51
CA PRO A 206 50.34 -20.83 -6.74
C PRO A 206 50.21 -19.33 -6.52
N GLU A 207 49.56 -18.87 -5.45
CA GLU A 207 49.51 -17.44 -5.10
C GLU A 207 50.51 -17.07 -4.01
N ASP A 208 51.28 -18.03 -3.50
CA ASP A 208 52.32 -17.78 -2.50
C ASP A 208 51.81 -16.92 -1.33
N LYS A 209 50.63 -17.27 -0.81
CA LYS A 209 50.03 -16.64 0.36
C LYS A 209 49.65 -17.69 1.41
N ILE A 210 50.63 -18.50 1.82
CA ILE A 210 50.42 -19.48 2.88
C ILE A 210 50.76 -18.84 4.23
N LEU A 211 49.86 -18.99 5.20
CA LEU A 211 50.08 -18.54 6.58
C LEU A 211 50.09 -19.78 7.46
N TYR A 212 51.24 -20.06 8.06
CA TYR A 212 51.30 -21.17 9.02
C TYR A 212 50.55 -20.79 10.29
N HIS A 213 49.65 -21.65 10.72
CA HIS A 213 48.65 -21.33 11.74
C HIS A 213 48.88 -22.23 12.94
N MET A 214 49.32 -21.65 14.06
CA MET A 214 49.77 -22.38 15.23
C MET A 214 48.99 -21.89 16.45
N HIS A 215 48.83 -22.78 17.44
CA HIS A 215 48.08 -22.50 18.65
C HIS A 215 48.99 -22.71 19.85
N GLN A 216 48.72 -21.96 20.93
CA GLN A 216 49.57 -22.05 22.11
C GLN A 216 48.81 -21.71 23.38
N TYR A 217 48.64 -22.69 24.25
CA TYR A 217 48.09 -22.46 25.57
C TYR A 217 49.21 -22.53 26.59
N LEU A 218 48.90 -22.12 27.81
CA LEU A 218 49.93 -21.79 28.79
C LEU A 218 49.90 -22.67 30.03
N ASP A 219 48.99 -23.64 30.11
CA ASP A 219 48.99 -24.56 31.24
C ASP A 219 49.95 -25.71 30.96
N SER A 220 50.13 -26.57 31.97
CA SER A 220 51.08 -27.67 31.92
C SER A 220 51.09 -28.41 30.58
N ASP A 221 49.95 -28.97 30.19
CA ASP A 221 49.92 -29.78 28.98
C ASP A 221 49.55 -28.97 27.73
N GLY A 222 49.56 -27.65 27.81
CA GLY A 222 49.28 -26.84 26.64
C GLY A 222 47.91 -27.09 26.07
N SER A 223 46.97 -27.54 26.89
CA SER A 223 45.62 -27.84 26.44
C SER A 223 44.62 -26.73 26.74
N GLY A 224 44.96 -25.80 27.63
CA GLY A 224 43.99 -24.82 28.08
C GLY A 224 42.92 -25.34 29.02
N THR A 225 43.12 -26.53 29.61
CA THR A 225 42.15 -27.07 30.56
C THR A 225 42.22 -26.36 31.90
N SER A 226 43.42 -26.03 32.35
CA SER A 226 43.63 -25.45 33.66
C SER A 226 43.70 -23.93 33.60
N SER A 227 43.21 -23.28 34.65
CA SER A 227 43.32 -21.83 34.80
C SER A 227 44.68 -21.39 35.33
N THR A 228 45.62 -22.32 35.49
CA THR A 228 46.95 -22.06 36.03
C THR A 228 47.98 -22.10 34.91
N CYS A 229 48.58 -20.95 34.64
CA CYS A 229 49.67 -20.89 33.68
C CYS A 229 50.97 -21.31 34.36
N VAL A 230 51.87 -21.95 33.60
CA VAL A 230 53.04 -22.55 34.24
C VAL A 230 53.91 -21.50 34.91
N ASN A 231 54.25 -20.43 34.19
CA ASN A 231 55.00 -19.34 34.81
C ASN A 231 54.91 -18.12 33.91
N SER A 232 55.48 -17.01 34.38
CA SER A 232 55.30 -15.74 33.71
C SER A 232 55.95 -15.68 32.33
N THR A 233 56.83 -16.63 31.98
CA THR A 233 57.49 -16.59 30.68
C THR A 233 57.15 -17.80 29.80
N ILE A 234 56.19 -18.63 30.21
CA ILE A 234 55.95 -19.90 29.53
C ILE A 234 55.49 -19.69 28.09
N GLY A 235 54.82 -18.57 27.81
CA GLY A 235 54.34 -18.30 26.46
C GLY A 235 55.47 -18.03 25.47
N ALA A 236 56.27 -16.99 25.73
CA ALA A 236 57.34 -16.64 24.82
C ALA A 236 58.33 -17.78 24.64
N THR A 237 58.72 -18.42 25.75
CA THR A 237 59.63 -19.54 25.63
C THR A 237 59.03 -20.68 24.81
N ARG A 238 57.70 -20.85 24.82
CA ARG A 238 57.11 -21.94 24.03
C ARG A 238 57.05 -21.63 22.53
N LEU A 239 57.19 -20.37 22.14
CA LEU A 239 57.19 -20.06 20.72
C LEU A 239 58.58 -20.13 20.09
N MET A 240 59.64 -20.36 20.88
CA MET A 240 61.00 -20.18 20.34
C MET A 240 61.33 -21.22 19.26
N ASP A 241 61.11 -22.50 19.54
CA ASP A 241 61.42 -23.53 18.55
C ASP A 241 60.72 -23.24 17.22
N ALA A 242 59.41 -22.98 17.29
CA ALA A 242 58.64 -22.65 16.08
C ALA A 242 59.21 -21.43 15.38
N THR A 243 59.62 -20.42 16.15
CA THR A 243 60.15 -19.21 15.54
C THR A 243 61.42 -19.51 14.74
N ALA A 244 62.35 -20.25 15.34
CA ALA A 244 63.55 -20.67 14.60
C ALA A 244 63.17 -21.38 13.31
N TRP A 245 62.29 -22.40 13.41
CA TRP A 245 61.86 -23.13 12.21
C TRP A 245 61.29 -22.20 11.14
N LEU A 246 60.44 -21.26 11.54
CA LEU A 246 59.87 -20.32 10.58
C LEU A 246 60.96 -19.53 9.86
N LYS A 247 61.88 -18.94 10.63
CA LYS A 247 62.98 -18.20 10.03
C LYS A 247 63.81 -19.09 9.12
N SER A 248 64.20 -20.26 9.63
CA SER A 248 65.01 -21.20 8.88
C SER A 248 64.42 -21.49 7.50
N ASN A 249 63.10 -21.68 7.44
CA ASN A 249 62.44 -22.10 6.21
C ASN A 249 61.73 -20.94 5.51
N ASN A 250 62.02 -19.70 5.91
CA ASN A 250 61.43 -18.53 5.26
C ASN A 250 59.92 -18.67 5.11
N LYS A 251 59.28 -18.95 6.24
CA LYS A 251 57.83 -19.03 6.33
C LYS A 251 57.34 -17.93 7.26
N ILE A 252 56.06 -17.59 7.14
CA ILE A 252 55.38 -16.70 8.07
C ILE A 252 54.20 -17.46 8.69
N ALA A 253 53.81 -17.00 9.88
CA ALA A 253 52.85 -17.72 10.72
C ALA A 253 51.92 -16.74 11.41
N ILE A 254 50.89 -17.29 12.03
CA ILE A 254 49.96 -16.52 12.86
C ILE A 254 49.55 -17.41 14.04
N LEU A 255 49.35 -16.80 15.21
CA LEU A 255 48.95 -17.53 16.42
C LEU A 255 47.43 -17.53 16.51
N GLY A 256 46.78 -18.56 15.94
CA GLY A 256 45.33 -18.61 15.78
C GLY A 256 44.54 -18.83 17.05
N GLN A 257 45.16 -19.38 18.10
CA GLN A 257 44.49 -19.56 19.38
C GLN A 257 45.51 -19.38 20.48
N TYR A 258 45.12 -18.64 21.51
CA TYR A 258 45.87 -18.60 22.76
C TYR A 258 44.96 -18.00 23.82
N ALA A 259 45.31 -18.23 25.09
CA ALA A 259 44.51 -17.67 26.16
C ALA A 259 45.22 -17.89 27.48
N GLY A 260 44.81 -17.09 28.45
CA GLY A 260 45.16 -17.31 29.84
C GLY A 260 44.00 -16.83 30.67
N ALA A 261 43.92 -17.33 31.91
CA ALA A 261 42.84 -17.01 32.82
C ALA A 261 43.12 -15.70 33.55
N VAL A 262 42.16 -15.28 34.39
CA VAL A 262 42.29 -14.04 35.13
C VAL A 262 43.09 -14.30 36.40
N ASN A 263 44.41 -14.18 36.29
CA ASN A 263 45.34 -14.14 37.42
C ASN A 263 46.63 -13.52 36.90
N SER A 264 47.48 -13.10 37.85
CA SER A 264 48.62 -12.24 37.49
C SER A 264 49.70 -12.99 36.72
N VAL A 265 49.85 -14.30 36.97
CA VAL A 265 50.86 -15.06 36.24
C VAL A 265 50.42 -15.30 34.80
N CYS A 266 49.15 -15.64 34.58
CA CYS A 266 48.67 -15.81 33.20
C CYS A 266 48.77 -14.51 32.42
N GLU A 267 48.43 -13.39 33.07
CA GLU A 267 48.46 -12.08 32.40
C GLU A 267 49.87 -11.73 31.95
N GLU A 268 50.85 -11.85 32.84
CA GLU A 268 52.23 -11.59 32.47
C GLU A 268 52.68 -12.50 31.33
N ALA A 269 52.37 -13.79 31.43
CA ALA A 269 52.79 -14.74 30.42
C ALA A 269 52.19 -14.41 29.06
N VAL A 270 50.93 -13.96 29.05
CA VAL A 270 50.30 -13.55 27.79
C VAL A 270 50.98 -12.30 27.25
N GLU A 271 51.11 -11.26 28.10
CA GLU A 271 51.80 -10.03 27.69
C GLU A 271 53.18 -10.35 27.13
N GLY A 272 53.93 -11.20 27.84
CA GLY A 272 55.26 -11.57 27.37
C GLY A 272 55.22 -12.28 26.02
N MET A 273 54.23 -13.15 25.82
CA MET A 273 54.26 -13.91 24.57
C MET A 273 53.89 -12.99 23.42
N LEU A 274 52.91 -12.11 23.63
CA LEU A 274 52.59 -11.11 22.61
C LEU A 274 53.76 -10.16 22.35
N ASP A 275 54.45 -9.70 23.42
CA ASP A 275 55.65 -8.89 23.20
C ASP A 275 56.63 -9.62 22.29
N TYR A 276 56.76 -10.93 22.47
CA TYR A 276 57.71 -11.72 21.70
C TYR A 276 57.32 -11.78 20.23
N ILE A 277 56.04 -12.02 19.95
CA ILE A 277 55.57 -11.99 18.57
C ILE A 277 55.96 -10.68 17.92
N ASP A 278 55.89 -9.60 18.69
CA ASP A 278 56.26 -8.28 18.19
C ASP A 278 57.74 -8.21 17.88
N GLU A 279 58.59 -8.64 18.82
CA GLU A 279 60.02 -8.62 18.54
C GLU A 279 60.41 -9.53 17.39
N ASN A 280 59.61 -10.57 17.11
CA ASN A 280 59.86 -11.48 15.98
C ASN A 280 58.80 -11.36 14.91
N SER A 281 58.27 -10.14 14.70
CA SER A 281 57.20 -9.93 13.73
C SER A 281 57.67 -10.06 12.29
N ASP A 282 58.92 -10.45 12.03
CA ASP A 282 59.28 -10.84 10.69
C ASP A 282 58.79 -12.23 10.31
N VAL A 283 58.46 -13.08 11.31
CA VAL A 283 57.89 -14.40 11.04
C VAL A 283 56.49 -14.53 11.62
N TRP A 284 56.18 -13.79 12.69
CA TRP A 284 54.86 -13.81 13.31
C TRP A 284 54.06 -12.60 12.84
N THR A 285 52.85 -12.84 12.34
CA THR A 285 52.02 -11.79 11.76
C THR A 285 50.96 -11.24 12.71
N GLY A 286 50.72 -11.91 13.84
CA GLY A 286 49.68 -11.47 14.74
C GLY A 286 49.16 -12.65 15.53
N ALA A 287 48.04 -12.43 16.22
CA ALA A 287 47.54 -13.42 17.17
C ALA A 287 46.05 -13.22 17.37
N ILE A 288 45.35 -14.32 17.66
CA ILE A 288 43.90 -14.34 17.78
C ILE A 288 43.50 -15.02 19.09
N TRP A 289 42.82 -14.29 19.96
CA TRP A 289 42.50 -14.80 21.29
C TRP A 289 41.44 -15.90 21.21
N TRP A 290 41.56 -16.90 22.06
CA TRP A 290 40.50 -17.87 22.23
C TRP A 290 39.87 -17.64 23.58
N ALA A 291 38.64 -17.14 23.60
CA ALA A 291 37.86 -16.85 22.43
C ALA A 291 36.68 -15.98 22.83
N ALA A 292 36.04 -15.40 21.81
CA ALA A 292 34.78 -14.67 21.92
C ALA A 292 33.64 -15.56 21.45
N GLY A 293 32.42 -15.02 21.54
CA GLY A 293 31.23 -15.77 21.20
C GLY A 293 30.12 -15.47 22.19
N PRO A 294 28.86 -15.59 21.77
CA PRO A 294 27.74 -15.12 22.59
C PRO A 294 27.19 -16.12 23.57
N TRP A 295 27.67 -17.37 23.57
CA TRP A 295 27.11 -18.46 24.36
C TRP A 295 28.12 -19.05 25.32
N TRP A 296 29.13 -18.28 25.71
CA TRP A 296 30.19 -18.80 26.56
C TRP A 296 29.85 -18.74 28.04
N GLY A 297 28.92 -17.89 28.44
CA GLY A 297 28.64 -17.78 29.87
C GLY A 297 29.87 -17.35 30.64
N ASP A 298 30.18 -18.06 31.73
CA ASP A 298 31.30 -17.70 32.59
C ASP A 298 32.56 -18.49 32.26
N TYR A 299 32.67 -18.97 31.02
CA TYR A 299 33.90 -19.58 30.53
C TYR A 299 35.09 -18.70 30.89
N MET A 300 36.15 -19.33 31.40
CA MET A 300 37.24 -18.57 32.02
C MET A 300 38.12 -17.88 30.99
N PHE A 301 38.04 -18.28 29.71
CA PHE A 301 38.77 -17.64 28.63
C PHE A 301 37.92 -16.71 27.77
N SER A 302 36.67 -16.48 28.15
CA SER A 302 35.78 -15.73 27.28
C SER A 302 36.05 -14.22 27.36
N VAL A 303 36.19 -13.58 26.21
CA VAL A 303 36.30 -12.12 26.14
C VAL A 303 35.09 -11.49 25.47
N GLU A 304 33.98 -12.22 25.36
CA GLU A 304 32.76 -11.61 24.89
C GLU A 304 32.45 -10.39 25.76
N PRO A 305 32.09 -9.25 25.18
CA PRO A 305 32.05 -8.01 25.96
C PRO A 305 31.03 -7.98 27.08
N ASP A 306 29.78 -8.42 26.85
CA ASP A 306 28.80 -8.17 27.89
C ASP A 306 28.94 -9.09 29.10
N ASN A 307 29.56 -10.28 28.97
CA ASN A 307 29.62 -11.19 30.11
C ASN A 307 30.85 -12.10 30.12
N GLY A 308 31.80 -11.94 29.20
CA GLY A 308 33.02 -12.72 29.24
C GLY A 308 33.87 -12.35 30.45
N PRO A 309 34.15 -13.33 31.31
CA PRO A 309 34.94 -13.04 32.52
C PRO A 309 36.34 -12.54 32.23
N ALA A 310 36.88 -12.82 31.04
CA ALA A 310 38.23 -12.41 30.70
C ALA A 310 38.27 -11.08 29.96
N TYR A 311 37.11 -10.49 29.65
CA TYR A 311 37.07 -9.30 28.79
C TYR A 311 37.87 -8.15 29.39
N SER A 312 37.49 -7.71 30.61
CA SER A 312 38.09 -6.50 31.16
C SER A 312 39.61 -6.62 31.25
N THR A 313 40.13 -7.84 31.45
CA THR A 313 41.56 -8.03 31.65
C THR A 313 42.31 -8.12 30.33
N TYR A 314 41.79 -8.87 29.36
CA TYR A 314 42.58 -9.18 28.19
C TYR A 314 42.20 -8.37 26.97
N ASP A 315 41.00 -7.80 26.92
CA ASP A 315 40.71 -6.87 25.83
C ASP A 315 41.77 -5.80 25.69
N PRO A 316 42.20 -5.10 26.75
CA PRO A 316 43.24 -4.08 26.58
C PRO A 316 44.57 -4.66 26.15
N ILE A 317 44.89 -5.87 26.60
CA ILE A 317 46.14 -6.52 26.24
C ILE A 317 46.15 -6.87 24.74
N ILE A 318 45.05 -7.43 24.23
CA ILE A 318 44.98 -7.75 22.80
C ILE A 318 45.20 -6.48 21.96
N LEU A 319 44.54 -5.38 22.33
CA LEU A 319 44.75 -4.11 21.63
C LEU A 319 46.21 -3.66 21.71
N GLU A 320 46.98 -4.24 22.62
CA GLU A 320 48.40 -3.97 22.81
C GLU A 320 48.59 -2.69 23.60
N ARG B 14 -48.09 -3.74 -14.02
CA ARG B 14 -46.80 -4.37 -13.74
C ARG B 14 -46.05 -4.74 -15.01
N PHE B 15 -44.92 -4.09 -15.21
CA PHE B 15 -44.02 -4.36 -16.31
C PHE B 15 -42.71 -4.90 -15.76
N ALA B 16 -42.15 -5.89 -16.45
CA ALA B 16 -40.88 -6.48 -16.05
C ALA B 16 -40.21 -6.96 -17.32
N GLY B 17 -39.03 -6.43 -17.62
CA GLY B 17 -38.32 -6.83 -18.81
C GLY B 17 -36.95 -6.19 -18.93
N VAL B 18 -36.48 -6.04 -20.17
CA VAL B 18 -35.10 -5.68 -20.41
C VAL B 18 -35.03 -4.56 -21.43
N ASN B 19 -33.93 -3.82 -21.38
CA ASN B 19 -33.56 -2.93 -22.46
C ASN B 19 -32.93 -3.71 -23.60
N GLU B 20 -33.26 -3.32 -24.83
CA GLU B 20 -32.55 -3.79 -26.02
C GLU B 20 -31.71 -2.62 -26.54
N SER B 21 -30.39 -2.81 -26.56
CA SER B 21 -29.45 -1.75 -26.86
C SER B 21 -28.51 -2.26 -27.95
N GLY B 22 -28.31 -1.45 -28.99
CA GLY B 22 -27.50 -1.85 -30.11
C GLY B 22 -27.76 -1.05 -31.38
N ALA B 23 -29.01 -0.64 -31.58
CA ALA B 23 -29.34 0.18 -32.74
C ALA B 23 -28.87 1.62 -32.58
N GLU B 24 -28.48 2.01 -31.36
CA GLU B 24 -27.90 3.31 -31.07
C GLU B 24 -26.39 3.26 -30.97
N PHE B 25 -25.78 2.07 -31.08
CA PHE B 25 -24.33 1.93 -30.95
C PHE B 25 -23.60 2.80 -31.99
N GLY B 26 -22.33 3.08 -31.71
CA GLY B 26 -21.47 3.79 -32.64
C GLY B 26 -22.07 5.12 -33.03
N SER B 27 -22.53 5.87 -32.02
CA SER B 27 -23.21 7.14 -32.19
C SER B 27 -22.33 8.23 -32.78
N ASP B 28 -21.04 7.95 -32.99
CA ASP B 28 -20.16 8.93 -33.60
C ASP B 28 -20.19 8.88 -35.12
N ASN B 29 -20.78 7.83 -35.69
CA ASN B 29 -20.97 7.68 -37.13
C ASN B 29 -22.47 7.79 -37.42
N ILE B 30 -22.87 8.97 -37.86
CA ILE B 30 -24.24 9.27 -38.26
C ILE B 30 -24.18 9.60 -39.75
N PRO B 31 -24.92 8.89 -40.62
CA PRO B 31 -25.85 7.80 -40.28
C PRO B 31 -25.20 6.52 -39.74
N GLY B 32 -23.92 6.28 -40.04
CA GLY B 32 -23.32 5.00 -39.71
C GLY B 32 -23.81 3.90 -40.62
N VAL B 33 -23.18 2.72 -40.54
CA VAL B 33 -23.52 1.59 -41.41
C VAL B 33 -24.07 0.46 -40.57
N TYR B 34 -25.28 0.00 -40.90
CA TYR B 34 -25.83 -1.19 -40.28
C TYR B 34 -24.88 -2.37 -40.45
N GLY B 35 -24.69 -3.12 -39.36
CA GLY B 35 -23.79 -4.26 -39.35
C GLY B 35 -22.35 -3.92 -39.07
N THR B 36 -21.98 -2.64 -39.21
CA THR B 36 -20.68 -2.16 -38.76
C THR B 36 -20.81 -1.32 -37.49
N ASP B 37 -21.57 -0.22 -37.54
CA ASP B 37 -21.65 0.72 -36.42
C ASP B 37 -22.75 0.37 -35.41
N TYR B 38 -23.84 -0.22 -35.86
CA TYR B 38 -24.96 -0.57 -35.00
C TYR B 38 -25.62 -1.82 -35.57
N THR B 39 -26.56 -2.37 -34.81
CA THR B 39 -27.30 -3.56 -35.19
C THR B 39 -28.70 -3.45 -34.62
N TRP B 40 -29.60 -4.31 -35.12
CA TRP B 40 -30.90 -4.48 -34.50
C TRP B 40 -30.89 -5.77 -33.67
N TYR B 41 -32.03 -6.17 -33.14
CA TYR B 41 -32.06 -7.07 -31.98
C TYR B 41 -32.39 -8.52 -32.35
N ASN B 42 -32.01 -9.42 -31.44
CA ASN B 42 -32.12 -10.86 -31.65
C ASN B 42 -33.53 -11.27 -31.23
N THR B 43 -34.43 -11.40 -32.21
CA THR B 43 -35.81 -11.75 -31.90
C THR B 43 -35.91 -13.09 -31.20
N THR B 44 -35.01 -14.04 -31.53
CA THR B 44 -35.06 -15.36 -30.93
C THR B 44 -34.79 -15.27 -29.43
N ALA B 45 -33.82 -14.44 -29.05
CA ALA B 45 -33.55 -14.20 -27.63
C ALA B 45 -34.71 -13.51 -26.96
N MET B 46 -35.35 -12.54 -27.63
CA MET B 46 -36.49 -11.86 -27.02
C MET B 46 -37.69 -12.79 -26.88
N GLY B 47 -37.91 -13.66 -27.87
CA GLY B 47 -38.93 -14.68 -27.71
C GLY B 47 -38.71 -15.54 -26.49
N GLU B 48 -37.45 -15.93 -26.25
CA GLU B 48 -37.10 -16.65 -25.03
C GLU B 48 -37.50 -15.87 -23.79
N PHE B 49 -37.07 -14.60 -23.71
CA PHE B 49 -37.45 -13.75 -22.58
C PHE B 49 -38.97 -13.68 -22.43
N ILE B 50 -39.69 -13.64 -23.56
CA ILE B 50 -41.15 -13.55 -23.49
C ILE B 50 -41.75 -14.85 -22.96
N SER B 51 -41.26 -16.00 -23.43
CA SER B 51 -41.80 -17.26 -22.94
C SER B 51 -41.49 -17.49 -21.47
N GLN B 52 -40.41 -16.90 -20.94
CA GLN B 52 -40.17 -16.93 -19.50
C GLN B 52 -41.12 -16.04 -18.72
N GLY B 53 -41.80 -15.10 -19.37
CA GLY B 53 -42.73 -14.23 -18.66
C GLY B 53 -42.39 -12.73 -18.67
N MET B 54 -41.28 -12.30 -19.26
CA MET B 54 -41.02 -10.86 -19.38
C MET B 54 -41.96 -10.22 -20.40
N ASN B 55 -42.46 -9.02 -20.07
CA ASN B 55 -43.52 -8.41 -20.88
C ASN B 55 -43.22 -6.98 -21.32
N ILE B 56 -41.98 -6.51 -21.25
CA ILE B 56 -41.66 -5.18 -21.80
C ILE B 56 -40.23 -5.17 -22.30
N PHE B 57 -40.03 -4.53 -23.45
CA PHE B 57 -38.73 -4.43 -24.09
C PHE B 57 -38.53 -2.99 -24.51
N ARG B 58 -37.51 -2.35 -23.96
CA ARG B 58 -37.22 -0.94 -24.24
C ARG B 58 -36.23 -0.91 -25.39
N LEU B 59 -36.72 -0.58 -26.59
CA LEU B 59 -35.92 -0.63 -27.81
C LEU B 59 -35.23 0.72 -28.02
N ASN B 60 -33.90 0.74 -27.90
CA ASN B 60 -33.12 1.97 -28.02
C ASN B 60 -32.72 2.21 -29.47
N LEU B 61 -32.71 3.49 -29.86
CA LEU B 61 -32.34 3.88 -31.22
C LEU B 61 -31.79 5.31 -31.17
N LEU B 62 -31.42 5.84 -32.34
CA LEU B 62 -30.96 7.22 -32.46
C LEU B 62 -31.97 8.04 -33.28
N MET B 63 -32.35 9.21 -32.76
CA MET B 63 -33.26 10.05 -33.52
C MET B 63 -32.76 10.23 -34.93
N GLU B 64 -31.46 10.50 -35.09
CA GLU B 64 -30.94 10.93 -36.38
C GLU B 64 -30.91 9.81 -37.39
N ARG B 65 -31.00 8.55 -36.96
CA ARG B 65 -31.05 7.42 -37.88
C ARG B 65 -32.47 7.08 -38.29
N LEU B 66 -33.45 7.50 -37.49
CA LEU B 66 -34.85 7.32 -37.81
C LEU B 66 -35.41 8.51 -38.57
N VAL B 67 -35.01 9.72 -38.18
CA VAL B 67 -35.42 10.97 -38.83
C VAL B 67 -34.19 11.83 -39.10
N PRO B 68 -33.53 11.65 -40.24
CA PRO B 68 -32.26 12.34 -40.50
C PRO B 68 -32.44 13.82 -40.86
N ASN B 69 -31.35 14.55 -40.70
CA ASN B 69 -31.16 15.92 -41.17
C ASN B 69 -31.96 16.95 -40.38
N THR B 70 -33.28 16.87 -40.43
CA THR B 70 -34.13 17.79 -39.68
C THR B 70 -35.26 17.00 -39.05
N MET B 71 -35.72 17.50 -37.91
CA MET B 71 -36.66 16.78 -37.07
C MET B 71 -38.05 16.77 -37.73
N THR B 72 -38.27 17.66 -38.71
CA THR B 72 -39.52 17.71 -39.43
C THR B 72 -39.49 16.89 -40.72
N GLY B 73 -38.40 16.15 -40.94
CA GLY B 73 -38.21 15.44 -42.19
C GLY B 73 -38.92 14.11 -42.22
N PRO B 74 -38.82 13.44 -43.37
CA PRO B 74 -39.28 12.04 -43.47
C PRO B 74 -38.38 11.09 -42.70
N MET B 75 -38.89 9.89 -42.49
CA MET B 75 -38.13 8.85 -41.82
C MET B 75 -37.21 8.15 -42.80
N ASN B 76 -36.19 7.48 -42.28
CA ASN B 76 -35.37 6.59 -43.11
C ASN B 76 -36.05 5.22 -43.18
N ALA B 77 -36.36 4.79 -44.40
CA ALA B 77 -37.15 3.58 -44.58
C ALA B 77 -36.48 2.37 -43.95
N ASP B 78 -35.16 2.23 -44.14
CA ASP B 78 -34.46 1.01 -43.70
C ASP B 78 -34.41 0.92 -42.18
N TYR B 79 -34.13 2.04 -41.52
CA TYR B 79 -34.06 2.05 -40.06
C TYR B 79 -35.45 1.89 -39.46
N LEU B 80 -36.43 2.62 -39.99
CA LEU B 80 -37.81 2.43 -39.59
C LEU B 80 -38.28 1.00 -39.84
N GLY B 81 -37.95 0.43 -41.01
CA GLY B 81 -38.36 -0.95 -41.29
C GLY B 81 -37.85 -1.94 -40.25
N ASN B 82 -36.60 -1.76 -39.81
CA ASN B 82 -36.03 -2.66 -38.80
C ASN B 82 -36.67 -2.44 -37.43
N LEU B 83 -36.85 -1.17 -37.03
CA LEU B 83 -37.57 -0.90 -35.78
C LEU B 83 -38.94 -1.55 -35.79
N THR B 84 -39.66 -1.39 -36.90
CA THR B 84 -41.01 -1.93 -37.01
C THR B 84 -41.00 -3.46 -36.90
N LYS B 85 -39.97 -4.10 -37.46
CA LYS B 85 -39.82 -5.55 -37.35
C LYS B 85 -39.74 -5.98 -35.89
N ASP B 86 -38.79 -5.40 -35.15
CA ASP B 86 -38.58 -5.76 -33.76
C ASP B 86 -39.79 -5.41 -32.90
N VAL B 87 -40.33 -4.19 -33.06
CA VAL B 87 -41.56 -3.84 -32.35
C VAL B 87 -42.63 -4.90 -32.61
N ASN B 88 -42.89 -5.21 -33.88
CA ASN B 88 -44.01 -6.09 -34.18
C ASN B 88 -43.79 -7.49 -33.64
N TYR B 89 -42.55 -7.99 -33.67
CA TYR B 89 -42.24 -9.28 -33.07
C TYR B 89 -42.62 -9.28 -31.58
N VAL B 90 -42.34 -8.18 -30.88
CA VAL B 90 -42.60 -8.15 -29.45
C VAL B 90 -44.10 -8.04 -29.18
N THR B 91 -44.77 -7.11 -29.86
CA THR B 91 -46.18 -6.89 -29.58
C THR B 91 -47.04 -8.02 -30.13
N ASP B 92 -46.62 -8.66 -31.23
CA ASP B 92 -47.40 -9.78 -31.74
C ASP B 92 -47.44 -10.95 -30.76
N LYS B 93 -46.50 -11.00 -29.82
CA LYS B 93 -46.53 -11.98 -28.72
C LYS B 93 -47.04 -11.37 -27.43
N GLY B 94 -47.72 -10.23 -27.49
CA GLY B 94 -48.41 -9.70 -26.34
C GLY B 94 -47.57 -8.88 -25.38
N ALA B 95 -46.28 -8.72 -25.65
CA ALA B 95 -45.41 -7.92 -24.79
C ALA B 95 -45.32 -6.49 -25.28
N TYR B 96 -45.06 -5.57 -24.35
CA TYR B 96 -44.96 -4.15 -24.66
C TYR B 96 -43.62 -3.83 -25.33
N ALA B 97 -43.64 -2.87 -26.23
CA ALA B 97 -42.44 -2.44 -26.94
C ALA B 97 -42.31 -0.94 -26.73
N MET B 98 -41.29 -0.52 -25.96
CA MET B 98 -41.03 0.88 -25.72
C MET B 98 -40.08 1.40 -26.78
N ILE B 99 -40.48 2.46 -27.46
CA ILE B 99 -39.65 3.10 -28.49
C ILE B 99 -38.88 4.25 -27.84
N THR B 100 -37.56 4.13 -27.80
CA THR B 100 -36.73 5.05 -27.02
C THR B 100 -35.61 5.68 -27.84
N PRO B 101 -35.72 6.96 -28.20
CA PRO B 101 -34.58 7.65 -28.85
C PRO B 101 -33.49 7.90 -27.81
N HIS B 102 -32.33 7.29 -28.01
CA HIS B 102 -31.24 7.31 -27.03
C HIS B 102 -30.37 8.56 -27.22
N ASN B 103 -30.95 9.74 -26.96
CA ASN B 103 -30.36 10.97 -27.46
C ASN B 103 -30.02 12.04 -26.43
N TYR B 104 -30.38 11.85 -25.15
CA TYR B 104 -29.98 12.79 -24.11
C TYR B 104 -30.46 14.21 -24.40
N GLY B 105 -31.61 14.36 -25.07
CA GLY B 105 -32.12 15.68 -25.39
C GLY B 105 -31.35 16.43 -26.45
N ARG B 106 -30.57 15.73 -27.28
CA ARG B 106 -29.77 16.39 -28.29
C ARG B 106 -30.06 15.78 -29.64
N TYR B 107 -29.95 16.61 -30.66
CA TYR B 107 -30.15 16.22 -32.05
C TYR B 107 -28.94 16.68 -32.84
N TYR B 108 -28.23 15.74 -33.46
CA TYR B 108 -26.94 16.02 -34.08
C TYR B 108 -26.00 16.70 -33.07
N GLY B 109 -25.99 16.17 -31.85
CA GLY B 109 -25.09 16.63 -30.81
C GLY B 109 -25.51 17.90 -30.09
N ASN B 110 -26.54 18.60 -30.57
CA ASN B 110 -26.91 19.89 -30.01
C ASN B 110 -28.22 19.80 -29.25
N ILE B 111 -28.24 20.42 -28.07
CA ILE B 111 -29.39 20.39 -27.20
C ILE B 111 -30.61 20.91 -27.93
N ILE B 112 -31.73 20.20 -27.76
CA ILE B 112 -32.94 20.50 -28.54
C ILE B 112 -33.63 21.70 -27.91
N ASN B 113 -33.57 22.81 -28.61
CA ASN B 113 -34.17 24.07 -28.21
C ASN B 113 -35.55 24.29 -28.82
N SER B 114 -35.87 23.62 -29.91
CA SER B 114 -37.11 23.87 -30.64
C SER B 114 -38.13 22.84 -30.19
N THR B 115 -39.02 23.25 -29.28
CA THR B 115 -40.14 22.38 -28.94
C THR B 115 -41.01 22.11 -30.16
N SER B 116 -40.97 23.01 -31.15
CA SER B 116 -41.80 22.81 -32.34
C SER B 116 -41.27 21.67 -33.19
N ASP B 117 -39.95 21.61 -33.38
CA ASP B 117 -39.37 20.49 -34.10
C ASP B 117 -39.56 19.19 -33.33
N PHE B 118 -39.33 19.22 -32.01
CA PHE B 118 -39.47 18.01 -31.20
C PHE B 118 -40.88 17.43 -31.34
N GLU B 119 -41.89 18.28 -31.27
CA GLU B 119 -43.26 17.80 -31.46
C GLU B 119 -43.42 17.21 -32.85
N ALA B 120 -42.83 17.85 -33.86
CA ALA B 120 -42.95 17.32 -35.21
C ALA B 120 -42.28 15.95 -35.32
N PHE B 121 -41.10 15.80 -34.70
CA PHE B 121 -40.43 14.50 -34.74
C PHE B 121 -41.32 13.42 -34.13
N TRP B 122 -41.93 13.72 -32.99
CA TRP B 122 -42.71 12.70 -32.30
C TRP B 122 -44.03 12.42 -33.00
N LYS B 123 -44.63 13.44 -33.64
CA LYS B 123 -45.83 13.19 -34.43
C LYS B 123 -45.53 12.22 -35.56
N THR B 124 -44.37 12.38 -36.21
CA THR B 124 -43.98 11.52 -37.31
C THR B 124 -43.79 10.08 -36.83
N VAL B 125 -43.00 9.90 -35.76
CA VAL B 125 -42.72 8.57 -35.24
C VAL B 125 -44.01 7.93 -34.74
N ALA B 126 -44.81 8.67 -33.97
CA ALA B 126 -46.03 8.08 -33.41
C ALA B 126 -47.03 7.71 -34.49
N GLY B 127 -46.98 8.38 -35.65
CA GLY B 127 -47.84 7.99 -36.75
C GLY B 127 -47.51 6.60 -37.26
N ALA B 128 -46.23 6.25 -37.29
CA ALA B 128 -45.87 4.92 -37.79
C ALA B 128 -46.33 3.80 -36.88
N PHE B 129 -46.87 4.14 -35.70
CA PHE B 129 -47.25 3.15 -34.70
C PHE B 129 -48.58 3.47 -34.03
N LYS B 130 -49.40 4.33 -34.63
CA LYS B 130 -50.55 4.87 -33.91
C LYS B 130 -51.54 3.79 -33.49
N ASP B 131 -51.68 2.72 -34.28
CA ASP B 131 -52.68 1.69 -34.00
C ASP B 131 -52.16 0.53 -33.17
N ASN B 132 -50.86 0.50 -32.86
CA ASN B 132 -50.27 -0.58 -32.08
C ASN B 132 -50.39 -0.20 -30.61
N ASP B 133 -51.36 -0.79 -29.92
CA ASP B 133 -51.64 -0.37 -28.57
C ASP B 133 -50.80 -1.09 -27.52
N LEU B 134 -49.79 -1.83 -27.97
CA LEU B 134 -48.77 -2.40 -27.08
C LEU B 134 -47.44 -1.68 -27.19
N VAL B 135 -47.35 -0.63 -27.99
CA VAL B 135 -46.15 0.21 -28.03
C VAL B 135 -46.21 1.20 -26.89
N MET B 136 -45.06 1.52 -26.30
CA MET B 136 -44.96 2.74 -25.52
C MET B 136 -43.99 3.68 -26.21
N PHE B 137 -44.17 4.98 -25.97
CA PHE B 137 -43.26 5.99 -26.49
C PHE B 137 -42.50 6.61 -25.32
N ASP B 138 -41.20 6.81 -25.51
CA ASP B 138 -40.26 7.26 -24.48
C ASP B 138 -39.61 8.54 -25.00
N THR B 139 -40.03 9.70 -24.47
CA THR B 139 -39.78 10.96 -25.18
C THR B 139 -38.31 11.14 -25.55
N ASN B 140 -37.39 10.86 -24.62
CA ASN B 140 -35.97 10.87 -24.95
C ASN B 140 -35.27 10.24 -23.75
N ASN B 141 -34.17 9.54 -23.99
CA ASN B 141 -33.39 8.89 -22.93
C ASN B 141 -32.45 9.88 -22.25
N GLN B 142 -32.65 10.10 -20.95
CA GLN B 142 -31.68 10.76 -20.08
C GLN B 142 -31.28 12.16 -20.56
N TYR B 143 -32.26 13.07 -20.61
CA TYR B 143 -31.90 14.48 -20.70
C TYR B 143 -30.86 14.81 -19.64
N TYR B 144 -29.93 15.69 -19.97
CA TYR B 144 -28.98 16.15 -18.95
C TYR B 144 -28.43 17.51 -19.36
N GLY B 145 -27.91 18.23 -18.37
CA GLY B 145 -27.20 19.46 -18.66
C GLY B 145 -28.05 20.52 -19.31
N MET B 146 -29.33 20.58 -19.00
CA MET B 146 -30.29 21.44 -19.65
C MET B 146 -31.04 22.24 -18.60
N ALA B 147 -31.90 23.15 -19.06
CA ALA B 147 -32.79 23.83 -18.11
C ALA B 147 -33.93 22.89 -17.75
N GLY B 148 -34.21 22.79 -16.44
CA GLY B 148 -35.29 21.92 -16.03
C GLY B 148 -36.60 22.27 -16.70
N GLN B 149 -36.87 23.57 -16.86
CA GLN B 149 -38.09 23.97 -17.53
C GLN B 149 -38.11 23.49 -18.99
N LEU B 150 -36.95 23.53 -19.65
CA LEU B 150 -36.92 23.10 -21.05
C LEU B 150 -37.15 21.61 -21.16
N VAL B 151 -36.61 20.82 -20.22
CA VAL B 151 -36.85 19.38 -20.26
C VAL B 151 -38.34 19.09 -20.11
N ALA B 152 -39.02 19.82 -19.23
CA ALA B 152 -40.45 19.62 -19.07
C ALA B 152 -41.18 20.01 -20.34
N ASP B 153 -40.82 21.16 -20.92
CA ASP B 153 -41.45 21.61 -22.17
C ASP B 153 -41.26 20.60 -23.28
N LEU B 154 -40.09 19.97 -23.35
CA LEU B 154 -39.86 19.00 -24.43
C LEU B 154 -40.70 17.75 -24.22
N ASN B 155 -40.88 17.33 -22.98
CA ASN B 155 -41.75 16.18 -22.71
C ASN B 155 -43.19 16.50 -23.11
N GLN B 156 -43.67 17.70 -22.77
CA GLN B 156 -45.01 18.11 -23.17
C GLN B 156 -45.15 18.13 -24.68
N ALA B 157 -44.15 18.69 -25.37
CA ALA B 157 -44.21 18.75 -26.83
C ALA B 157 -44.24 17.37 -27.43
N ALA B 158 -43.49 16.44 -26.84
CA ALA B 158 -43.54 15.06 -27.31
C ALA B 158 -44.93 14.48 -27.11
N ILE B 159 -45.50 14.66 -25.91
CA ILE B 159 -46.86 14.19 -25.64
C ILE B 159 -47.84 14.78 -26.67
N ASN B 160 -47.71 16.09 -26.92
CA ASN B 160 -48.59 16.78 -27.85
C ASN B 160 -48.48 16.21 -29.26
N GLY B 161 -47.26 15.93 -29.72
CA GLY B 161 -47.09 15.36 -31.05
C GLY B 161 -47.58 13.93 -31.14
N ILE B 162 -47.32 13.12 -30.10
CA ILE B 162 -47.76 11.73 -30.12
C ILE B 162 -49.28 11.65 -30.25
N ARG B 163 -50.00 12.44 -29.46
CA ARG B 163 -51.45 12.39 -29.51
C ARG B 163 -51.97 12.98 -30.81
N ALA B 164 -51.37 14.08 -31.27
CA ALA B 164 -51.77 14.68 -32.54
C ALA B 164 -51.64 13.68 -33.69
N ALA B 165 -50.64 12.80 -33.63
CA ALA B 165 -50.53 11.74 -34.62
C ALA B 165 -51.69 10.76 -34.57
N GLY B 166 -52.56 10.84 -33.55
CA GLY B 166 -53.60 9.86 -33.36
C GLY B 166 -53.19 8.63 -32.60
N ALA B 167 -52.05 8.67 -31.92
CA ALA B 167 -51.58 7.56 -31.10
C ALA B 167 -52.10 7.82 -29.70
N THR B 168 -53.32 7.33 -29.41
CA THR B 168 -54.02 7.68 -28.18
C THR B 168 -54.05 6.55 -27.16
N SER B 169 -53.59 5.36 -27.52
CA SER B 169 -53.66 4.21 -26.63
C SER B 169 -52.34 3.95 -25.91
N GLN B 170 -51.24 4.54 -26.35
CA GLN B 170 -49.92 4.19 -25.84
C GLN B 170 -49.57 5.03 -24.63
N TYR B 171 -48.87 4.43 -23.67
CA TYR B 171 -48.29 5.19 -22.58
C TYR B 171 -47.10 6.01 -23.08
N VAL B 172 -46.99 7.24 -22.61
CA VAL B 172 -45.84 8.07 -22.94
C VAL B 172 -44.94 8.12 -21.72
N ASN B 173 -43.73 7.58 -21.86
CA ASN B 173 -42.74 7.64 -20.79
C ASN B 173 -42.04 8.99 -20.85
N VAL B 174 -42.13 9.76 -19.76
CA VAL B 174 -41.50 11.07 -19.69
C VAL B 174 -40.28 10.97 -18.78
N GLU B 175 -39.15 11.50 -19.25
CA GLU B 175 -37.88 11.40 -18.54
C GLU B 175 -37.45 12.76 -18.06
N GLY B 176 -36.88 12.81 -16.84
CA GLY B 176 -36.40 14.07 -16.32
C GLY B 176 -35.02 14.46 -16.81
N ASN B 177 -34.63 15.65 -16.38
CA ASN B 177 -33.28 16.19 -16.52
C ASN B 177 -32.32 15.34 -15.66
N SER B 178 -31.03 15.69 -15.70
CA SER B 178 -30.02 15.05 -14.86
C SER B 178 -30.08 13.51 -14.96
N TYR B 179 -30.20 13.02 -16.19
CA TYR B 179 -30.21 11.58 -16.47
C TYR B 179 -31.40 10.88 -15.82
N THR B 180 -32.49 11.64 -15.62
CA THR B 180 -33.72 11.15 -15.02
C THR B 180 -33.45 10.19 -13.84
N GLY B 181 -32.43 10.52 -13.04
CA GLY B 181 -32.07 9.67 -11.92
C GLY B 181 -33.09 9.78 -10.80
N ALA B 182 -33.59 8.63 -10.32
CA ALA B 182 -34.61 8.67 -9.28
C ALA B 182 -34.06 9.27 -8.01
N TRP B 183 -32.82 8.95 -7.67
CA TRP B 183 -32.28 9.40 -6.38
C TRP B 183 -32.06 10.90 -6.30
N THR B 184 -31.98 11.58 -7.44
CA THR B 184 -31.76 13.02 -7.48
C THR B 184 -33.00 13.76 -7.94
N TRP B 185 -34.14 13.07 -8.00
CA TRP B 185 -35.37 13.65 -8.51
C TRP B 185 -35.70 14.99 -7.85
N THR B 186 -35.48 15.09 -6.53
CA THR B 186 -35.89 16.29 -5.81
C THR B 186 -34.71 17.16 -5.39
N THR B 187 -33.49 16.82 -5.81
CA THR B 187 -32.32 17.60 -5.41
C THR B 187 -31.48 18.14 -6.57
N ALA B 188 -31.33 17.40 -7.67
CA ALA B 188 -30.46 17.89 -8.75
C ALA B 188 -31.12 19.04 -9.49
N GLU B 189 -30.38 20.11 -9.73
CA GLU B 189 -30.91 21.30 -10.36
C GLU B 189 -30.46 21.42 -11.81
N GLY B 190 -31.37 21.85 -12.67
CA GLY B 190 -31.00 22.17 -14.03
C GLY B 190 -30.20 23.46 -14.06
N THR B 191 -29.83 23.88 -15.28
CA THR B 191 -29.13 25.15 -15.47
C THR B 191 -29.98 26.36 -15.04
N ASP B 192 -31.30 26.18 -14.95
CA ASP B 192 -32.19 27.20 -14.44
C ASP B 192 -32.41 27.09 -12.94
N GLY B 193 -31.69 26.22 -12.26
CA GLY B 193 -31.82 26.11 -10.81
C GLY B 193 -33.02 25.32 -10.35
N LEU B 194 -33.68 24.61 -11.26
CA LEU B 194 -34.93 23.90 -10.98
C LEU B 194 -34.70 22.40 -11.06
N THR B 195 -35.29 21.66 -10.12
CA THR B 195 -35.20 20.20 -10.11
C THR B 195 -36.28 19.56 -10.98
N ASN B 196 -36.16 18.23 -11.14
CA ASN B 196 -37.21 17.47 -11.82
C ASN B 196 -38.52 17.55 -11.05
N ALA B 197 -38.46 17.42 -9.72
CA ALA B 197 -39.65 17.52 -8.88
C ALA B 197 -40.36 18.86 -9.06
N GLN B 198 -39.61 19.93 -9.31
CA GLN B 198 -40.22 21.24 -9.46
C GLN B 198 -40.81 21.47 -10.84
N THR B 199 -40.43 20.68 -11.83
CA THR B 199 -40.77 21.01 -13.23
C THR B 199 -41.58 19.95 -13.97
N MET B 200 -41.43 18.67 -13.61
CA MET B 200 -42.06 17.53 -14.28
C MET B 200 -43.49 17.19 -13.81
N GLY B 201 -44.07 17.98 -12.90
CA GLY B 201 -45.31 17.63 -12.25
C GLY B 201 -46.57 18.14 -12.92
N ASN B 202 -46.44 19.11 -13.82
CA ASN B 202 -47.61 19.67 -14.48
C ASN B 202 -47.71 19.26 -15.95
N LEU B 203 -47.07 18.17 -16.35
CA LEU B 203 -47.27 17.62 -17.68
C LEU B 203 -48.68 17.09 -17.82
N THR B 204 -49.28 17.30 -18.99
CA THR B 204 -50.68 16.95 -19.19
C THR B 204 -50.80 16.01 -20.38
N ASP B 205 -51.84 15.16 -20.34
CA ASP B 205 -52.14 14.22 -21.41
C ASP B 205 -53.65 14.06 -21.52
N PRO B 206 -54.25 14.41 -22.65
CA PRO B 206 -55.71 14.19 -22.79
C PRO B 206 -56.10 12.74 -22.58
N GLU B 207 -55.20 11.79 -22.82
CA GLU B 207 -55.45 10.36 -22.61
C GLU B 207 -55.07 9.89 -21.22
N ASP B 208 -54.47 10.75 -20.40
CA ASP B 208 -54.07 10.42 -19.03
C ASP B 208 -53.33 9.08 -18.96
N LYS B 209 -52.30 8.95 -19.80
CA LYS B 209 -51.41 7.78 -19.79
C LYS B 209 -49.96 8.25 -19.78
N ILE B 210 -49.63 9.14 -18.83
CA ILE B 210 -48.26 9.55 -18.61
C ILE B 210 -47.61 8.59 -17.62
N LEU B 211 -46.44 8.08 -17.98
CA LEU B 211 -45.64 7.21 -17.14
C LEU B 211 -44.33 7.92 -16.83
N TYR B 212 -44.07 8.20 -15.55
CA TYR B 212 -42.84 8.88 -15.20
C TYR B 212 -41.70 7.87 -15.18
N HIS B 213 -40.60 8.20 -15.84
CA HIS B 213 -39.62 7.21 -16.27
C HIS B 213 -38.27 7.57 -15.67
N MET B 214 -37.90 6.91 -14.57
CA MET B 214 -36.64 7.24 -13.91
C MET B 214 -35.69 6.06 -13.98
N HIS B 215 -34.41 6.38 -13.78
CA HIS B 215 -33.32 5.41 -13.84
C HIS B 215 -32.63 5.37 -12.50
N GLN B 216 -32.08 4.20 -12.13
CA GLN B 216 -31.38 4.09 -10.84
C GLN B 216 -30.30 3.02 -10.93
N TYR B 217 -29.05 3.44 -10.89
CA TYR B 217 -27.93 2.51 -10.69
C TYR B 217 -27.51 2.57 -9.23
N LEU B 218 -26.61 1.66 -8.86
CA LEU B 218 -26.35 1.37 -7.45
C LEU B 218 -24.91 1.60 -7.03
N ASP B 219 -24.04 2.06 -7.93
CA ASP B 219 -22.68 2.40 -7.57
C ASP B 219 -22.64 3.78 -6.94
N SER B 220 -21.42 4.20 -6.55
CA SER B 220 -21.25 5.37 -5.70
C SER B 220 -21.89 6.60 -6.31
N ASP B 221 -21.56 6.91 -7.56
CA ASP B 221 -22.05 8.11 -8.21
C ASP B 221 -23.27 7.84 -9.09
N GLY B 222 -23.92 6.69 -8.93
CA GLY B 222 -25.11 6.38 -9.71
C GLY B 222 -24.92 6.43 -11.21
N SER B 223 -23.67 6.41 -11.69
CA SER B 223 -23.41 6.41 -13.13
C SER B 223 -23.63 5.04 -13.77
N GLY B 224 -23.68 3.99 -12.97
CA GLY B 224 -23.80 2.65 -13.52
C GLY B 224 -22.60 2.22 -14.31
N THR B 225 -21.42 2.72 -13.96
CA THR B 225 -20.19 2.39 -14.67
C THR B 225 -19.17 1.65 -13.80
N SER B 226 -19.50 1.34 -12.55
CA SER B 226 -18.65 0.54 -11.68
C SER B 226 -19.38 -0.74 -11.29
N SER B 227 -18.64 -1.84 -11.24
CA SER B 227 -19.20 -3.13 -10.82
C SER B 227 -19.38 -3.23 -9.30
N THR B 228 -19.14 -2.16 -8.54
CA THR B 228 -19.26 -2.20 -7.09
C THR B 228 -20.51 -1.44 -6.66
N CYS B 229 -21.40 -2.13 -5.95
CA CYS B 229 -22.60 -1.50 -5.42
C CYS B 229 -22.31 -0.95 -4.02
N VAL B 230 -22.90 0.21 -3.70
CA VAL B 230 -22.55 0.91 -2.46
C VAL B 230 -22.77 0.01 -1.25
N ASN B 231 -23.96 -0.55 -1.12
CA ASN B 231 -24.24 -1.50 -0.06
C ASN B 231 -25.55 -2.19 -0.40
N SER B 232 -25.90 -3.18 0.42
CA SER B 232 -27.00 -4.10 0.19
C SER B 232 -28.37 -3.45 0.15
N THR B 233 -28.51 -2.20 0.61
CA THR B 233 -29.81 -1.52 0.60
C THR B 233 -29.81 -0.26 -0.24
N ILE B 234 -28.78 -0.03 -1.04
CA ILE B 234 -28.63 1.29 -1.68
C ILE B 234 -29.77 1.53 -2.68
N GLY B 235 -30.19 0.49 -3.40
CA GLY B 235 -31.24 0.68 -4.39
C GLY B 235 -32.53 1.15 -3.77
N ALA B 236 -33.04 0.41 -2.78
CA ALA B 236 -34.31 0.79 -2.15
C ALA B 236 -34.24 2.19 -1.53
N THR B 237 -33.18 2.49 -0.78
CA THR B 237 -33.11 3.80 -0.14
C THR B 237 -33.05 4.92 -1.16
N ARG B 238 -32.39 4.70 -2.29
CA ARG B 238 -32.26 5.71 -3.34
C ARG B 238 -33.56 5.99 -4.08
N LEU B 239 -34.63 5.21 -3.86
CA LEU B 239 -35.91 5.45 -4.51
C LEU B 239 -36.90 6.18 -3.63
N MET B 240 -36.62 6.36 -2.33
CA MET B 240 -37.71 6.85 -1.49
C MET B 240 -38.04 8.32 -1.70
N ASP B 241 -37.06 9.20 -1.98
CA ASP B 241 -37.40 10.59 -2.31
C ASP B 241 -38.43 10.64 -3.45
N ALA B 242 -38.17 9.86 -4.51
CA ALA B 242 -39.06 9.84 -5.66
C ALA B 242 -40.43 9.24 -5.32
N THR B 243 -40.46 8.18 -4.51
CA THR B 243 -41.75 7.59 -4.14
C THR B 243 -42.63 8.62 -3.43
N ALA B 244 -42.08 9.38 -2.48
CA ALA B 244 -42.93 10.36 -1.79
C ALA B 244 -43.44 11.41 -2.76
N TRP B 245 -42.60 11.83 -3.71
CA TRP B 245 -43.04 12.76 -4.74
C TRP B 245 -44.14 12.17 -5.60
N LEU B 246 -43.96 10.92 -6.06
CA LEU B 246 -44.98 10.29 -6.89
C LEU B 246 -46.29 10.12 -6.11
N LYS B 247 -46.19 9.65 -4.86
CA LYS B 247 -47.41 9.46 -4.05
C LYS B 247 -48.13 10.78 -3.83
N SER B 248 -47.38 11.82 -3.46
CA SER B 248 -48.01 13.09 -3.12
C SER B 248 -48.59 13.79 -4.36
N ASN B 249 -47.97 13.59 -5.52
CA ASN B 249 -48.47 14.24 -6.73
C ASN B 249 -49.35 13.32 -7.55
N ASN B 250 -49.64 12.12 -7.06
CA ASN B 250 -50.60 11.23 -7.72
C ASN B 250 -50.16 10.87 -9.12
N LYS B 251 -48.88 10.53 -9.25
CA LYS B 251 -48.28 10.11 -10.51
C LYS B 251 -47.86 8.65 -10.39
N ILE B 252 -47.63 8.02 -11.55
CA ILE B 252 -47.13 6.65 -11.58
C ILE B 252 -45.85 6.63 -12.38
N ALA B 253 -45.00 5.66 -12.09
CA ALA B 253 -43.66 5.63 -12.66
C ALA B 253 -43.25 4.22 -13.04
N ILE B 254 -42.14 4.17 -13.80
CA ILE B 254 -41.47 2.94 -14.16
C ILE B 254 -39.98 3.20 -14.03
N LEU B 255 -39.23 2.18 -13.62
CA LEU B 255 -37.78 2.28 -13.51
C LEU B 255 -37.22 1.70 -14.80
N GLY B 256 -36.91 2.58 -15.76
CA GLY B 256 -36.62 2.18 -17.13
C GLY B 256 -35.22 1.68 -17.35
N GLN B 257 -34.34 1.87 -16.38
CA GLN B 257 -32.97 1.36 -16.38
C GLN B 257 -32.55 1.16 -14.92
N TYR B 258 -31.92 0.03 -14.66
CA TYR B 258 -31.28 -0.31 -13.40
C TYR B 258 -30.41 -1.52 -13.68
N ALA B 259 -29.37 -1.69 -12.87
CA ALA B 259 -28.56 -2.89 -13.02
C ALA B 259 -27.63 -3.03 -11.82
N GLY B 260 -27.21 -4.27 -11.57
CA GLY B 260 -26.11 -4.56 -10.68
C GLY B 260 -25.15 -5.50 -11.35
N ALA B 261 -23.90 -5.50 -10.86
CA ALA B 261 -22.93 -6.45 -11.35
C ALA B 261 -23.11 -7.79 -10.65
N VAL B 262 -22.36 -8.79 -11.12
CA VAL B 262 -22.46 -10.15 -10.57
C VAL B 262 -21.52 -10.21 -9.37
N ASN B 263 -22.03 -9.80 -8.22
CA ASN B 263 -21.36 -9.94 -6.94
C ASN B 263 -22.42 -9.85 -5.86
N SER B 264 -22.14 -10.46 -4.71
CA SER B 264 -23.17 -10.71 -3.71
C SER B 264 -23.84 -9.42 -3.25
N VAL B 265 -23.07 -8.35 -3.06
CA VAL B 265 -23.66 -7.08 -2.62
C VAL B 265 -24.64 -6.55 -3.66
N CYS B 266 -24.20 -6.50 -4.93
CA CYS B 266 -25.10 -6.04 -5.98
C CYS B 266 -26.36 -6.88 -6.03
N GLU B 267 -26.21 -8.20 -5.93
CA GLU B 267 -27.39 -9.06 -6.02
C GLU B 267 -28.42 -8.71 -4.95
N GLU B 268 -27.96 -8.47 -3.72
CA GLU B 268 -28.91 -8.16 -2.66
C GLU B 268 -29.51 -6.77 -2.85
N ALA B 269 -28.70 -5.80 -3.27
CA ALA B 269 -29.22 -4.46 -3.56
C ALA B 269 -30.32 -4.52 -4.62
N VAL B 270 -30.09 -5.24 -5.71
CA VAL B 270 -31.08 -5.34 -6.77
C VAL B 270 -32.36 -5.98 -6.25
N GLU B 271 -32.22 -7.12 -5.56
CA GLU B 271 -33.37 -7.81 -4.99
C GLU B 271 -34.16 -6.91 -4.05
N GLY B 272 -33.46 -6.21 -3.15
CA GLY B 272 -34.15 -5.34 -2.20
C GLY B 272 -34.82 -4.15 -2.89
N MET B 273 -34.20 -3.59 -3.91
CA MET B 273 -34.88 -2.54 -4.65
C MET B 273 -36.10 -3.08 -5.38
N LEU B 274 -36.00 -4.28 -5.95
CA LEU B 274 -37.16 -4.86 -6.62
C LEU B 274 -38.28 -5.19 -5.63
N ASP B 275 -37.95 -5.64 -4.40
CA ASP B 275 -39.01 -5.79 -3.39
C ASP B 275 -39.59 -4.45 -2.98
N TYR B 276 -38.76 -3.41 -2.92
CA TYR B 276 -39.28 -2.09 -2.59
C TYR B 276 -40.33 -1.66 -3.60
N ILE B 277 -40.01 -1.82 -4.89
CA ILE B 277 -40.99 -1.49 -5.94
C ILE B 277 -42.26 -2.31 -5.75
N ASP B 278 -42.13 -3.60 -5.43
CA ASP B 278 -43.32 -4.40 -5.15
C ASP B 278 -44.13 -3.81 -4.00
N GLU B 279 -43.46 -3.51 -2.89
CA GLU B 279 -44.16 -2.94 -1.74
C GLU B 279 -44.70 -1.55 -2.01
N ASN B 280 -44.27 -0.89 -3.08
CA ASN B 280 -44.75 0.44 -3.43
C ASN B 280 -45.26 0.45 -4.86
N SER B 281 -45.98 -0.61 -5.23
CA SER B 281 -46.48 -0.76 -6.58
C SER B 281 -47.62 0.20 -6.87
N ASP B 282 -48.19 0.84 -5.86
CA ASP B 282 -49.16 1.90 -6.15
C ASP B 282 -48.56 3.00 -7.01
N VAL B 283 -47.23 3.24 -6.95
CA VAL B 283 -46.61 4.28 -7.78
C VAL B 283 -45.57 3.72 -8.74
N TRP B 284 -44.91 2.61 -8.39
CA TRP B 284 -43.95 1.97 -9.28
C TRP B 284 -44.64 0.83 -10.03
N THR B 285 -44.65 0.91 -11.37
CA THR B 285 -45.33 -0.08 -12.20
C THR B 285 -44.43 -1.25 -12.61
N GLY B 286 -43.13 -1.15 -12.40
CA GLY B 286 -42.22 -2.20 -12.80
C GLY B 286 -40.84 -1.63 -13.05
N ALA B 287 -39.99 -2.46 -13.65
CA ALA B 287 -38.57 -2.12 -13.78
C ALA B 287 -38.01 -2.82 -15.01
N ILE B 288 -37.14 -2.12 -15.74
CA ILE B 288 -36.53 -2.62 -16.96
C ILE B 288 -35.02 -2.68 -16.78
N TRP B 289 -34.47 -3.88 -16.93
CA TRP B 289 -33.05 -4.11 -16.70
C TRP B 289 -32.20 -3.50 -17.82
N TRP B 290 -31.08 -2.88 -17.44
CA TRP B 290 -30.07 -2.45 -18.40
C TRP B 290 -28.88 -3.39 -18.28
N ALA B 291 -28.62 -4.20 -19.31
CA ALA B 291 -29.44 -4.28 -20.52
C ALA B 291 -29.15 -5.58 -21.25
N ALA B 292 -30.05 -5.93 -22.17
CA ALA B 292 -29.84 -7.01 -23.12
C ALA B 292 -29.43 -6.42 -24.48
N GLY B 293 -29.21 -7.30 -25.46
CA GLY B 293 -28.76 -6.87 -26.75
C GLY B 293 -27.62 -7.71 -27.28
N PRO B 294 -27.42 -7.71 -28.62
CA PRO B 294 -26.57 -8.71 -29.27
C PRO B 294 -25.08 -8.38 -29.36
N TRP B 295 -24.69 -7.11 -29.18
CA TRP B 295 -23.28 -6.74 -29.32
C TRP B 295 -22.66 -6.33 -27.98
N TRP B 296 -23.17 -6.86 -26.86
CA TRP B 296 -22.62 -6.48 -25.56
C TRP B 296 -21.37 -7.26 -25.19
N GLY B 297 -21.16 -8.44 -25.77
CA GLY B 297 -20.05 -9.26 -25.33
C GLY B 297 -20.08 -9.51 -23.83
N ASP B 298 -18.97 -9.19 -23.16
CA ASP B 298 -18.78 -9.48 -21.75
C ASP B 298 -19.18 -8.32 -20.84
N TYR B 299 -19.98 -7.38 -21.36
CA TYR B 299 -20.46 -6.25 -20.57
C TYR B 299 -20.96 -6.72 -19.20
N MET B 300 -20.49 -6.06 -18.14
CA MET B 300 -20.80 -6.51 -16.79
C MET B 300 -22.29 -6.54 -16.51
N PHE B 301 -23.11 -5.84 -17.30
CA PHE B 301 -24.55 -5.82 -17.08
C PHE B 301 -25.35 -6.57 -18.16
N SER B 302 -24.68 -7.20 -19.12
CA SER B 302 -25.42 -7.82 -20.21
C SER B 302 -26.16 -9.06 -19.73
N VAL B 303 -27.50 -9.06 -19.87
CA VAL B 303 -28.31 -10.25 -19.62
C VAL B 303 -28.71 -10.87 -20.96
N GLU B 304 -27.90 -10.69 -21.98
CA GLU B 304 -28.17 -11.38 -23.24
C GLU B 304 -27.96 -12.89 -23.03
N PRO B 305 -28.94 -13.74 -23.39
CA PRO B 305 -28.86 -15.16 -23.03
C PRO B 305 -27.56 -15.88 -23.34
N ASP B 306 -27.18 -15.97 -24.62
CA ASP B 306 -26.03 -16.80 -24.98
C ASP B 306 -24.71 -16.20 -24.48
N ASN B 307 -24.67 -14.90 -24.28
CA ASN B 307 -23.43 -14.16 -24.14
C ASN B 307 -23.31 -13.41 -22.82
N GLY B 308 -24.43 -12.96 -22.25
CA GLY B 308 -24.42 -12.00 -21.18
C GLY B 308 -23.94 -12.56 -19.86
N PRO B 309 -22.86 -11.99 -19.33
CA PRO B 309 -22.34 -12.46 -18.03
C PRO B 309 -23.32 -12.31 -16.88
N ALA B 310 -24.34 -11.48 -17.02
CA ALA B 310 -25.30 -11.25 -15.95
C ALA B 310 -26.54 -12.10 -16.07
N TYR B 311 -26.67 -12.87 -17.14
CA TYR B 311 -27.93 -13.54 -17.45
C TYR B 311 -28.26 -14.59 -16.40
N SER B 312 -27.28 -15.44 -16.07
CA SER B 312 -27.53 -16.53 -15.13
C SER B 312 -28.03 -16.00 -13.79
N THR B 313 -27.39 -14.95 -13.28
CA THR B 313 -27.75 -14.44 -11.96
C THR B 313 -29.09 -13.72 -11.99
N TYR B 314 -29.24 -12.75 -12.90
CA TYR B 314 -30.31 -11.78 -12.79
C TYR B 314 -31.54 -12.12 -13.61
N ASP B 315 -31.42 -12.94 -14.66
CA ASP B 315 -32.63 -13.45 -15.30
C ASP B 315 -33.65 -13.97 -14.29
N PRO B 316 -33.31 -14.91 -13.40
CA PRO B 316 -34.30 -15.36 -12.40
C PRO B 316 -34.81 -14.26 -11.50
N ILE B 317 -33.98 -13.27 -11.17
CA ILE B 317 -34.39 -12.21 -10.28
C ILE B 317 -35.46 -11.34 -10.93
N ILE B 318 -35.26 -11.00 -12.21
CA ILE B 318 -36.27 -10.23 -12.93
C ILE B 318 -37.60 -10.96 -12.94
N LEU B 319 -37.57 -12.26 -13.24
CA LEU B 319 -38.80 -13.04 -13.29
C LEU B 319 -39.48 -13.14 -11.93
N GLU B 320 -38.77 -12.86 -10.84
CA GLU B 320 -39.31 -12.71 -9.46
C GLU B 320 -39.04 -13.95 -8.61
N ARG C 14 -2.60 10.65 -16.94
CA ARG C 14 -1.95 10.60 -15.62
C ARG C 14 -2.67 11.46 -14.58
N PHE C 15 -3.00 12.70 -14.91
CA PHE C 15 -3.65 13.60 -13.94
C PHE C 15 -4.98 14.07 -14.48
N ALA C 16 -6.03 13.93 -13.67
CA ALA C 16 -7.36 14.40 -14.04
C ALA C 16 -8.07 14.84 -12.78
N GLY C 17 -8.44 16.10 -12.69
CA GLY C 17 -9.09 16.55 -11.48
C GLY C 17 -9.66 17.93 -11.63
N VAL C 18 -9.79 18.60 -10.49
CA VAL C 18 -10.51 19.87 -10.39
C VAL C 18 -9.69 20.86 -9.58
N ASN C 19 -9.84 22.13 -9.92
CA ASN C 19 -9.42 23.20 -9.00
C ASN C 19 -10.37 23.27 -7.81
N GLU C 20 -9.83 23.64 -6.66
CA GLU C 20 -10.62 24.00 -5.48
C GLU C 20 -10.36 25.48 -5.22
N SER C 21 -11.41 26.28 -5.24
CA SER C 21 -11.28 27.73 -5.22
C SER C 21 -12.20 28.26 -4.15
N GLY C 22 -11.70 29.23 -3.38
CA GLY C 22 -12.47 29.73 -2.26
C GLY C 22 -11.64 30.24 -1.11
N ALA C 23 -10.49 29.61 -0.82
CA ALA C 23 -9.57 30.13 0.20
C ALA C 23 -8.87 31.42 -0.25
N GLU C 24 -8.92 31.75 -1.54
CA GLU C 24 -8.39 32.98 -2.09
C GLU C 24 -9.48 34.02 -2.36
N PHE C 25 -10.73 33.74 -2.02
CA PHE C 25 -11.81 34.69 -2.25
C PHE C 25 -11.59 35.96 -1.43
N GLY C 26 -12.29 37.02 -1.82
CA GLY C 26 -12.21 38.27 -1.06
C GLY C 26 -10.80 38.80 -0.98
N SER C 27 -10.04 38.67 -2.07
CA SER C 27 -8.65 39.07 -2.17
C SER C 27 -8.46 40.52 -1.74
N ASP C 28 -9.56 41.27 -1.66
CA ASP C 28 -9.49 42.66 -1.27
C ASP C 28 -9.38 42.84 0.23
N ASN C 29 -9.56 41.77 1.01
CA ASN C 29 -9.47 41.81 2.48
C ASN C 29 -8.36 40.89 2.92
N ILE C 30 -7.22 41.49 3.26
CA ILE C 30 -6.04 40.79 3.74
C ILE C 30 -5.78 41.27 5.17
N PRO C 31 -5.74 40.38 6.18
CA PRO C 31 -5.89 38.93 6.11
C PRO C 31 -7.28 38.41 5.74
N GLY C 32 -8.30 39.26 5.78
CA GLY C 32 -9.67 38.78 5.65
C GLY C 32 -10.10 37.87 6.79
N VAL C 33 -11.38 37.49 6.80
CA VAL C 33 -11.93 36.69 7.90
C VAL C 33 -12.46 35.38 7.35
N TYR C 34 -12.00 34.28 7.93
CA TYR C 34 -12.46 32.93 7.57
C TYR C 34 -13.96 32.80 7.80
N GLY C 35 -14.66 32.30 6.79
CA GLY C 35 -16.10 32.17 6.87
C GLY C 35 -16.85 33.40 6.43
N THR C 36 -16.16 34.52 6.27
CA THR C 36 -16.73 35.73 5.70
C THR C 36 -16.13 36.04 4.33
N ASP C 37 -14.82 36.29 4.29
CA ASP C 37 -14.15 36.65 3.04
C ASP C 37 -13.69 35.45 2.22
N TYR C 38 -13.37 34.33 2.87
CA TYR C 38 -12.86 33.14 2.19
C TYR C 38 -13.30 31.94 3.00
N THR C 39 -13.13 30.75 2.42
CA THR C 39 -13.46 29.49 3.09
C THR C 39 -12.42 28.44 2.68
N TRP C 40 -12.42 27.29 3.35
CA TRP C 40 -11.64 26.16 2.88
C TRP C 40 -12.60 25.13 2.25
N TYR C 41 -12.08 23.98 1.88
CA TYR C 41 -12.79 23.14 0.89
C TYR C 41 -13.57 22.03 1.55
N ASN C 42 -14.57 21.54 0.81
CA ASN C 42 -15.51 20.53 1.31
C ASN C 42 -14.89 19.16 1.05
N THR C 43 -14.31 18.57 2.10
CA THR C 43 -13.66 17.28 1.99
C THR C 43 -14.64 16.19 1.54
N THR C 44 -15.91 16.30 1.93
CA THR C 44 -16.90 15.33 1.48
C THR C 44 -17.10 15.42 -0.02
N ALA C 45 -17.10 16.64 -0.55
CA ALA C 45 -17.14 16.84 -1.98
C ALA C 45 -15.91 16.24 -2.66
N MET C 46 -14.70 16.48 -2.11
CA MET C 46 -13.52 15.92 -2.76
C MET C 46 -13.47 14.42 -2.60
N GLY C 47 -13.97 13.90 -1.48
CA GLY C 47 -14.05 12.45 -1.31
C GLY C 47 -14.85 11.78 -2.41
N GLU C 48 -15.98 12.40 -2.80
CA GLU C 48 -16.74 11.84 -3.91
C GLU C 48 -15.93 11.87 -5.19
N PHE C 49 -15.28 13.01 -5.48
CA PHE C 49 -14.51 13.11 -6.72
C PHE C 49 -13.44 12.03 -6.75
N ILE C 50 -12.83 11.73 -5.60
CA ILE C 50 -11.80 10.70 -5.55
C ILE C 50 -12.41 9.32 -5.78
N SER C 51 -13.62 9.09 -5.26
CA SER C 51 -14.29 7.81 -5.54
C SER C 51 -14.46 7.61 -7.04
N GLN C 52 -14.88 8.67 -7.74
CA GLN C 52 -15.14 8.59 -9.16
C GLN C 52 -13.86 8.28 -9.95
N GLY C 53 -12.70 8.60 -9.40
CA GLY C 53 -11.44 8.37 -10.08
C GLY C 53 -10.56 9.59 -10.31
N MET C 54 -11.00 10.82 -10.00
CA MET C 54 -10.10 11.98 -10.06
C MET C 54 -8.95 11.85 -9.08
N ASN C 55 -7.76 12.28 -9.51
CA ASN C 55 -6.54 12.04 -8.76
C ASN C 55 -5.68 13.29 -8.61
N ILE C 56 -6.23 14.49 -8.86
CA ILE C 56 -5.49 15.72 -8.59
C ILE C 56 -6.47 16.82 -8.18
N PHE C 57 -6.05 17.62 -7.21
CA PHE C 57 -6.86 18.74 -6.74
C PHE C 57 -5.93 19.93 -6.58
N ARG C 58 -6.23 20.99 -7.30
CA ARG C 58 -5.40 22.19 -7.29
C ARG C 58 -5.98 23.12 -6.24
N LEU C 59 -5.29 23.25 -5.10
CA LEU C 59 -5.81 23.96 -3.94
C LEU C 59 -5.32 25.40 -3.97
N ASN C 60 -6.24 26.34 -4.19
CA ASN C 60 -5.89 27.74 -4.36
C ASN C 60 -5.92 28.45 -3.02
N LEU C 61 -5.02 29.42 -2.87
CA LEU C 61 -4.87 30.17 -1.62
C LEU C 61 -4.13 31.47 -1.93
N LEU C 62 -4.00 32.33 -0.93
CA LEU C 62 -3.30 33.60 -1.10
C LEU C 62 -1.97 33.55 -0.36
N MET C 63 -0.89 33.98 -1.03
CA MET C 63 0.40 34.03 -0.35
C MET C 63 0.28 34.84 0.95
N GLU C 64 -0.49 35.94 0.91
CA GLU C 64 -0.51 36.87 2.04
C GLU C 64 -1.17 36.24 3.25
N ARG C 65 -2.10 35.30 3.04
CA ARG C 65 -2.76 34.66 4.18
C ARG C 65 -1.92 33.52 4.75
N LEU C 66 -1.06 32.91 3.91
CA LEU C 66 -0.22 31.82 4.37
C LEU C 66 1.06 32.35 5.04
N VAL C 67 1.70 33.33 4.41
CA VAL C 67 2.90 33.98 4.91
C VAL C 67 2.62 35.48 4.96
N PRO C 68 2.07 36.00 6.05
CA PRO C 68 1.68 37.41 6.06
C PRO C 68 2.89 38.33 6.19
N ASN C 69 2.66 39.60 5.84
CA ASN C 69 3.58 40.73 6.08
C ASN C 69 4.80 40.72 5.18
N THR C 70 5.63 39.69 5.24
CA THR C 70 6.81 39.63 4.39
C THR C 70 7.04 38.19 3.99
N MET C 71 7.49 37.97 2.75
CA MET C 71 7.75 36.62 2.25
C MET C 71 8.82 35.87 3.03
N THR C 72 9.64 36.56 3.82
CA THR C 72 10.63 35.87 4.63
C THR C 72 10.08 35.44 5.99
N GLY C 73 8.83 35.77 6.30
CA GLY C 73 8.32 35.62 7.65
C GLY C 73 7.90 34.20 7.96
N PRO C 74 7.37 34.01 9.16
CA PRO C 74 6.74 32.74 9.51
C PRO C 74 5.34 32.62 8.90
N MET C 75 4.83 31.40 8.97
CA MET C 75 3.53 31.10 8.40
C MET C 75 2.44 31.47 9.41
N ASN C 76 1.24 31.76 8.91
CA ASN C 76 0.07 31.87 9.77
C ASN C 76 -0.46 30.48 10.12
N ALA C 77 -0.53 30.17 11.41
CA ALA C 77 -0.77 28.79 11.83
C ALA C 77 -2.19 28.32 11.46
N ASP C 78 -3.19 29.19 11.58
CA ASP C 78 -4.57 28.79 11.31
C ASP C 78 -4.76 28.48 9.83
N TYR C 79 -4.29 29.38 8.97
CA TYR C 79 -4.41 29.18 7.53
C TYR C 79 -3.58 27.98 7.07
N LEU C 80 -2.38 27.83 7.62
CA LEU C 80 -1.56 26.65 7.33
C LEU C 80 -2.23 25.38 7.83
N GLY C 81 -2.84 25.44 9.01
CA GLY C 81 -3.50 24.26 9.55
C GLY C 81 -4.60 23.76 8.64
N ASN C 82 -5.42 24.68 8.10
CA ASN C 82 -6.49 24.28 7.19
C ASN C 82 -5.93 23.78 5.87
N LEU C 83 -4.91 24.45 5.34
CA LEU C 83 -4.28 23.95 4.12
C LEU C 83 -3.75 22.53 4.31
N THR C 84 -3.09 22.25 5.44
CA THR C 84 -2.58 20.89 5.60
C THR C 84 -3.71 19.89 5.81
N LYS C 85 -4.81 20.31 6.43
CA LYS C 85 -5.99 19.47 6.56
C LYS C 85 -6.53 19.06 5.21
N ASP C 86 -6.76 20.02 4.31
CA ASP C 86 -7.28 19.68 2.99
C ASP C 86 -6.25 18.89 2.19
N VAL C 87 -5.01 19.37 2.14
CA VAL C 87 -3.94 18.59 1.52
C VAL C 87 -3.96 17.15 2.02
N ASN C 88 -3.97 16.96 3.35
CA ASN C 88 -3.84 15.61 3.88
C ASN C 88 -5.04 14.75 3.54
N TYR C 89 -6.24 15.31 3.58
CA TYR C 89 -7.42 14.54 3.22
C TYR C 89 -7.25 13.94 1.82
N VAL C 90 -6.73 14.73 0.88
CA VAL C 90 -6.59 14.31 -0.50
C VAL C 90 -5.48 13.28 -0.64
N THR C 91 -4.30 13.59 -0.09
CA THR C 91 -3.16 12.70 -0.33
C THR C 91 -3.29 11.41 0.48
N ASP C 92 -3.96 11.45 1.64
CA ASP C 92 -4.22 10.24 2.42
C ASP C 92 -5.04 9.23 1.60
N LYS C 93 -5.86 9.69 0.67
CA LYS C 93 -6.58 8.81 -0.24
C LYS C 93 -5.85 8.59 -1.54
N GLY C 94 -4.58 8.95 -1.62
CA GLY C 94 -3.79 8.62 -2.79
C GLY C 94 -3.90 9.56 -3.96
N ALA C 95 -4.56 10.70 -3.83
CA ALA C 95 -4.61 11.71 -4.88
C ALA C 95 -3.54 12.77 -4.65
N TYR C 96 -3.16 13.44 -5.74
CA TYR C 96 -2.24 14.57 -5.69
C TYR C 96 -2.95 15.83 -5.22
N ALA C 97 -2.26 16.60 -4.36
CA ALA C 97 -2.76 17.89 -3.89
C ALA C 97 -1.78 18.95 -4.38
N MET C 98 -2.22 19.80 -5.29
CA MET C 98 -1.38 20.88 -5.79
C MET C 98 -1.59 22.14 -4.98
N ILE C 99 -0.50 22.71 -4.47
CA ILE C 99 -0.56 23.88 -3.60
C ILE C 99 -0.26 25.11 -4.45
N THR C 100 -1.23 26.01 -4.57
CA THR C 100 -1.17 27.10 -5.55
C THR C 100 -1.44 28.46 -4.94
N PRO C 101 -0.43 29.34 -4.85
CA PRO C 101 -0.69 30.72 -4.47
C PRO C 101 -1.33 31.47 -5.63
N HIS C 102 -2.57 31.92 -5.42
CA HIS C 102 -3.38 32.49 -6.50
C HIS C 102 -3.14 34.00 -6.56
N ASN C 103 -1.90 34.35 -6.94
CA ASN C 103 -1.39 35.69 -6.67
C ASN C 103 -0.91 36.46 -7.89
N TYR C 104 -0.92 35.86 -9.08
CA TYR C 104 -0.64 36.62 -10.30
C TYR C 104 0.75 37.29 -10.29
N GLY C 105 1.73 36.70 -9.60
CA GLY C 105 3.04 37.31 -9.52
C GLY C 105 3.15 38.53 -8.62
N ARG C 106 2.15 38.81 -7.80
CA ARG C 106 2.16 39.98 -6.94
C ARG C 106 1.97 39.58 -5.49
N TYR C 107 2.55 40.40 -4.61
CA TYR C 107 2.51 40.19 -3.17
C TYR C 107 2.11 41.50 -2.53
N TYR C 108 1.01 41.47 -1.78
CA TYR C 108 0.36 42.71 -1.35
C TYR C 108 0.17 43.65 -2.52
N GLY C 109 -0.20 43.09 -3.68
CA GLY C 109 -0.53 43.86 -4.86
C GLY C 109 0.65 44.40 -5.64
N ASN C 110 1.88 44.10 -5.25
CA ASN C 110 3.07 44.60 -5.90
C ASN C 110 3.76 43.45 -6.64
N ILE C 111 4.07 43.68 -7.91
CA ILE C 111 4.81 42.70 -8.71
C ILE C 111 6.04 42.26 -7.96
N ILE C 112 6.29 40.96 -7.94
CA ILE C 112 7.37 40.39 -7.13
C ILE C 112 8.67 40.54 -7.92
N ASN C 113 9.53 41.47 -7.46
CA ASN C 113 10.88 41.69 -8.00
C ASN C 113 11.99 41.00 -7.21
N SER C 114 11.75 40.65 -5.95
CA SER C 114 12.81 40.09 -5.12
C SER C 114 12.79 38.57 -5.33
N THR C 115 13.68 38.08 -6.19
CA THR C 115 13.80 36.63 -6.31
C THR C 115 14.32 36.03 -5.01
N SER C 116 15.02 36.83 -4.21
CA SER C 116 15.49 36.33 -2.92
C SER C 116 14.33 36.07 -1.98
N ASP C 117 13.41 37.02 -1.86
CA ASP C 117 12.26 36.79 -0.99
C ASP C 117 11.37 35.68 -1.53
N PHE C 118 11.14 35.66 -2.85
CA PHE C 118 10.30 34.62 -3.43
C PHE C 118 10.85 33.25 -3.12
N GLU C 119 12.17 33.10 -3.17
CA GLU C 119 12.76 31.80 -2.86
C GLU C 119 12.56 31.46 -1.38
N ALA C 120 12.72 32.45 -0.51
CA ALA C 120 12.51 32.22 0.91
C ALA C 120 11.07 31.79 1.18
N PHE C 121 10.10 32.49 0.58
CA PHE C 121 8.71 32.12 0.71
C PHE C 121 8.50 30.64 0.35
N TRP C 122 9.10 30.20 -0.76
CA TRP C 122 8.85 28.83 -1.21
C TRP C 122 9.60 27.81 -0.37
N LYS C 123 10.78 28.17 0.15
CA LYS C 123 11.46 27.28 1.09
C LYS C 123 10.63 27.08 2.35
N THR C 124 10.02 28.16 2.86
CA THR C 124 9.14 28.06 4.02
C THR C 124 7.96 27.15 3.74
N VAL C 125 7.27 27.39 2.62
CA VAL C 125 6.05 26.63 2.31
C VAL C 125 6.38 25.18 2.03
N ALA C 126 7.37 24.92 1.17
CA ALA C 126 7.73 23.54 0.86
C ALA C 126 8.17 22.78 2.13
N GLY C 127 8.87 23.46 3.05
CA GLY C 127 9.29 22.78 4.26
C GLY C 127 8.15 22.12 5.00
N ALA C 128 6.99 22.79 5.02
CA ALA C 128 5.85 22.25 5.72
C ALA C 128 5.25 21.01 5.05
N PHE C 129 5.67 20.69 3.81
CA PHE C 129 5.14 19.56 3.06
C PHE C 129 6.24 18.70 2.44
N LYS C 130 7.49 18.87 2.86
CA LYS C 130 8.62 18.22 2.19
C LYS C 130 8.46 16.71 2.05
N ASP C 131 7.79 16.04 3.01
CA ASP C 131 7.74 14.58 3.03
C ASP C 131 6.46 14.01 2.44
N ASN C 132 5.59 14.84 1.90
CA ASN C 132 4.35 14.37 1.30
C ASN C 132 4.59 14.26 -0.20
N ASP C 133 4.81 13.03 -0.67
CA ASP C 133 5.23 12.85 -2.05
C ASP C 133 4.04 12.84 -3.01
N LEU C 134 2.84 13.17 -2.53
CA LEU C 134 1.69 13.43 -3.38
C LEU C 134 1.35 14.92 -3.44
N VAL C 135 2.15 15.80 -2.82
CA VAL C 135 1.96 17.23 -3.04
C VAL C 135 2.63 17.64 -4.35
N MET C 136 2.02 18.58 -5.07
CA MET C 136 2.78 19.35 -6.06
C MET C 136 2.77 20.82 -5.67
N PHE C 137 3.88 21.47 -5.97
CA PHE C 137 4.02 22.90 -5.75
C PHE C 137 3.84 23.63 -7.07
N ASP C 138 3.15 24.76 -7.01
CA ASP C 138 2.74 25.53 -8.19
C ASP C 138 3.21 26.96 -7.95
N THR C 139 4.30 27.37 -8.63
CA THR C 139 5.07 28.54 -8.15
C THR C 139 4.19 29.77 -7.98
N ASN C 140 3.29 30.03 -8.93
CA ASN C 140 2.35 31.11 -8.68
C ASN C 140 1.33 31.04 -9.81
N ASN C 141 0.10 31.46 -9.54
CA ASN C 141 -0.98 31.40 -10.53
C ASN C 141 -0.90 32.60 -11.48
N GLN C 142 -0.77 32.33 -12.78
CA GLN C 142 -1.02 33.31 -13.83
C GLN C 142 -0.27 34.63 -13.60
N TYR C 143 1.07 34.55 -13.65
CA TYR C 143 1.86 35.75 -13.83
C TYR C 143 1.32 36.54 -15.01
N TYR C 144 1.40 37.87 -14.92
CA TYR C 144 0.98 38.71 -16.03
C TYR C 144 1.49 40.13 -15.85
N GLY C 145 1.69 40.82 -16.97
CA GLY C 145 2.08 42.21 -16.90
C GLY C 145 3.51 42.44 -16.45
N MET C 146 4.39 41.46 -16.62
CA MET C 146 5.77 41.57 -16.18
C MET C 146 6.75 41.24 -17.30
N ALA C 147 8.03 41.36 -16.97
CA ALA C 147 9.08 40.98 -17.89
C ALA C 147 9.10 39.46 -18.04
N GLY C 148 9.19 38.98 -19.29
CA GLY C 148 9.32 37.56 -19.49
C GLY C 148 10.45 36.96 -18.68
N GLN C 149 11.62 37.60 -18.74
CA GLN C 149 12.78 37.06 -18.03
C GLN C 149 12.51 37.00 -16.53
N LEU C 150 11.87 38.05 -15.97
CA LEU C 150 11.54 38.05 -14.54
C LEU C 150 10.66 36.85 -14.17
N VAL C 151 9.68 36.51 -15.02
CA VAL C 151 8.83 35.36 -14.71
C VAL C 151 9.65 34.07 -14.68
N ALA C 152 10.56 33.89 -15.64
CA ALA C 152 11.42 32.72 -15.59
C ALA C 152 12.25 32.71 -14.32
N ASP C 153 12.83 33.87 -13.99
CA ASP C 153 13.64 33.96 -12.79
C ASP C 153 12.85 33.61 -11.54
N LEU C 154 11.58 34.07 -11.47
CA LEU C 154 10.78 33.77 -10.30
C LEU C 154 10.48 32.28 -10.22
N ASN C 155 10.16 31.66 -11.35
CA ASN C 155 9.97 30.21 -11.34
C ASN C 155 11.24 29.49 -10.91
N GLN C 156 12.40 29.94 -11.37
CA GLN C 156 13.64 29.30 -10.97
C GLN C 156 13.89 29.48 -9.48
N ALA C 157 13.62 30.68 -8.98
CA ALA C 157 13.81 30.94 -7.55
C ALA C 157 12.94 30.02 -6.71
N ALA C 158 11.67 29.85 -7.11
CA ALA C 158 10.79 28.95 -6.39
C ALA C 158 11.32 27.53 -6.40
N ILE C 159 11.75 27.04 -7.56
CA ILE C 159 12.34 25.70 -7.61
C ILE C 159 13.50 25.58 -6.64
N ASN C 160 14.40 26.57 -6.68
CA ASN C 160 15.54 26.58 -5.77
C ASN C 160 15.10 26.49 -4.32
N GLY C 161 14.11 27.29 -3.93
CA GLY C 161 13.64 27.26 -2.55
C GLY C 161 13.00 25.94 -2.19
N ILE C 162 12.16 25.41 -3.07
CA ILE C 162 11.50 24.13 -2.80
C ILE C 162 12.53 23.05 -2.54
N ARG C 163 13.50 22.92 -3.45
CA ARG C 163 14.53 21.90 -3.28
C ARG C 163 15.38 22.17 -2.03
N ALA C 164 15.66 23.45 -1.75
CA ALA C 164 16.48 23.78 -0.59
C ALA C 164 15.78 23.42 0.72
N ALA C 165 14.44 23.41 0.72
CA ALA C 165 13.71 22.96 1.89
C ALA C 165 13.74 21.44 2.05
N GLY C 166 14.33 20.73 1.08
CA GLY C 166 14.36 19.28 1.12
C GLY C 166 13.13 18.61 0.54
N ALA C 167 12.28 19.35 -0.16
CA ALA C 167 11.14 18.75 -0.87
C ALA C 167 11.67 18.33 -2.23
N THR C 168 12.08 17.06 -2.34
CA THR C 168 12.71 16.56 -3.56
C THR C 168 11.87 15.56 -4.32
N SER C 169 10.72 15.15 -3.79
CA SER C 169 9.91 14.12 -4.42
C SER C 169 8.76 14.70 -5.24
N GLN C 170 8.46 15.98 -5.06
CA GLN C 170 7.27 16.59 -5.62
C GLN C 170 7.57 17.28 -6.95
N TYR C 171 6.59 17.24 -7.85
CA TYR C 171 6.67 18.05 -9.06
C TYR C 171 6.46 19.52 -8.73
N VAL C 172 7.20 20.37 -9.42
CA VAL C 172 7.04 21.82 -9.35
C VAL C 172 6.40 22.26 -10.65
N ASN C 173 5.17 22.76 -10.56
CA ASN C 173 4.46 23.32 -11.69
C ASN C 173 4.96 24.74 -11.93
N VAL C 174 5.50 25.02 -13.12
CA VAL C 174 6.00 26.34 -13.45
C VAL C 174 5.03 27.00 -14.44
N GLU C 175 4.62 28.22 -14.13
CA GLU C 175 3.65 28.96 -14.90
C GLU C 175 4.33 30.13 -15.61
N GLY C 176 3.89 30.40 -16.84
CA GLY C 176 4.43 31.49 -17.62
C GLY C 176 3.73 32.82 -17.37
N ASN C 177 4.26 33.85 -18.03
CA ASN C 177 3.71 35.18 -18.11
C ASN C 177 2.40 35.16 -18.91
N SER C 178 1.70 36.31 -18.97
CA SER C 178 0.47 36.45 -19.76
C SER C 178 -0.55 35.37 -19.40
N TYR C 179 -0.79 35.19 -18.10
CA TYR C 179 -1.79 34.25 -17.61
C TYR C 179 -1.48 32.82 -18.02
N THR C 180 -0.22 32.55 -18.32
CA THR C 180 0.27 31.21 -18.70
C THR C 180 -0.64 30.53 -19.72
N GLY C 181 -1.18 31.34 -20.63
CA GLY C 181 -2.10 30.82 -21.64
C GLY C 181 -1.38 29.91 -22.61
N ALA C 182 -1.92 28.71 -22.82
CA ALA C 182 -1.31 27.80 -23.79
C ALA C 182 -1.29 28.43 -25.18
N TRP C 183 -2.40 29.05 -25.60
CA TRP C 183 -2.53 29.49 -26.99
C TRP C 183 -1.59 30.62 -27.35
N THR C 184 -1.06 31.34 -26.36
CA THR C 184 -0.16 32.46 -26.60
C THR C 184 1.26 32.16 -26.13
N TRP C 185 1.55 30.88 -25.81
CA TRP C 185 2.87 30.53 -25.31
C TRP C 185 3.99 31.09 -26.18
N THR C 186 3.82 31.06 -27.50
CA THR C 186 4.89 31.49 -28.39
C THR C 186 4.67 32.87 -28.99
N THR C 187 3.61 33.59 -28.60
CA THR C 187 3.30 34.87 -29.22
C THR C 187 3.22 36.05 -28.25
N ALA C 188 2.57 35.89 -27.09
CA ALA C 188 2.42 37.02 -26.17
C ALA C 188 3.76 37.41 -25.57
N GLU C 189 4.03 38.72 -25.57
CA GLU C 189 5.31 39.24 -25.14
C GLU C 189 5.20 39.87 -23.77
N GLY C 190 6.24 39.69 -22.97
CA GLY C 190 6.31 40.40 -21.71
C GLY C 190 6.68 41.85 -21.96
N THR C 191 6.70 42.63 -20.87
CA THR C 191 7.13 44.03 -20.96
C THR C 191 8.56 44.18 -21.45
N ASP C 192 9.35 43.11 -21.43
CA ASP C 192 10.65 43.11 -22.07
C ASP C 192 10.61 42.59 -23.50
N GLY C 193 9.42 42.51 -24.11
CA GLY C 193 9.32 42.01 -25.49
C GLY C 193 9.49 40.51 -25.67
N LEU C 194 9.54 39.75 -24.59
CA LEU C 194 9.93 38.35 -24.58
C LEU C 194 8.74 37.46 -24.28
N THR C 195 8.60 36.38 -25.04
CA THR C 195 7.49 35.45 -24.88
C THR C 195 7.79 34.38 -23.82
N ASN C 196 6.76 33.60 -23.49
CA ASN C 196 6.98 32.45 -22.62
C ASN C 196 7.90 31.44 -23.28
N ALA C 197 7.76 31.23 -24.59
CA ALA C 197 8.59 30.22 -25.24
C ALA C 197 10.05 30.63 -25.28
N GLN C 198 10.32 31.94 -25.32
CA GLN C 198 11.69 32.44 -25.30
C GLN C 198 12.31 32.36 -23.91
N THR C 199 11.53 32.41 -22.84
CA THR C 199 12.12 32.57 -21.52
C THR C 199 12.01 31.36 -20.60
N MET C 200 10.96 30.52 -20.74
CA MET C 200 10.74 29.42 -19.81
C MET C 200 11.40 28.08 -20.16
N GLY C 201 12.11 27.97 -21.28
CA GLY C 201 12.78 26.72 -21.59
C GLY C 201 13.92 26.40 -20.64
N ASN C 202 14.65 27.41 -20.17
CA ASN C 202 15.91 27.21 -19.44
C ASN C 202 15.75 26.83 -17.97
N LEU C 203 14.55 26.58 -17.48
CA LEU C 203 14.39 26.27 -16.06
C LEU C 203 15.03 24.92 -15.72
N THR C 204 15.77 24.88 -14.62
CA THR C 204 16.47 23.68 -14.19
C THR C 204 15.97 23.22 -12.82
N ASP C 205 16.11 21.92 -12.57
CA ASP C 205 15.70 21.26 -11.35
C ASP C 205 16.56 20.04 -11.10
N PRO C 206 17.30 19.99 -9.98
CA PRO C 206 18.15 18.83 -9.72
C PRO C 206 17.39 17.52 -9.65
N GLU C 207 16.08 17.56 -9.38
CA GLU C 207 15.27 16.36 -9.34
C GLU C 207 14.59 16.05 -10.67
N ASP C 208 14.76 16.92 -11.67
CA ASP C 208 14.20 16.71 -13.01
C ASP C 208 12.70 16.42 -12.92
N LYS C 209 11.99 17.26 -12.17
CA LYS C 209 10.55 17.10 -11.99
C LYS C 209 9.82 18.43 -12.21
N ILE C 210 10.16 19.10 -13.30
CA ILE C 210 9.49 20.33 -13.69
C ILE C 210 8.27 20.00 -14.55
N LEU C 211 7.12 20.53 -14.17
CA LEU C 211 5.88 20.36 -14.92
C LEU C 211 5.46 21.74 -15.44
N TYR C 212 5.50 21.90 -16.77
CA TYR C 212 5.04 23.15 -17.37
C TYR C 212 3.53 23.21 -17.23
N HIS C 213 3.02 24.37 -16.79
CA HIS C 213 1.66 24.48 -16.27
C HIS C 213 0.96 25.60 -17.02
N MET C 214 0.09 25.23 -17.97
CA MET C 214 -0.59 26.17 -18.85
C MET C 214 -2.10 26.14 -18.64
N HIS C 215 -2.75 27.23 -19.04
CA HIS C 215 -4.20 27.37 -18.88
C HIS C 215 -4.83 27.63 -20.24
N GLN C 216 -6.08 27.19 -20.41
CA GLN C 216 -6.76 27.42 -21.69
C GLN C 216 -8.26 27.57 -21.49
N TYR C 217 -8.77 28.77 -21.71
CA TYR C 217 -10.20 29.01 -21.84
C TYR C 217 -10.56 29.11 -23.33
N LEU C 218 -11.86 29.13 -23.60
CA LEU C 218 -12.39 28.87 -24.94
C LEU C 218 -13.26 29.98 -25.50
N ASP C 219 -13.41 31.10 -24.79
CA ASP C 219 -14.09 32.29 -25.30
C ASP C 219 -13.14 33.14 -26.14
N SER C 220 -13.72 34.13 -26.82
CA SER C 220 -12.99 34.94 -27.79
C SER C 220 -11.62 35.41 -27.31
N ASP C 221 -11.58 36.04 -26.16
CA ASP C 221 -10.32 36.58 -25.64
C ASP C 221 -9.63 35.64 -24.66
N GLY C 222 -10.11 34.39 -24.55
CA GLY C 222 -9.44 33.42 -23.71
C GLY C 222 -9.37 33.76 -22.25
N SER C 223 -10.18 34.71 -21.81
CA SER C 223 -10.21 35.09 -20.41
C SER C 223 -11.11 34.20 -19.58
N GLY C 224 -11.88 33.33 -20.23
CA GLY C 224 -12.83 32.51 -19.51
C GLY C 224 -13.88 33.29 -18.77
N THR C 225 -14.19 34.50 -19.22
CA THR C 225 -15.22 35.31 -18.58
C THR C 225 -16.55 35.29 -19.31
N SER C 226 -16.63 34.68 -20.49
CA SER C 226 -17.86 34.61 -21.26
C SER C 226 -18.27 33.16 -21.44
N SER C 227 -19.57 32.91 -21.45
CA SER C 227 -20.06 31.55 -21.63
C SER C 227 -20.11 31.11 -23.09
N THR C 228 -19.74 31.97 -24.04
CA THR C 228 -19.69 31.60 -25.45
C THR C 228 -18.32 31.02 -25.77
N CYS C 229 -18.28 29.80 -26.28
CA CYS C 229 -17.06 29.24 -26.81
C CYS C 229 -17.02 29.53 -28.31
N VAL C 230 -15.85 29.99 -28.80
CA VAL C 230 -15.75 30.46 -30.18
C VAL C 230 -16.34 29.44 -31.16
N ASN C 231 -15.86 28.20 -31.10
CA ASN C 231 -16.40 27.17 -31.98
C ASN C 231 -16.05 25.80 -31.42
N SER C 232 -16.51 24.76 -32.12
CA SER C 232 -16.50 23.42 -31.56
C SER C 232 -15.12 22.80 -31.53
N THR C 233 -14.11 23.43 -32.13
CA THR C 233 -12.76 22.90 -32.08
C THR C 233 -11.77 23.91 -31.52
N ILE C 234 -12.26 25.00 -30.93
CA ILE C 234 -11.38 26.08 -30.49
C ILE C 234 -10.38 25.61 -29.44
N GLY C 235 -10.74 24.56 -28.68
CA GLY C 235 -9.88 24.13 -27.58
C GLY C 235 -8.63 23.41 -28.07
N ALA C 236 -8.80 22.38 -28.90
CA ALA C 236 -7.63 21.63 -29.38
C ALA C 236 -6.73 22.51 -30.25
N THR C 237 -7.32 23.37 -31.08
CA THR C 237 -6.49 24.18 -31.97
C THR C 237 -5.66 25.20 -31.18
N ARG C 238 -6.19 25.72 -30.09
CA ARG C 238 -5.41 26.64 -29.26
C ARG C 238 -4.26 25.97 -28.54
N LEU C 239 -4.21 24.63 -28.49
CA LEU C 239 -3.12 23.95 -27.80
C LEU C 239 -1.98 23.55 -28.74
N MET C 240 -2.16 23.65 -30.05
CA MET C 240 -1.18 23.04 -30.94
C MET C 240 0.17 23.76 -30.94
N ASP C 241 0.18 25.09 -30.80
CA ASP C 241 1.45 25.82 -30.75
C ASP C 241 2.29 25.38 -29.56
N ALA C 242 1.66 25.30 -28.38
CA ALA C 242 2.38 24.88 -27.18
C ALA C 242 2.80 23.41 -27.28
N THR C 243 1.95 22.56 -27.87
CA THR C 243 2.32 21.16 -28.00
C THR C 243 3.61 21.02 -28.78
N ALA C 244 3.77 21.81 -29.85
CA ALA C 244 4.98 21.73 -30.66
C ALA C 244 6.19 22.19 -29.87
N TRP C 245 6.05 23.30 -29.13
CA TRP C 245 7.15 23.79 -28.30
C TRP C 245 7.57 22.75 -27.28
N LEU C 246 6.60 22.10 -26.63
CA LEU C 246 6.94 21.09 -25.62
C LEU C 246 7.68 19.92 -26.26
N LYS C 247 7.22 19.46 -27.43
CA LYS C 247 7.92 18.36 -28.09
C LYS C 247 9.31 18.76 -28.53
N SER C 248 9.44 19.95 -29.15
CA SER C 248 10.72 20.42 -29.62
C SER C 248 11.70 20.70 -28.47
N ASN C 249 11.20 21.06 -27.30
CA ASN C 249 12.09 21.34 -26.18
C ASN C 249 12.12 20.22 -25.16
N ASN C 250 11.47 19.09 -25.44
CA ASN C 250 11.52 17.92 -24.57
C ASN C 250 11.08 18.29 -23.16
N LYS C 251 9.97 19.01 -23.07
CA LYS C 251 9.31 19.32 -21.81
C LYS C 251 7.98 18.59 -21.74
N ILE C 252 7.47 18.47 -20.51
CA ILE C 252 6.13 17.94 -20.29
C ILE C 252 5.33 18.99 -19.52
N ALA C 253 4.00 18.85 -19.63
CA ALA C 253 3.12 19.93 -19.24
C ALA C 253 1.83 19.37 -18.68
N ILE C 254 1.06 20.28 -18.10
CA ILE C 254 -0.26 20.00 -17.54
C ILE C 254 -1.12 21.23 -17.81
N LEU C 255 -2.41 21.00 -18.04
CA LEU C 255 -3.38 22.06 -18.31
C LEU C 255 -4.07 22.35 -16.98
N GLY C 256 -3.54 23.33 -16.24
CA GLY C 256 -3.91 23.51 -14.84
C GLY C 256 -5.26 24.16 -14.63
N GLN C 257 -5.80 24.82 -15.66
CA GLN C 257 -7.13 25.43 -15.67
C GLN C 257 -7.69 25.35 -17.08
N TYR C 258 -8.95 24.95 -17.20
CA TYR C 258 -9.71 25.03 -18.44
C TYR C 258 -11.18 24.93 -18.06
N ALA C 259 -12.05 25.48 -18.92
CA ALA C 259 -13.48 25.42 -18.66
C ALA C 259 -14.26 25.73 -19.93
N GLY C 260 -15.42 25.07 -20.05
CA GLY C 260 -16.44 25.49 -20.98
C GLY C 260 -17.75 25.63 -20.23
N ALA C 261 -18.62 26.46 -20.77
CA ALA C 261 -19.93 26.64 -20.16
C ALA C 261 -20.86 25.51 -20.58
N VAL C 262 -22.01 25.42 -19.93
CA VAL C 262 -22.95 24.34 -20.17
C VAL C 262 -23.75 24.68 -21.42
N ASN C 263 -23.16 24.41 -22.57
CA ASN C 263 -23.87 24.52 -23.84
C ASN C 263 -23.16 23.62 -24.83
N SER C 264 -23.87 23.30 -25.91
CA SER C 264 -23.39 22.22 -26.78
C SER C 264 -22.06 22.55 -27.44
N VAL C 265 -21.88 23.79 -27.92
CA VAL C 265 -20.62 24.12 -28.60
C VAL C 265 -19.46 24.04 -27.61
N CYS C 266 -19.63 24.60 -26.41
CA CYS C 266 -18.62 24.47 -25.37
C CYS C 266 -18.35 23.01 -25.04
N GLU C 267 -19.40 22.21 -24.83
CA GLU C 267 -19.23 20.80 -24.48
C GLU C 267 -18.40 20.07 -25.53
N GLU C 268 -18.79 20.20 -26.80
CA GLU C 268 -18.01 19.62 -27.89
C GLU C 268 -16.58 20.15 -27.89
N ALA C 269 -16.39 21.46 -27.70
CA ALA C 269 -15.04 22.00 -27.69
C ALA C 269 -14.21 21.44 -26.53
N VAL C 270 -14.83 21.23 -25.37
CA VAL C 270 -14.10 20.67 -24.23
C VAL C 270 -13.69 19.24 -24.52
N GLU C 271 -14.62 18.40 -25.00
CA GLU C 271 -14.27 17.02 -25.31
C GLU C 271 -13.14 16.98 -26.33
N GLY C 272 -13.20 17.82 -27.34
CA GLY C 272 -12.19 17.78 -28.39
C GLY C 272 -10.79 18.11 -27.87
N MET C 273 -10.72 19.00 -26.88
CA MET C 273 -9.40 19.35 -26.32
C MET C 273 -8.87 18.23 -25.44
N LEU C 274 -9.72 17.65 -24.59
CA LEU C 274 -9.28 16.52 -23.78
C LEU C 274 -8.90 15.33 -24.67
N ASP C 275 -9.64 15.14 -25.76
CA ASP C 275 -9.26 14.12 -26.74
C ASP C 275 -7.89 14.42 -27.33
N TYR C 276 -7.65 15.69 -27.68
CA TYR C 276 -6.34 16.13 -28.16
C TYR C 276 -5.26 15.85 -27.13
N ILE C 277 -5.50 16.22 -25.85
CA ILE C 277 -4.52 15.95 -24.81
C ILE C 277 -4.24 14.45 -24.72
N ASP C 278 -5.28 13.63 -24.83
CA ASP C 278 -5.08 12.18 -24.83
C ASP C 278 -4.15 11.74 -25.95
N GLU C 279 -4.41 12.21 -27.20
CA GLU C 279 -3.58 11.85 -28.35
C GLU C 279 -2.17 12.41 -28.27
N ASN C 280 -1.94 13.40 -27.42
CA ASN C 280 -0.63 14.02 -27.30
C ASN C 280 -0.11 13.86 -25.87
N SER C 281 -0.41 12.71 -25.26
CA SER C 281 -0.04 12.44 -23.87
C SER C 281 1.47 12.30 -23.66
N ASP C 282 2.25 12.22 -24.74
CA ASP C 282 3.70 12.26 -24.60
C ASP C 282 4.18 13.58 -23.98
N VAL C 283 3.46 14.69 -24.18
CA VAL C 283 3.83 15.95 -23.53
C VAL C 283 2.74 16.54 -22.63
N TRP C 284 1.46 16.14 -22.77
CA TRP C 284 0.40 16.61 -21.88
C TRP C 284 0.08 15.51 -20.85
N THR C 285 0.39 15.78 -19.58
CA THR C 285 0.15 14.78 -18.54
C THR C 285 -1.27 14.79 -18.00
N GLY C 286 -2.12 15.71 -18.41
CA GLY C 286 -3.47 15.76 -17.91
C GLY C 286 -3.99 17.18 -17.80
N ALA C 287 -5.14 17.30 -17.12
CA ALA C 287 -5.94 18.52 -17.19
C ALA C 287 -6.75 18.68 -15.91
N ILE C 288 -6.92 19.94 -15.48
CA ILE C 288 -7.55 20.30 -14.22
C ILE C 288 -8.64 21.34 -14.48
N TRP C 289 -9.88 20.96 -14.23
CA TRP C 289 -11.03 21.82 -14.52
C TRP C 289 -11.08 23.02 -13.58
N TRP C 290 -11.51 24.17 -14.11
CA TRP C 290 -11.78 25.35 -13.30
C TRP C 290 -13.30 25.57 -13.29
N ALA C 291 -13.95 25.35 -12.14
CA ALA C 291 -13.34 24.95 -10.87
C ALA C 291 -14.41 24.28 -10.02
N ALA C 292 -13.98 23.60 -8.98
CA ALA C 292 -14.85 23.18 -7.88
C ALA C 292 -14.68 24.14 -6.71
N GLY C 293 -15.38 23.87 -5.60
CA GLY C 293 -15.36 24.78 -4.46
C GLY C 293 -16.74 25.04 -3.88
N PRO C 294 -16.80 25.33 -2.58
CA PRO C 294 -18.10 25.34 -1.88
C PRO C 294 -18.85 26.65 -1.98
N TRP C 295 -18.21 27.73 -2.46
CA TRP C 295 -18.82 29.05 -2.44
C TRP C 295 -19.08 29.60 -3.84
N TRP C 296 -19.20 28.73 -4.84
CA TRP C 296 -19.37 29.18 -6.22
C TRP C 296 -20.83 29.50 -6.56
N GLY C 297 -21.78 28.93 -5.84
CA GLY C 297 -23.17 29.18 -6.20
C GLY C 297 -23.42 28.67 -7.61
N ASP C 298 -24.06 29.49 -8.44
CA ASP C 298 -24.40 29.14 -9.82
C ASP C 298 -23.37 29.66 -10.83
N TYR C 299 -22.10 29.71 -10.44
CA TYR C 299 -21.03 30.08 -11.36
C TYR C 299 -21.08 29.20 -12.60
N MET C 300 -20.91 29.81 -13.78
CA MET C 300 -21.06 29.05 -15.03
C MET C 300 -20.19 27.81 -15.09
N PHE C 301 -19.05 27.81 -14.37
CA PHE C 301 -18.06 26.74 -14.50
C PHE C 301 -18.00 25.83 -13.28
N SER C 302 -18.86 26.03 -12.29
CA SER C 302 -18.71 25.29 -11.05
C SER C 302 -19.18 23.85 -11.27
N VAL C 303 -18.28 22.90 -10.99
CA VAL C 303 -18.63 21.49 -10.94
C VAL C 303 -18.72 20.98 -9.51
N GLU C 304 -18.89 21.89 -8.54
CA GLU C 304 -19.13 21.44 -7.18
C GLU C 304 -20.39 20.57 -7.18
N PRO C 305 -20.35 19.36 -6.60
CA PRO C 305 -21.44 18.41 -6.85
C PRO C 305 -22.81 18.90 -6.40
N ASP C 306 -22.94 19.40 -5.18
CA ASP C 306 -24.29 19.59 -4.68
C ASP C 306 -25.01 20.74 -5.38
N ASN C 307 -24.27 21.72 -5.92
CA ASN C 307 -24.97 22.82 -6.57
C ASN C 307 -24.26 23.42 -7.78
N GLY C 308 -23.20 22.80 -8.29
CA GLY C 308 -22.53 23.33 -9.45
C GLY C 308 -23.32 23.10 -10.73
N PRO C 309 -23.67 24.19 -11.43
CA PRO C 309 -24.47 24.02 -12.66
C PRO C 309 -23.78 23.20 -13.72
N ALA C 310 -22.46 23.17 -13.73
CA ALA C 310 -21.69 22.42 -14.72
C ALA C 310 -21.40 20.97 -14.31
N TYR C 311 -21.83 20.54 -13.14
CA TYR C 311 -21.43 19.22 -12.65
C TYR C 311 -21.94 18.10 -13.58
N SER C 312 -23.26 18.01 -13.79
CA SER C 312 -23.82 16.84 -14.48
C SER C 312 -23.27 16.70 -15.89
N THR C 313 -22.92 17.82 -16.54
CA THR C 313 -22.37 17.82 -17.90
C THR C 313 -20.89 17.47 -17.90
N TYR C 314 -20.10 18.13 -17.06
CA TYR C 314 -18.65 18.03 -17.19
C TYR C 314 -17.99 17.06 -16.23
N ASP C 315 -18.64 16.68 -15.13
CA ASP C 315 -18.09 15.61 -14.29
C ASP C 315 -17.81 14.34 -15.09
N PRO C 316 -18.76 13.79 -15.87
CA PRO C 316 -18.45 12.61 -16.70
C PRO C 316 -17.35 12.86 -17.73
N ILE C 317 -17.30 14.06 -18.31
CA ILE C 317 -16.29 14.35 -19.31
C ILE C 317 -14.90 14.31 -18.68
N ILE C 318 -14.74 14.86 -17.48
CA ILE C 318 -13.43 14.82 -16.83
C ILE C 318 -12.99 13.38 -16.63
N LEU C 319 -13.92 12.50 -16.26
CA LEU C 319 -13.57 11.11 -15.97
C LEU C 319 -13.27 10.31 -17.23
N GLU C 320 -13.46 10.89 -18.41
CA GLU C 320 -13.14 10.26 -19.71
C GLU C 320 -14.29 9.39 -20.23
N ARG D 14 5.87 4.34 17.15
CA ARG D 14 4.84 4.65 16.16
C ARG D 14 3.42 4.28 16.60
N PHE D 15 3.26 3.13 17.28
CA PHE D 15 1.94 2.59 17.62
C PHE D 15 1.78 2.48 19.12
N ALA D 16 0.71 3.07 19.65
CA ALA D 16 0.39 3.03 21.08
C ALA D 16 -1.11 3.04 21.24
N GLY D 17 -1.65 2.03 21.91
CA GLY D 17 -3.08 1.92 22.00
C GLY D 17 -3.51 0.78 22.89
N VAL D 18 -4.69 0.21 22.59
CA VAL D 18 -5.34 -0.73 23.48
C VAL D 18 -6.04 -1.80 22.65
N ASN D 19 -6.19 -2.97 23.27
CA ASN D 19 -7.08 -3.99 22.77
C ASN D 19 -8.51 -3.58 23.05
N GLU D 20 -9.39 -3.94 22.13
CA GLU D 20 -10.83 -3.88 22.36
C GLU D 20 -11.33 -5.32 22.35
N SER D 21 -11.84 -5.77 23.48
CA SER D 21 -12.27 -7.15 23.62
C SER D 21 -13.69 -7.17 24.15
N GLY D 22 -14.53 -8.02 23.56
CA GLY D 22 -15.94 -8.08 23.89
C GLY D 22 -16.74 -8.77 22.81
N ALA D 23 -16.35 -8.58 21.56
CA ALA D 23 -17.04 -9.24 20.46
C ALA D 23 -16.66 -10.71 20.32
N GLU D 24 -15.58 -11.14 20.97
CA GLU D 24 -15.21 -12.54 21.04
C GLU D 24 -15.70 -13.21 22.32
N PHE D 25 -16.39 -12.47 23.19
CA PHE D 25 -16.83 -13.00 24.47
C PHE D 25 -17.83 -14.14 24.29
N GLY D 26 -17.98 -14.95 25.34
CA GLY D 26 -18.94 -16.05 25.33
C GLY D 26 -18.75 -17.03 24.20
N SER D 27 -17.50 -17.45 23.94
CA SER D 27 -17.20 -18.24 22.76
C SER D 27 -17.68 -19.69 22.87
N ASP D 28 -18.33 -20.04 23.97
CA ASP D 28 -19.05 -21.30 24.10
C ASP D 28 -20.42 -21.25 23.42
N ASN D 29 -20.89 -20.06 23.08
CA ASN D 29 -22.18 -19.87 22.43
C ASN D 29 -21.91 -19.32 21.04
N ILE D 30 -21.96 -20.20 20.04
CA ILE D 30 -21.70 -19.85 18.65
C ILE D 30 -22.96 -20.19 17.85
N PRO D 31 -23.62 -19.22 17.21
CA PRO D 31 -23.20 -17.82 17.03
C PRO D 31 -23.36 -16.93 18.26
N GLY D 32 -24.07 -17.41 19.27
CA GLY D 32 -24.42 -16.57 20.41
C GLY D 32 -25.35 -15.44 20.01
N VAL D 33 -25.70 -14.63 21.01
CA VAL D 33 -26.69 -13.57 20.86
C VAL D 33 -26.03 -12.23 21.18
N TYR D 34 -25.93 -11.35 20.18
CA TYR D 34 -25.45 -10.00 20.40
C TYR D 34 -26.18 -9.36 21.58
N GLY D 35 -25.43 -8.66 22.42
CA GLY D 35 -25.97 -8.05 23.62
C GLY D 35 -26.12 -8.98 24.80
N THR D 36 -26.12 -10.30 24.57
CA THR D 36 -26.17 -11.29 25.65
C THR D 36 -24.84 -12.01 25.81
N ASP D 37 -24.33 -12.64 24.75
CA ASP D 37 -23.05 -13.33 24.83
C ASP D 37 -21.86 -12.47 24.44
N TYR D 38 -22.05 -11.51 23.52
CA TYR D 38 -20.96 -10.64 23.10
C TYR D 38 -21.53 -9.27 22.80
N THR D 39 -20.61 -8.32 22.62
CA THR D 39 -21.00 -6.95 22.32
C THR D 39 -19.90 -6.36 21.44
N TRP D 40 -20.19 -5.21 20.85
CA TRP D 40 -19.17 -4.48 20.12
C TRP D 40 -18.70 -3.30 20.97
N TYR D 41 -17.91 -2.41 20.38
CA TYR D 41 -17.07 -1.54 21.19
C TYR D 41 -17.65 -0.14 21.34
N ASN D 42 -17.20 0.56 22.38
CA ASN D 42 -17.75 1.85 22.77
C ASN D 42 -16.98 2.92 22.01
N THR D 43 -17.60 3.49 20.97
CA THR D 43 -16.87 4.42 20.14
C THR D 43 -16.59 5.72 20.89
N THR D 44 -17.47 6.12 21.81
CA THR D 44 -17.18 7.29 22.63
C THR D 44 -15.87 7.12 23.39
N ALA D 45 -15.67 5.95 23.99
CA ALA D 45 -14.42 5.70 24.71
C ALA D 45 -13.24 5.62 23.76
N MET D 46 -13.44 5.09 22.56
CA MET D 46 -12.35 5.02 21.59
C MET D 46 -11.99 6.41 21.10
N GLY D 47 -12.97 7.29 20.93
CA GLY D 47 -12.68 8.65 20.53
C GLY D 47 -11.90 9.40 21.60
N GLU D 48 -12.31 9.24 22.86
CA GLU D 48 -11.55 9.78 23.98
C GLU D 48 -10.10 9.30 23.92
N PHE D 49 -9.89 7.99 23.75
CA PHE D 49 -8.52 7.49 23.63
C PHE D 49 -7.80 8.14 22.46
N ILE D 50 -8.52 8.35 21.36
CA ILE D 50 -7.88 8.93 20.18
C ILE D 50 -7.49 10.38 20.45
N SER D 51 -8.34 11.13 21.17
CA SER D 51 -8.01 12.50 21.55
C SER D 51 -6.76 12.54 22.41
N GLN D 52 -6.64 11.63 23.37
CA GLN D 52 -5.44 11.61 24.22
C GLN D 52 -4.18 11.33 23.41
N GLY D 53 -4.30 10.70 22.25
CA GLY D 53 -3.16 10.43 21.39
C GLY D 53 -2.90 8.97 21.06
N MET D 54 -3.75 8.04 21.47
CA MET D 54 -3.54 6.65 21.06
C MET D 54 -3.91 6.48 19.59
N ASN D 55 -3.14 5.63 18.88
CA ASN D 55 -3.30 5.52 17.44
C ASN D 55 -3.44 4.08 16.95
N ILE D 56 -3.75 3.12 17.82
CA ILE D 56 -4.07 1.77 17.34
C ILE D 56 -5.06 1.13 18.29
N PHE D 57 -6.01 0.40 17.70
CA PHE D 57 -7.05 -0.33 18.42
C PHE D 57 -7.13 -1.73 17.85
N ARG D 58 -6.84 -2.74 18.67
CA ARG D 58 -6.87 -4.14 18.25
C ARG D 58 -8.28 -4.67 18.52
N LEU D 59 -9.04 -4.85 17.45
CA LEU D 59 -10.45 -5.21 17.55
C LEU D 59 -10.54 -6.74 17.48
N ASN D 60 -10.86 -7.37 18.60
CA ASN D 60 -10.93 -8.83 18.66
C ASN D 60 -12.32 -9.32 18.27
N LEU D 61 -12.36 -10.49 17.65
CA LEU D 61 -13.62 -11.07 17.19
C LEU D 61 -13.42 -12.57 17.04
N LEU D 62 -14.52 -13.26 16.72
CA LEU D 62 -14.54 -14.71 16.54
C LEU D 62 -14.67 -15.08 15.07
N MET D 63 -13.76 -15.94 14.60
CA MET D 63 -13.81 -16.48 13.24
C MET D 63 -15.19 -17.02 12.91
N GLU D 64 -15.77 -17.78 13.85
CA GLU D 64 -17.04 -18.47 13.60
C GLU D 64 -18.22 -17.51 13.51
N ARG D 65 -18.17 -16.37 14.21
CA ARG D 65 -19.21 -15.36 14.06
C ARG D 65 -19.05 -14.54 12.78
N LEU D 66 -17.82 -14.34 12.31
CA LEU D 66 -17.59 -13.55 11.11
C LEU D 66 -17.80 -14.38 9.83
N VAL D 67 -17.34 -15.62 9.83
CA VAL D 67 -17.57 -16.57 8.72
C VAL D 67 -18.06 -17.88 9.34
N PRO D 68 -19.36 -18.09 9.45
CA PRO D 68 -19.87 -19.29 10.09
C PRO D 68 -19.69 -20.56 9.25
N ASN D 69 -19.63 -21.70 9.95
CA ASN D 69 -19.80 -23.05 9.42
C ASN D 69 -18.57 -23.60 8.71
N THR D 70 -18.17 -22.94 7.64
CA THR D 70 -16.97 -23.30 6.88
C THR D 70 -16.23 -22.01 6.59
N MET D 71 -14.92 -22.02 6.76
CA MET D 71 -14.22 -20.74 6.71
C MET D 71 -14.01 -20.26 5.28
N THR D 72 -14.33 -21.09 4.29
CA THR D 72 -14.40 -20.67 2.90
C THR D 72 -15.73 -20.00 2.56
N GLY D 73 -16.63 -19.87 3.54
CA GLY D 73 -17.98 -19.39 3.30
C GLY D 73 -18.10 -17.88 3.30
N PRO D 74 -19.33 -17.39 3.08
CA PRO D 74 -19.59 -15.95 3.15
C PRO D 74 -19.54 -15.45 4.58
N MET D 75 -19.55 -14.12 4.69
CA MET D 75 -19.40 -13.42 5.95
C MET D 75 -20.80 -13.10 6.47
N ASN D 76 -21.00 -13.24 7.79
CA ASN D 76 -22.27 -12.85 8.38
C ASN D 76 -22.44 -11.34 8.31
N ALA D 77 -23.58 -10.89 7.77
CA ALA D 77 -23.74 -9.47 7.45
C ALA D 77 -23.77 -8.62 8.72
N ASP D 78 -24.53 -9.05 9.73
CA ASP D 78 -24.67 -8.25 10.95
C ASP D 78 -23.35 -8.10 11.70
N TYR D 79 -22.65 -9.22 11.93
CA TYR D 79 -21.34 -9.19 12.57
C TYR D 79 -20.35 -8.39 11.76
N LEU D 80 -20.29 -8.65 10.44
CA LEU D 80 -19.37 -7.89 9.59
C LEU D 80 -19.72 -6.41 9.59
N GLY D 81 -21.02 -6.10 9.65
CA GLY D 81 -21.42 -4.69 9.63
C GLY D 81 -21.00 -3.98 10.90
N ASN D 82 -21.17 -4.64 12.04
CA ASN D 82 -20.68 -4.08 13.29
C ASN D 82 -19.16 -3.92 13.26
N LEU D 83 -18.45 -4.89 12.70
CA LEU D 83 -17.00 -4.78 12.63
C LEU D 83 -16.59 -3.58 11.79
N THR D 84 -17.23 -3.41 10.64
CA THR D 84 -16.88 -2.33 9.73
C THR D 84 -17.14 -0.98 10.39
N LYS D 85 -18.28 -0.86 11.08
CA LYS D 85 -18.59 0.37 11.79
C LYS D 85 -17.51 0.74 12.79
N ASP D 86 -17.10 -0.21 13.64
CA ASP D 86 -16.06 0.09 14.62
C ASP D 86 -14.74 0.40 13.95
N VAL D 87 -14.41 -0.34 12.89
CA VAL D 87 -13.18 -0.06 12.13
C VAL D 87 -13.24 1.35 11.55
N ASN D 88 -14.35 1.70 10.91
CA ASN D 88 -14.40 2.99 10.24
C ASN D 88 -14.36 4.13 11.23
N TYR D 89 -14.92 3.95 12.42
CA TYR D 89 -14.79 5.00 13.43
C TYR D 89 -13.33 5.25 13.76
N VAL D 90 -12.56 4.19 13.96
CA VAL D 90 -11.16 4.38 14.33
C VAL D 90 -10.39 5.02 13.17
N THR D 91 -10.57 4.49 11.97
CA THR D 91 -9.74 4.88 10.85
C THR D 91 -10.13 6.25 10.30
N ASP D 92 -11.41 6.63 10.41
CA ASP D 92 -11.79 7.96 9.99
C ASP D 92 -11.07 9.04 10.78
N LYS D 93 -10.68 8.73 12.02
CA LYS D 93 -9.95 9.67 12.85
C LYS D 93 -8.45 9.42 12.83
N GLY D 94 -7.96 8.60 11.92
CA GLY D 94 -6.53 8.53 11.67
C GLY D 94 -5.79 7.48 12.45
N ALA D 95 -6.45 6.77 13.36
CA ALA D 95 -5.86 5.68 14.11
C ALA D 95 -5.96 4.38 13.32
N TYR D 96 -5.04 3.47 13.61
CA TYR D 96 -5.06 2.15 13.01
C TYR D 96 -6.09 1.26 13.69
N ALA D 97 -6.73 0.40 12.92
CA ALA D 97 -7.65 -0.61 13.44
C ALA D 97 -7.17 -1.97 12.98
N MET D 98 -6.79 -2.81 13.93
CA MET D 98 -6.27 -4.12 13.59
C MET D 98 -7.35 -5.18 13.82
N ILE D 99 -7.57 -6.01 12.80
CA ILE D 99 -8.65 -6.99 12.80
C ILE D 99 -8.04 -8.31 13.24
N THR D 100 -8.50 -8.82 14.37
CA THR D 100 -7.87 -9.94 15.07
C THR D 100 -8.91 -11.04 15.31
N PRO D 101 -8.93 -12.09 14.49
CA PRO D 101 -9.68 -13.31 14.84
C PRO D 101 -9.09 -13.96 16.09
N HIS D 102 -9.86 -13.93 17.18
CA HIS D 102 -9.37 -14.33 18.51
C HIS D 102 -9.62 -15.84 18.71
N ASN D 103 -8.83 -16.64 17.97
CA ASN D 103 -9.19 -18.05 17.78
C ASN D 103 -8.10 -19.08 18.08
N TYR D 104 -6.90 -18.67 18.46
CA TYR D 104 -5.87 -19.62 18.90
C TYR D 104 -5.55 -20.67 17.84
N GLY D 105 -5.67 -20.31 16.56
CA GLY D 105 -5.38 -21.28 15.52
C GLY D 105 -6.40 -22.37 15.38
N ARG D 106 -7.62 -22.16 15.89
CA ARG D 106 -8.65 -23.19 15.94
C ARG D 106 -9.96 -22.62 15.43
N TYR D 107 -10.72 -23.48 14.77
CA TYR D 107 -12.02 -23.14 14.20
C TYR D 107 -13.01 -24.20 14.68
N TYR D 108 -14.06 -23.77 15.36
CA TYR D 108 -14.98 -24.69 16.03
C TYR D 108 -14.22 -25.65 16.97
N GLY D 109 -13.15 -25.16 17.61
CA GLY D 109 -12.41 -25.97 18.58
C GLY D 109 -11.37 -26.89 18.01
N ASN D 110 -11.30 -27.05 16.69
CA ASN D 110 -10.32 -27.94 16.07
C ASN D 110 -9.18 -27.15 15.44
N ILE D 111 -7.97 -27.69 15.54
CA ILE D 111 -6.82 -27.01 14.97
C ILE D 111 -7.04 -26.82 13.47
N ILE D 112 -6.74 -25.61 12.99
CA ILE D 112 -6.87 -25.28 11.58
C ILE D 112 -5.68 -25.93 10.87
N ASN D 113 -5.89 -27.04 10.14
CA ASN D 113 -4.78 -27.65 9.41
C ASN D 113 -4.92 -27.58 7.89
N SER D 114 -5.83 -26.78 7.36
CA SER D 114 -5.97 -26.59 5.92
C SER D 114 -5.49 -25.19 5.58
N THR D 115 -4.22 -25.08 5.17
CA THR D 115 -3.70 -23.80 4.75
C THR D 115 -4.51 -23.22 3.60
N SER D 116 -5.04 -24.08 2.73
CA SER D 116 -5.88 -23.60 1.63
C SER D 116 -7.13 -22.93 2.16
N ASP D 117 -7.83 -23.59 3.09
CA ASP D 117 -9.03 -23.00 3.68
C ASP D 117 -8.70 -21.69 4.40
N PHE D 118 -7.56 -21.64 5.09
CA PHE D 118 -7.20 -20.47 5.89
C PHE D 118 -6.88 -19.29 4.98
N GLU D 119 -6.24 -19.56 3.85
CA GLU D 119 -6.00 -18.50 2.89
C GLU D 119 -7.32 -17.93 2.38
N ALA D 120 -8.30 -18.81 2.12
CA ALA D 120 -9.59 -18.37 1.60
C ALA D 120 -10.33 -17.51 2.62
N PHE D 121 -10.33 -17.93 3.89
CA PHE D 121 -10.89 -17.09 4.94
C PHE D 121 -10.29 -15.69 4.86
N TRP D 122 -8.98 -15.60 4.74
CA TRP D 122 -8.35 -14.29 4.82
C TRP D 122 -8.55 -13.47 3.56
N LYS D 123 -8.59 -14.12 2.38
CA LYS D 123 -8.98 -13.40 1.18
C LYS D 123 -10.37 -12.80 1.35
N THR D 124 -11.29 -13.57 1.96
CA THR D 124 -12.65 -13.11 2.19
C THR D 124 -12.68 -11.88 3.08
N VAL D 125 -11.99 -11.95 4.21
CA VAL D 125 -12.04 -10.85 5.17
C VAL D 125 -11.32 -9.62 4.63
N ALA D 126 -10.09 -9.79 4.16
CA ALA D 126 -9.35 -8.67 3.58
C ALA D 126 -10.15 -7.99 2.49
N GLY D 127 -10.81 -8.77 1.65
CA GLY D 127 -11.65 -8.18 0.62
C GLY D 127 -12.57 -7.10 1.16
N ALA D 128 -13.04 -7.25 2.40
CA ALA D 128 -13.97 -6.25 2.92
C ALA D 128 -13.29 -4.98 3.39
N PHE D 129 -11.96 -4.96 3.45
CA PHE D 129 -11.23 -3.77 3.91
C PHE D 129 -10.05 -3.44 3.01
N LYS D 130 -10.07 -3.86 1.74
CA LYS D 130 -8.89 -3.76 0.89
C LYS D 130 -8.45 -2.32 0.64
N ASP D 131 -9.35 -1.35 0.76
CA ASP D 131 -9.01 0.03 0.43
C ASP D 131 -8.83 0.91 1.66
N ASN D 132 -8.86 0.33 2.86
CA ASN D 132 -8.63 1.09 4.09
C ASN D 132 -7.18 0.89 4.49
N ASP D 133 -6.34 1.88 4.17
CA ASP D 133 -4.92 1.74 4.46
C ASP D 133 -4.59 1.93 5.93
N LEU D 134 -5.57 2.26 6.77
CA LEU D 134 -5.34 2.31 8.20
C LEU D 134 -5.71 1.01 8.90
N VAL D 135 -6.08 -0.02 8.15
CA VAL D 135 -6.39 -1.32 8.72
C VAL D 135 -5.13 -2.15 8.79
N MET D 136 -5.02 -2.91 9.87
CA MET D 136 -4.04 -3.96 10.09
C MET D 136 -4.74 -5.32 10.09
N PHE D 137 -4.08 -6.34 9.58
CA PHE D 137 -4.61 -7.70 9.60
C PHE D 137 -3.75 -8.57 10.50
N ASP D 138 -4.38 -9.24 11.47
CA ASP D 138 -3.73 -10.08 12.46
C ASP D 138 -4.19 -11.51 12.26
N THR D 139 -3.26 -12.39 11.86
CA THR D 139 -3.73 -13.62 11.24
C THR D 139 -4.54 -14.47 12.20
N ASN D 140 -4.19 -14.46 13.47
CA ASN D 140 -4.97 -15.22 14.43
C ASN D 140 -4.35 -15.00 15.81
N ASN D 141 -5.18 -14.88 16.83
CA ASN D 141 -4.69 -14.56 18.18
C ASN D 141 -4.14 -15.81 18.84
N GLN D 142 -2.85 -15.80 19.16
CA GLN D 142 -2.20 -16.78 20.02
C GLN D 142 -2.43 -18.24 19.55
N TYR D 143 -1.78 -18.61 18.45
CA TYR D 143 -1.68 -20.04 18.17
C TYR D 143 -1.04 -20.74 19.37
N TYR D 144 -1.50 -21.96 19.66
CA TYR D 144 -0.88 -22.73 20.72
C TYR D 144 -1.09 -24.22 20.47
N GLY D 145 -0.16 -25.03 20.97
CA GLY D 145 -0.32 -26.48 20.96
C GLY D 145 -0.50 -27.05 19.57
N MET D 146 0.34 -26.60 18.64
CA MET D 146 0.36 -27.12 17.27
C MET D 146 1.80 -27.24 16.79
N ALA D 147 1.94 -27.68 15.54
CA ALA D 147 3.26 -27.75 14.92
C ALA D 147 3.73 -26.33 14.59
N GLY D 148 5.01 -26.07 14.86
CA GLY D 148 5.57 -24.78 14.51
C GLY D 148 5.54 -24.53 13.01
N GLN D 149 5.78 -25.57 12.21
CA GLN D 149 5.73 -25.39 10.77
C GLN D 149 4.32 -25.04 10.32
N LEU D 150 3.31 -25.68 10.89
CA LEU D 150 1.94 -25.37 10.51
C LEU D 150 1.60 -23.92 10.85
N VAL D 151 2.02 -23.46 12.03
CA VAL D 151 1.74 -22.08 12.42
C VAL D 151 2.37 -21.12 11.43
N ALA D 152 3.63 -21.36 11.07
CA ALA D 152 4.27 -20.54 10.05
C ALA D 152 3.52 -20.63 8.73
N ASP D 153 3.19 -21.84 8.29
CA ASP D 153 2.51 -22.01 7.00
C ASP D 153 1.15 -21.32 7.00
N LEU D 154 0.46 -21.36 8.14
CA LEU D 154 -0.81 -20.64 8.26
C LEU D 154 -0.60 -19.13 8.14
N ASN D 155 0.42 -18.59 8.80
CA ASN D 155 0.68 -17.15 8.67
C ASN D 155 0.98 -16.79 7.21
N GLN D 156 1.75 -17.64 6.53
CA GLN D 156 2.07 -17.40 5.12
C GLN D 156 0.82 -17.44 4.27
N ALA D 157 -0.01 -18.47 4.46
CA ALA D 157 -1.28 -18.58 3.73
C ALA D 157 -2.18 -17.37 4.00
N ALA D 158 -2.10 -16.80 5.21
CA ALA D 158 -2.88 -15.62 5.51
C ALA D 158 -2.37 -14.41 4.73
N ILE D 159 -1.05 -14.20 4.70
CA ILE D 159 -0.48 -13.13 3.88
C ILE D 159 -0.94 -13.28 2.43
N ASN D 160 -0.80 -14.50 1.90
CA ASN D 160 -1.16 -14.76 0.51
C ASN D 160 -2.62 -14.44 0.25
N GLY D 161 -3.51 -14.83 1.16
CA GLY D 161 -4.92 -14.51 1.01
C GLY D 161 -5.19 -13.02 1.04
N ILE D 162 -4.57 -12.30 1.99
CA ILE D 162 -4.82 -10.88 2.13
C ILE D 162 -4.36 -10.13 0.89
N ARG D 163 -3.19 -10.49 0.36
CA ARG D 163 -2.71 -9.79 -0.83
C ARG D 163 -3.54 -10.17 -2.05
N ALA D 164 -3.88 -11.47 -2.18
CA ALA D 164 -4.69 -11.92 -3.30
C ALA D 164 -6.01 -11.16 -3.37
N ALA D 165 -6.51 -10.69 -2.23
CA ALA D 165 -7.72 -9.87 -2.19
C ALA D 165 -7.49 -8.43 -2.69
N GLY D 166 -6.26 -8.07 -3.02
CA GLY D 166 -5.98 -6.71 -3.41
C GLY D 166 -5.75 -5.76 -2.26
N ALA D 167 -5.69 -6.27 -1.03
CA ALA D 167 -5.37 -5.47 0.15
C ALA D 167 -3.85 -5.39 0.22
N THR D 168 -3.29 -4.28 -0.27
CA THR D 168 -1.85 -4.19 -0.48
C THR D 168 -1.15 -3.18 0.41
N SER D 169 -1.89 -2.22 1.00
CA SER D 169 -1.30 -1.17 1.82
C SER D 169 -1.19 -1.53 3.29
N GLN D 170 -1.90 -2.57 3.74
CA GLN D 170 -2.03 -2.90 5.16
C GLN D 170 -0.88 -3.76 5.64
N TYR D 171 -0.46 -3.52 6.89
CA TYR D 171 0.50 -4.40 7.56
C TYR D 171 -0.21 -5.68 7.99
N VAL D 172 0.46 -6.81 7.83
CA VAL D 172 -0.05 -8.10 8.30
C VAL D 172 0.71 -8.48 9.56
N ASN D 173 0.00 -8.54 10.69
CA ASN D 173 0.56 -9.01 11.95
C ASN D 173 0.59 -10.52 11.97
N VAL D 174 1.80 -11.09 12.05
CA VAL D 174 2.00 -12.53 12.09
C VAL D 174 2.28 -12.94 13.53
N GLU D 175 1.56 -13.95 14.02
CA GLU D 175 1.71 -14.41 15.40
C GLU D 175 2.29 -15.82 15.41
N GLY D 176 3.16 -16.08 16.40
CA GLY D 176 3.80 -17.36 16.54
C GLY D 176 3.00 -18.34 17.37
N ASN D 177 3.54 -19.56 17.48
CA ASN D 177 3.03 -20.63 18.30
C ASN D 177 3.23 -20.29 19.78
N SER D 178 2.76 -21.17 20.65
CA SER D 178 2.95 -21.02 22.10
C SER D 178 2.51 -19.63 22.58
N TYR D 179 1.31 -19.23 22.16
CA TYR D 179 0.70 -17.97 22.59
C TYR D 179 1.55 -16.75 22.17
N THR D 180 2.30 -16.92 21.08
CA THR D 180 3.21 -15.92 20.52
C THR D 180 3.89 -15.09 21.60
N GLY D 181 4.40 -15.75 22.64
CA GLY D 181 5.08 -15.03 23.72
C GLY D 181 6.48 -14.60 23.31
N ALA D 182 6.80 -13.33 23.56
CA ALA D 182 8.15 -12.84 23.30
C ALA D 182 9.20 -13.64 24.07
N TRP D 183 8.98 -13.87 25.37
CA TRP D 183 10.02 -14.47 26.19
C TRP D 183 10.37 -15.90 25.76
N THR D 184 9.48 -16.57 25.03
CA THR D 184 9.75 -17.94 24.61
C THR D 184 9.95 -18.05 23.11
N TRP D 185 10.08 -16.93 22.41
CA TRP D 185 10.22 -16.97 20.96
C TRP D 185 11.29 -17.95 20.52
N THR D 186 12.35 -18.11 21.31
CA THR D 186 13.52 -18.88 20.90
C THR D 186 13.61 -20.24 21.55
N THR D 187 12.71 -20.57 22.48
CA THR D 187 12.85 -21.77 23.29
C THR D 187 11.66 -22.71 23.22
N ALA D 188 10.43 -22.19 23.24
CA ALA D 188 9.26 -23.05 23.28
C ALA D 188 9.08 -23.77 21.94
N GLU D 189 8.61 -25.03 22.02
CA GLU D 189 8.51 -25.94 20.88
C GLU D 189 7.06 -26.31 20.60
N GLY D 190 6.73 -26.42 19.30
CA GLY D 190 5.45 -26.93 18.89
C GLY D 190 5.39 -28.44 18.96
N THR D 191 4.24 -28.99 18.55
CA THR D 191 4.08 -30.44 18.63
C THR D 191 5.11 -31.17 17.76
N ASP D 192 5.87 -30.43 16.96
CA ASP D 192 6.90 -31.01 16.11
C ASP D 192 8.30 -30.58 16.55
N GLY D 193 8.45 -30.28 17.84
CA GLY D 193 9.73 -29.86 18.38
C GLY D 193 10.28 -28.55 17.83
N LEU D 194 9.61 -27.90 16.89
CA LEU D 194 10.12 -26.68 16.29
C LEU D 194 9.66 -25.47 17.09
N THR D 195 10.50 -24.45 17.13
CA THR D 195 10.21 -23.22 17.85
C THR D 195 9.87 -22.09 16.88
N ASN D 196 9.31 -21.02 17.44
CA ASN D 196 8.97 -19.86 16.62
C ASN D 196 10.19 -19.31 15.90
N ALA D 197 11.33 -19.24 16.59
CA ALA D 197 12.54 -18.69 15.98
C ALA D 197 12.88 -19.41 14.67
N GLN D 198 12.93 -20.74 14.69
CA GLN D 198 13.36 -21.48 13.50
C GLN D 198 12.31 -21.45 12.39
N THR D 199 11.03 -21.36 12.72
CA THR D 199 9.98 -21.44 11.72
C THR D 199 9.51 -20.10 11.18
N MET D 200 9.53 -19.04 11.98
CA MET D 200 8.83 -17.82 11.64
C MET D 200 9.63 -16.85 10.77
N GLY D 201 10.95 -17.05 10.66
CA GLY D 201 11.73 -16.15 9.82
C GLY D 201 11.38 -16.30 8.36
N ASN D 202 11.06 -17.53 7.94
CA ASN D 202 10.87 -17.87 6.54
C ASN D 202 9.82 -17.02 5.83
N LEU D 203 8.89 -16.40 6.58
CA LEU D 203 7.76 -15.71 5.97
C LEU D 203 8.24 -14.66 4.99
N THR D 204 7.53 -14.54 3.86
CA THR D 204 7.72 -13.46 2.90
C THR D 204 6.39 -12.81 2.56
N ASP D 205 6.46 -11.59 2.05
CA ASP D 205 5.31 -10.75 1.73
C ASP D 205 5.60 -9.95 0.46
N PRO D 206 4.84 -10.17 -0.61
CA PRO D 206 5.04 -9.37 -1.84
C PRO D 206 5.14 -7.88 -1.57
N GLU D 207 4.62 -7.39 -0.43
CA GLU D 207 4.67 -5.97 -0.13
C GLU D 207 5.59 -5.64 1.04
N ASP D 208 6.38 -6.60 1.52
CA ASP D 208 7.36 -6.38 2.59
C ASP D 208 6.77 -5.54 3.74
N LYS D 209 5.62 -5.98 4.23
CA LYS D 209 4.93 -5.30 5.33
C LYS D 209 4.54 -6.29 6.42
N ILE D 210 5.44 -7.23 6.72
CA ILE D 210 5.23 -8.18 7.80
C ILE D 210 5.60 -7.52 9.14
N LEU D 211 4.73 -7.70 10.13
CA LEU D 211 4.92 -7.19 11.48
C LEU D 211 4.85 -8.37 12.44
N TYR D 212 5.98 -8.75 13.02
CA TYR D 212 5.95 -9.84 13.97
C TYR D 212 5.22 -9.38 15.24
N HIS D 213 4.25 -10.18 15.67
CA HIS D 213 3.26 -9.76 16.66
C HIS D 213 3.38 -10.68 17.86
N MET D 214 3.95 -10.17 18.96
CA MET D 214 4.24 -10.96 20.14
C MET D 214 3.51 -10.36 21.34
N HIS D 215 3.29 -11.20 22.35
CA HIS D 215 2.61 -10.81 23.57
C HIS D 215 3.55 -11.04 24.75
N GLN D 216 3.37 -10.26 25.81
CA GLN D 216 4.24 -10.40 26.98
C GLN D 216 3.46 -10.06 28.24
N TYR D 217 3.25 -11.06 29.09
CA TYR D 217 2.72 -10.83 30.43
C TYR D 217 3.84 -10.93 31.45
N LEU D 218 3.54 -10.52 32.68
CA LEU D 218 4.59 -10.25 33.66
C LEU D 218 4.48 -11.10 34.92
N ASP D 219 3.52 -12.01 34.99
CA ASP D 219 3.48 -12.91 36.12
C ASP D 219 4.35 -14.14 35.82
N SER D 220 4.41 -15.06 36.78
CA SER D 220 5.44 -16.10 36.74
C SER D 220 5.41 -16.91 35.45
N ASP D 221 4.23 -17.38 35.03
CA ASP D 221 4.14 -18.20 33.83
C ASP D 221 3.77 -17.39 32.59
N GLY D 222 3.85 -16.06 32.67
CA GLY D 222 3.56 -15.23 31.52
C GLY D 222 2.18 -15.48 30.93
N SER D 223 1.22 -15.80 31.79
CA SER D 223 -0.16 -16.01 31.39
C SER D 223 -1.07 -14.83 31.71
N GLY D 224 -0.61 -13.90 32.54
CA GLY D 224 -1.47 -12.83 33.00
C GLY D 224 -2.56 -13.27 33.95
N THR D 225 -2.44 -14.47 34.50
CA THR D 225 -3.44 -14.96 35.46
C THR D 225 -3.37 -14.21 36.79
N SER D 226 -2.16 -13.93 37.27
CA SER D 226 -1.95 -13.36 38.59
C SER D 226 -1.76 -11.85 38.52
N SER D 227 -2.22 -11.15 39.57
CA SER D 227 -1.99 -9.71 39.74
C SER D 227 -0.57 -9.39 40.20
N THR D 228 0.28 -10.39 40.37
CA THR D 228 1.64 -10.20 40.87
C THR D 228 2.62 -10.34 39.72
N CYS D 229 3.46 -9.32 39.54
CA CYS D 229 4.49 -9.35 38.53
C CYS D 229 5.78 -9.86 39.17
N VAL D 230 6.57 -10.63 38.41
CA VAL D 230 7.70 -11.33 39.01
C VAL D 230 8.65 -10.36 39.73
N ASN D 231 9.04 -9.30 39.04
CA ASN D 231 9.88 -8.28 39.66
C ASN D 231 9.92 -7.07 38.74
N SER D 232 10.54 -5.99 39.23
CA SER D 232 10.48 -4.69 38.60
C SER D 232 11.13 -4.65 37.22
N THR D 233 11.91 -5.67 36.84
CA THR D 233 12.58 -5.68 35.54
C THR D 233 12.19 -6.89 34.70
N ILE D 234 11.05 -7.51 34.99
CA ILE D 234 10.69 -8.74 34.29
C ILE D 234 10.30 -8.48 32.83
N GLY D 235 9.69 -7.33 32.53
CA GLY D 235 9.25 -7.09 31.16
C GLY D 235 10.40 -6.94 30.19
N ALA D 236 11.28 -5.98 30.47
CA ALA D 236 12.45 -5.75 29.64
C ALA D 236 13.30 -7.00 29.52
N THR D 237 13.54 -7.71 30.63
CA THR D 237 14.38 -8.90 30.53
C THR D 237 13.72 -9.99 29.70
N ARG D 238 12.39 -9.96 29.57
CA ARG D 238 11.69 -10.98 28.81
C ARG D 238 11.59 -10.66 27.33
N LEU D 239 11.93 -9.44 26.94
CA LEU D 239 11.95 -9.05 25.53
C LEU D 239 13.33 -9.20 24.91
N MET D 240 14.35 -9.56 25.69
CA MET D 240 15.72 -9.57 25.18
C MET D 240 15.92 -10.64 24.12
N ASP D 241 15.59 -11.89 24.43
CA ASP D 241 15.81 -12.95 23.44
C ASP D 241 15.12 -12.63 22.12
N ALA D 242 13.84 -12.24 22.17
CA ALA D 242 13.14 -11.92 20.93
C ALA D 242 13.81 -10.77 20.20
N THR D 243 14.30 -9.78 20.95
CA THR D 243 14.92 -8.62 20.33
C THR D 243 16.18 -9.00 19.58
N ALA D 244 17.05 -9.79 20.21
CA ALA D 244 18.20 -10.34 19.50
C ALA D 244 17.77 -10.99 18.19
N TRP D 245 16.78 -11.91 18.25
CA TRP D 245 16.31 -12.56 17.03
C TRP D 245 15.84 -11.55 15.99
N LEU D 246 15.10 -10.52 16.41
CA LEU D 246 14.55 -9.57 15.45
C LEU D 246 15.64 -8.75 14.77
N LYS D 247 16.70 -8.39 15.50
CA LYS D 247 17.80 -7.67 14.86
C LYS D 247 18.60 -8.58 13.96
N SER D 248 18.94 -9.77 14.46
CA SER D 248 19.76 -10.69 13.67
C SER D 248 19.07 -11.08 12.36
N ASN D 249 17.75 -11.24 12.39
CA ASN D 249 16.99 -11.67 11.23
C ASN D 249 16.37 -10.52 10.46
N ASN D 250 16.68 -9.28 10.83
CA ASN D 250 16.19 -8.10 10.12
C ASN D 250 14.67 -8.15 9.95
N LYS D 251 13.98 -8.16 11.09
CA LYS D 251 12.52 -8.13 11.11
C LYS D 251 12.08 -7.03 12.06
N ILE D 252 10.83 -6.59 11.92
CA ILE D 252 10.25 -5.64 12.85
C ILE D 252 9.03 -6.29 13.52
N ALA D 253 8.71 -5.82 14.73
CA ALA D 253 7.70 -6.45 15.57
C ALA D 253 6.86 -5.41 16.29
N ILE D 254 5.82 -5.90 16.94
CA ILE D 254 4.92 -5.08 17.77
C ILE D 254 4.47 -5.94 18.95
N LEU D 255 4.40 -5.33 20.14
CA LEU D 255 3.92 -6.01 21.34
C LEU D 255 2.41 -5.89 21.39
N GLY D 256 1.70 -6.93 20.91
CA GLY D 256 0.25 -6.83 20.71
C GLY D 256 -0.59 -6.99 21.96
N GLN D 257 -0.05 -7.61 23.01
CA GLN D 257 -0.73 -7.69 24.30
C GLN D 257 0.31 -7.60 25.39
N TYR D 258 -0.01 -6.81 26.41
CA TYR D 258 0.77 -6.76 27.65
C TYR D 258 -0.12 -6.10 28.71
N ALA D 259 0.21 -6.38 29.96
CA ALA D 259 -0.58 -5.82 31.05
C ALA D 259 0.19 -6.02 32.35
N GLY D 260 -0.19 -5.20 33.33
CA GLY D 260 0.18 -5.43 34.71
C GLY D 260 -0.93 -4.85 35.58
N ALA D 261 -0.97 -5.29 36.83
CA ALA D 261 -2.04 -4.87 37.73
C ALA D 261 -1.66 -3.61 38.53
N VAL D 262 -2.65 -3.04 39.21
CA VAL D 262 -2.45 -1.83 40.01
C VAL D 262 -1.66 -2.16 41.27
N ASN D 263 -0.33 -2.16 41.15
CA ASN D 263 0.59 -2.24 42.28
C ASN D 263 1.93 -1.70 41.78
N SER D 264 2.81 -1.35 42.73
CA SER D 264 4.01 -0.60 42.36
C SER D 264 5.00 -1.45 41.58
N VAL D 265 5.10 -2.75 41.85
CA VAL D 265 6.05 -3.60 41.12
C VAL D 265 5.60 -3.79 39.67
N CYS D 266 4.33 -4.13 39.45
CA CYS D 266 3.80 -4.23 38.09
C CYS D 266 3.96 -2.91 37.36
N GLU D 267 3.66 -1.80 38.05
CA GLU D 267 3.71 -0.51 37.39
C GLU D 267 5.13 -0.20 36.96
N GLU D 268 6.10 -0.45 37.84
CA GLU D 268 7.50 -0.25 37.48
C GLU D 268 7.92 -1.21 36.37
N ALA D 269 7.36 -2.41 36.37
CA ALA D 269 7.72 -3.40 35.35
C ALA D 269 7.21 -2.97 33.98
N VAL D 270 6.01 -2.40 33.91
CA VAL D 270 5.46 -1.97 32.64
C VAL D 270 6.27 -0.80 32.09
N GLU D 271 6.58 0.17 32.96
CA GLU D 271 7.41 1.31 32.56
C GLU D 271 8.74 0.83 31.98
N GLY D 272 9.43 -0.07 32.70
CA GLY D 272 10.72 -0.56 32.24
C GLY D 272 10.66 -1.28 30.90
N MET D 273 9.55 -1.98 30.60
CA MET D 273 9.57 -2.74 29.36
C MET D 273 9.25 -1.83 28.18
N LEU D 274 8.40 -0.81 28.41
CA LEU D 274 8.12 0.18 27.37
C LEU D 274 9.32 1.09 27.14
N ASP D 275 10.08 1.42 28.19
CA ASP D 275 11.34 2.11 27.97
C ASP D 275 12.29 1.25 27.14
N TYR D 276 12.32 -0.06 27.39
CA TYR D 276 13.18 -0.94 26.62
C TYR D 276 12.73 -1.01 25.16
N ILE D 277 11.43 -1.11 24.93
CA ILE D 277 10.90 -1.02 23.57
C ILE D 277 11.40 0.23 22.88
N ASP D 278 11.38 1.36 23.59
CA ASP D 278 11.79 2.62 22.97
C ASP D 278 13.28 2.62 22.65
N GLU D 279 14.11 2.20 23.60
CA GLU D 279 15.54 2.06 23.33
C GLU D 279 15.79 1.21 22.09
N ASN D 280 15.06 0.10 21.96
CA ASN D 280 15.22 -0.82 20.83
C ASN D 280 14.12 -0.63 19.79
N SER D 281 13.80 0.61 19.46
CA SER D 281 12.73 0.95 18.53
C SER D 281 13.12 0.72 17.07
N ASP D 282 14.37 0.32 16.78
CA ASP D 282 14.67 -0.11 15.43
C ASP D 282 13.90 -1.38 15.06
N VAL D 283 13.53 -2.19 16.07
CA VAL D 283 12.90 -3.48 15.82
C VAL D 283 11.52 -3.58 16.47
N TRP D 284 11.29 -2.86 17.56
CA TRP D 284 9.98 -2.78 18.19
C TRP D 284 9.31 -1.49 17.77
N THR D 285 8.07 -1.58 17.27
CA THR D 285 7.36 -0.44 16.72
C THR D 285 6.31 0.14 17.66
N GLY D 286 6.08 -0.47 18.82
CA GLY D 286 5.00 -0.05 19.69
C GLY D 286 4.43 -1.23 20.46
N ALA D 287 3.29 -0.98 21.11
CA ALA D 287 2.75 -1.92 22.09
C ALA D 287 1.27 -1.61 22.32
N ILE D 288 0.49 -2.65 22.59
CA ILE D 288 -0.96 -2.54 22.70
C ILE D 288 -1.40 -3.16 24.02
N TRP D 289 -2.01 -2.37 24.88
CA TRP D 289 -2.38 -2.83 26.22
C TRP D 289 -3.55 -3.80 26.14
N TRP D 290 -3.54 -4.81 27.01
CA TRP D 290 -4.67 -5.71 27.19
C TRP D 290 -5.23 -5.45 28.58
N ALA D 291 -6.45 -4.90 28.65
CA ALA D 291 -7.21 -4.54 27.47
C ALA D 291 -8.29 -3.53 27.83
N ALA D 292 -8.89 -2.96 26.78
CA ALA D 292 -10.09 -2.15 26.90
C ALA D 292 -11.31 -2.96 26.43
N GLY D 293 -12.47 -2.34 26.46
CA GLY D 293 -13.70 -3.02 26.15
C GLY D 293 -14.78 -2.68 27.16
N PRO D 294 -16.05 -2.83 26.76
CA PRO D 294 -17.16 -2.32 27.58
C PRO D 294 -17.74 -3.28 28.59
N TRP D 295 -17.31 -4.55 28.60
CA TRP D 295 -17.91 -5.60 29.41
C TRP D 295 -16.92 -6.22 30.39
N TRP D 296 -15.86 -5.51 30.74
CA TRP D 296 -14.80 -6.04 31.59
C TRP D 296 -15.09 -5.90 33.07
N GLY D 297 -16.04 -5.05 33.44
CA GLY D 297 -16.30 -4.83 34.87
C GLY D 297 -15.03 -4.48 35.58
N ASP D 298 -14.78 -5.14 36.71
CA ASP D 298 -13.58 -4.86 37.52
C ASP D 298 -12.42 -5.78 37.19
N TYR D 299 -12.36 -6.33 35.98
CA TYR D 299 -11.18 -7.04 35.51
C TYR D 299 -9.91 -6.26 35.86
N MET D 300 -8.92 -6.95 36.43
CA MET D 300 -7.75 -6.22 36.94
C MET D 300 -7.02 -5.45 35.84
N PHE D 301 -7.06 -5.91 34.58
CA PHE D 301 -6.29 -5.31 33.51
C PHE D 301 -7.12 -4.35 32.66
N SER D 302 -8.33 -4.00 33.07
CA SER D 302 -9.19 -3.20 32.21
C SER D 302 -8.84 -1.73 32.31
N VAL D 303 -8.52 -1.09 31.18
CA VAL D 303 -8.32 0.35 31.14
C VAL D 303 -9.50 1.04 30.46
N GLU D 304 -10.67 0.40 30.40
CA GLU D 304 -11.84 1.07 29.86
C GLU D 304 -12.09 2.34 30.69
N PRO D 305 -12.36 3.48 30.06
CA PRO D 305 -12.31 4.75 30.81
C PRO D 305 -13.32 4.84 31.94
N ASP D 306 -14.60 4.53 31.70
CA ASP D 306 -15.61 4.80 32.72
C ASP D 306 -15.58 3.81 33.87
N ASN D 307 -14.83 2.72 33.71
CA ASN D 307 -15.07 1.49 34.44
C ASN D 307 -13.79 0.77 34.86
N GLY D 308 -12.69 0.92 34.14
CA GLY D 308 -11.57 0.03 34.27
C GLY D 308 -10.74 0.32 35.50
N PRO D 309 -10.57 -0.68 36.36
CA PRO D 309 -9.71 -0.48 37.55
C PRO D 309 -8.32 -0.03 37.19
N ALA D 310 -7.84 -0.32 35.97
CA ALA D 310 -6.48 0.00 35.60
C ALA D 310 -6.35 1.31 34.83
N TYR D 311 -7.47 1.98 34.54
CA TYR D 311 -7.42 3.13 33.64
C TYR D 311 -6.56 4.26 34.22
N SER D 312 -6.83 4.67 35.46
CA SER D 312 -6.15 5.84 35.97
C SER D 312 -4.65 5.62 36.07
N THR D 313 -4.24 4.37 36.29
CA THR D 313 -2.82 4.07 36.50
C THR D 313 -2.06 3.90 35.20
N TYR D 314 -2.64 3.21 34.21
CA TYR D 314 -1.88 2.86 33.02
C TYR D 314 -2.22 3.68 31.78
N ASP D 315 -3.40 4.29 31.72
CA ASP D 315 -3.65 5.25 30.63
C ASP D 315 -2.54 6.29 30.52
N PRO D 316 -2.11 6.96 31.60
CA PRO D 316 -0.97 7.89 31.47
C PRO D 316 0.30 7.22 31.00
N ILE D 317 0.52 5.96 31.41
CA ILE D 317 1.79 5.31 31.10
C ILE D 317 1.83 4.93 29.63
N ILE D 318 0.69 4.54 29.07
CA ILE D 318 0.63 4.19 27.65
C ILE D 318 0.96 5.42 26.80
N LEU D 319 0.32 6.55 27.13
CA LEU D 319 0.58 7.81 26.43
C LEU D 319 2.05 8.23 26.54
N GLU D 320 2.72 7.86 27.61
CA GLU D 320 4.16 8.12 27.80
C GLU D 320 4.42 9.55 28.22
C2 BGC E . 36.02 -25.72 25.06
C3 BGC E . 34.74 -26.54 24.91
C4 BGC E . 33.92 -26.02 23.73
C5 BGC E . 34.81 -25.97 22.48
C6 BGC E . 34.04 -25.30 21.34
C1 BGC E . 36.83 -25.69 23.75
O1 BGC E . 37.90 -24.81 23.96
O2 BGC E . 36.80 -26.22 26.12
O3 BGC E . 34.03 -26.50 26.14
O4 BGC E . 32.84 -26.91 23.62
O5 BGC E . 35.98 -25.24 22.73
O6 BGC E . 34.80 -25.30 20.16
H2 BGC E . 35.74 -24.69 25.29
H3 BGC E . 34.97 -27.58 24.69
H4 BGC E . 33.55 -25.01 23.86
H5 BGC E . 35.08 -26.99 22.22
H61 BGC E . 33.83 -24.27 21.62
H62 BGC E . 33.11 -25.83 21.18
H1 BGC E . 37.20 -26.67 23.48
HO1 BGC E . 38.46 -24.80 23.20
HO2 BGC E . 37.62 -25.74 26.15
HO3 BGC E . 33.31 -27.10 26.07
HO6 BGC E . 34.59 -26.08 19.67
C2 BGC E . 30.39 -26.94 23.46
C3 BGC E . 29.09 -26.16 23.74
C4 BGC E . 29.10 -25.65 25.19
C5 BGC E . 30.41 -24.90 25.42
C6 BGC E . 30.55 -24.26 26.82
C1 BGC E . 31.66 -26.15 23.80
O2 BGC E . 30.40 -27.31 22.11
O3 BGC E . 28.03 -27.06 23.55
O4 BGC E . 28.07 -24.73 25.41
O5 BGC E . 31.52 -25.75 25.13
O6 BGC E . 30.73 -25.23 27.79
H2 BGC E . 30.39 -27.80 24.11
H3 BGC E . 28.99 -25.32 23.08
H4 BGC E . 28.97 -26.51 25.85
H5 BGC E . 30.41 -24.06 24.73
H61 BGC E . 31.41 -23.59 26.82
H62 BGC E . 29.66 -23.69 27.03
H1 BGC E . 31.77 -25.31 23.12
HO2 BGC E . 31.30 -27.42 21.82
HO3 BGC E . 27.33 -26.67 23.05
HO6 BGC E . 31.32 -25.88 27.47
C2 BGC E . 26.19 -24.37 26.75
C3 BGC E . 24.65 -24.43 26.78
C4 BGC E . 24.05 -24.49 25.38
C5 BGC E . 24.69 -25.65 24.66
C6 BGC E . 24.17 -25.81 23.23
C1 BGC E . 26.83 -25.32 25.73
O2 BGC E . 26.67 -24.69 28.05
O3 BGC E . 24.24 -23.30 27.51
O4 BGC E . 22.68 -24.74 25.56
O5 BGC E . 26.07 -25.41 24.55
O6 BGC E . 24.92 -26.79 22.57
H2 BGC E . 26.46 -23.37 26.45
H3 BGC E . 24.32 -25.34 27.25
H4 BGC E . 24.19 -23.56 24.81
H5 BGC E . 24.47 -26.54 25.23
H61 BGC E . 23.12 -26.12 23.27
H62 BGC E . 24.25 -24.87 22.70
H1 BGC E . 26.92 -26.31 26.13
HO2 BGC E . 27.62 -24.77 28.05
HO3 BGC E . 23.36 -23.07 27.29
HO6 BGC E . 25.27 -26.41 21.78
C2 BGC E . 20.46 -24.09 25.02
C3 BGC E . 19.66 -22.99 24.32
C4 BGC E . 19.93 -21.65 24.99
C5 BGC E . 21.44 -21.37 24.96
C6 BGC E . 21.75 -20.10 25.75
C1 BGC E . 21.95 -23.74 24.91
O2 BGC E . 20.16 -25.35 24.48
O3 BGC E . 18.29 -23.31 24.35
O4 BGC E . 19.24 -20.62 24.33
O5 BGC E . 22.16 -22.46 25.50
O6 BGC E . 23.08 -20.12 26.19
H2 BGC E . 20.19 -24.14 26.07
H3 BGC E . 19.96 -22.91 23.28
H4 BGC E . 19.59 -21.68 26.03
H5 BGC E . 21.74 -21.24 23.93
H61 BGC E . 21.59 -19.24 25.12
H62 BGC E . 21.10 -20.06 26.62
H1 BGC E . 22.28 -23.70 23.88
HO2 BGC E . 20.67 -25.48 23.69
HO3 BGC E . 18.09 -23.89 23.64
HO4 BGC E . 18.54 -20.99 23.82
HO6 BGC E . 23.58 -20.75 25.67
C2 BGC F . 56.40 -36.60 28.81
C3 BGC F . 54.89 -36.41 28.71
C4 BGC F . 54.36 -36.86 27.35
C5 BGC F . 54.85 -38.28 27.06
C6 BGC F . 54.60 -38.67 25.60
C1 BGC F . 56.72 -38.08 28.57
O1 BGC F . 58.09 -38.33 28.63
O2 BGC F . 56.86 -36.25 30.09
O3 BGC F . 54.58 -35.06 28.87
O4 BGC F . 52.96 -36.94 27.39
O5 BGC F . 56.23 -38.41 27.31
O6 BGC F . 55.34 -39.84 25.31
H2 BGC F . 56.89 -35.98 28.07
H3 BGC F . 54.43 -37.01 29.50
H4 BGC F . 54.71 -36.16 26.60
H5 BGC F . 54.29 -38.93 27.71
H61 BGC F . 54.91 -37.86 24.94
H62 BGC F . 53.54 -38.87 25.45
H1 BGC F . 56.25 -38.66 29.36
HO1 BGC F . 58.46 -38.21 27.76
HO2 BGC F . 56.27 -35.62 30.46
HO3 BGC F . 53.63 -34.95 28.94
HO6 BGC F . 56.15 -39.82 25.81
C2 BGC F . 50.96 -36.67 26.15
C3 BGC F . 50.17 -35.74 25.22
C4 BGC F . 50.20 -34.30 25.73
C5 BGC F . 51.65 -33.92 26.03
C6 BGC F . 51.67 -32.53 26.66
C1 BGC F . 52.37 -36.14 26.41
O2 BGC F . 51.00 -37.93 25.54
O3 BGC F . 48.84 -36.17 25.14
O4 BGC F . 49.75 -33.45 24.71
O5 BGC F . 52.24 -34.84 26.88
O6 BGC F . 52.78 -32.45 27.51
H2 BGC F . 50.48 -36.72 27.12
H3 BGC F . 50.64 -35.77 24.24
H4 BGC F . 49.58 -34.21 26.61
H5 BGC F . 52.21 -33.92 25.10
H61 BGC F . 50.76 -32.37 27.23
H62 BGC F . 51.75 -31.78 25.89
H1 BGC F . 52.96 -36.18 25.50
HO2 BGC F . 51.12 -38.60 26.18
HO3 BGC F . 48.35 -35.67 24.50
HO6 BGC F . 53.42 -33.09 27.25
C2 BGC F . 48.44 -31.60 24.02
C3 BGC F . 47.18 -30.78 24.24
C4 BGC F . 46.03 -31.78 24.18
C5 BGC F . 46.25 -32.91 25.19
C6 BGC F . 45.11 -33.93 25.06
C1 BGC F . 48.58 -32.75 25.04
O2 BGC F . 49.56 -30.78 24.10
O3 BGC F . 47.02 -29.87 23.20
O4 BGC F . 44.82 -31.18 24.56
O5 BGC F . 47.46 -33.57 24.96
O6 BGC F . 45.41 -35.09 25.80
H2 BGC F . 48.35 -32.05 23.04
H3 BGC F . 47.22 -30.24 25.17
H4 BGC F . 45.99 -32.13 23.15
H5 BGC F . 46.27 -32.47 26.17
H61 BGC F . 44.19 -33.48 25.46
H62 BGC F . 44.97 -34.19 24.03
H1 BGC F . 48.67 -32.38 26.05
HO2 BGC F . 49.53 -30.28 24.90
HO3 BGC F . 46.83 -29.03 23.57
HO6 BGC F . 46.27 -35.01 26.19
C2 BGC F . 42.68 -30.59 23.86
C3 BGC F . 41.89 -29.77 22.85
C4 BGC F . 42.41 -28.34 22.79
C5 BGC F . 43.93 -28.35 22.56
C6 BGC F . 44.48 -26.94 22.70
C1 BGC F . 44.17 -30.54 23.51
O2 BGC F . 42.18 -31.89 23.89
O3 BGC F . 40.51 -29.81 23.18
O4 BGC F . 41.77 -27.69 21.71
O5 BGC F . 44.56 -29.18 23.50
O6 BGC F . 45.87 -26.96 22.53
H2 BGC F . 42.58 -30.17 24.86
H3 BGC F . 42.00 -30.21 21.86
H4 BGC F . 42.21 -27.82 23.73
H5 BGC F . 44.11 -28.73 21.55
H61 BGC F . 44.02 -26.29 21.96
H62 BGC F . 44.25 -26.56 23.70
H1 BGC F . 44.39 -30.99 22.55
HO2 BGC F . 42.86 -32.50 23.63
HO3 BGC F . 40.07 -29.09 22.77
HO4 BGC F . 41.48 -26.83 21.98
HO6 BGC F . 46.08 -27.01 21.60
C2 BGC G . -22.49 1.92 -21.98
C3 BGC G . -21.75 2.18 -23.28
C4 BGC G . -22.67 2.04 -24.48
C5 BGC G . -23.96 2.83 -24.21
C6 BGC G . -24.96 2.36 -25.27
C1 BGC G . -23.70 2.85 -21.84
O1 BGC G . -24.39 2.53 -20.66
O2 BGC G . -21.60 2.10 -20.90
O3 BGC G . -20.68 1.26 -23.36
O4 BGC G . -22.03 2.57 -25.62
O5 BGC G . -24.51 2.61 -22.94
O6 BGC G . -26.10 3.17 -25.39
H2 BGC G . -22.87 0.91 -21.96
H3 BGC G . -21.35 3.19 -23.29
H4 BGC G . -22.92 1.00 -24.64
H5 BGC G . -23.73 3.89 -24.25
H61 BGC G . -25.28 1.35 -25.00
H62 BGC G . -24.46 2.34 -26.22
H1 BGC G . -23.39 3.88 -21.79
HO1 BGC G . -25.32 2.65 -20.82
HO2 BGC G . -21.72 1.41 -20.27
HO3 BGC G . -19.95 1.64 -23.82
HO6 BGC G . -25.95 3.83 -26.04
C2 BGC G . -21.12 2.00 -27.81
C3 BGC G . -20.81 0.82 -28.72
C4 BGC G . -19.92 -0.18 -27.98
C5 BGC G . -20.46 -0.47 -26.57
C6 BGC G . -19.43 -1.28 -25.77
C1 BGC G . -21.74 1.53 -26.50
O2 BGC G . -22.06 2.77 -28.49
O3 BGC G . -20.08 1.23 -29.85
O4 BGC G . -19.98 -1.43 -28.62
O5 BGC G . -20.80 0.70 -25.88
O6 BGC G . -18.44 -0.46 -25.22
H2 BGC G . -20.22 2.56 -27.56
H3 BGC G . -21.76 0.40 -29.02
H4 BGC G . -18.94 0.25 -27.97
H5 BGC G . -21.37 -1.05 -26.67
H61 BGC G . -19.94 -1.82 -24.97
H62 BGC G . -18.96 -2.01 -26.44
H1 BGC G . -22.66 1.03 -26.72
HO2 BGC G . -22.59 3.23 -27.87
HO3 BGC G . -20.35 0.73 -30.61
HO6 BGC G . -18.57 0.42 -25.54
C2 BGC G . -19.08 -3.28 -29.75
C3 BGC G . -18.28 -3.73 -30.96
C4 BGC G . -18.86 -3.08 -32.20
C5 BGC G . -18.85 -1.56 -32.01
C6 BGC G . -19.60 -0.92 -33.18
C1 BGC G . -19.07 -1.74 -29.63
O2 BGC G . -18.52 -3.86 -28.59
O3 BGC G . -18.30 -5.12 -31.14
O4 BGC G . -18.04 -3.44 -33.28
O5 BGC G . -19.52 -1.18 -30.84
O6 BGC G . -19.94 0.41 -32.88
H2 BGC G . -20.11 -3.60 -29.84
H3 BGC G . -17.25 -3.43 -30.80
H4 BGC G . -19.88 -3.38 -32.40
H5 BGC G . -17.82 -1.24 -31.95
H61 BGC G . -18.96 -0.93 -34.07
H62 BGC G . -20.51 -1.49 -33.38
H1 BGC G . -18.08 -1.36 -29.43
HO2 BGC G . -19.21 -4.14 -28.01
HO3 BGC G . -18.88 -5.51 -30.49
HO6 BGC G . -20.88 0.48 -32.78
C2 BGC G . -17.93 -4.16 -35.54
C3 BGC G . -18.62 -4.94 -36.67
C4 BGC G . -18.86 -6.35 -36.12
C5 BGC G . -19.58 -6.33 -34.76
C6 BGC G . -19.71 -7.79 -34.30
C1 BGC G . -18.74 -4.21 -34.23
O2 BGC G . -17.69 -2.83 -35.94
O3 BGC G . -17.79 -5.02 -37.81
O4 BGC G . -19.58 -7.11 -37.07
O5 BGC G . -18.86 -5.56 -33.83
O6 BGC G . -20.03 -7.81 -32.94
H2 BGC G . -16.98 -4.64 -35.34
H3 BGC G . -19.54 -4.44 -36.96
H4 BGC G . -17.90 -6.79 -35.96
H5 BGC G . -20.57 -5.88 -34.86
H61 BGC G . -20.50 -8.27 -34.87
H62 BGC G . -18.78 -8.30 -34.47
H1 BGC G . -19.73 -3.81 -34.33
HO2 BGC G . -17.37 -2.33 -35.21
HO3 BGC G . -17.96 -4.27 -38.35
HO4 BGC G . -19.45 -6.76 -37.93
HO6 BGC G . -20.02 -6.93 -32.61
C2 BGC H . -8.61 37.15 -17.03
C3 BGC H . -8.18 36.47 -15.72
C4 BGC H . -8.23 34.95 -15.94
C5 BGC H . -7.28 34.62 -17.10
C6 BGC H . -7.65 33.26 -17.72
C1 BGC H . -7.47 36.90 -18.04
O1 BGC H . -7.66 37.37 -19.36
O2 BGC H . -8.65 38.54 -16.90
O3 BGC H . -9.00 36.78 -14.62
O4 BGC H . -7.73 34.15 -14.89
O5 BGC H . -7.19 35.52 -18.17
O6 BGC H . -7.09 33.09 -19.00
H2 BGC H . -9.57 36.77 -17.33
H3 BGC H . -7.20 36.85 -15.48
H4 BGC H . -9.29 34.74 -16.08
H5 BGC H . -6.31 34.65 -16.61
H61 BGC H . -8.73 33.19 -17.81
H62 BGC H . -7.30 32.46 -17.08
H1 BGC H . -6.68 37.46 -17.58
HO1 BGC H . -7.43 36.69 -19.99
HO2 BGC H . -8.63 38.93 -17.76
HO3 BGC H . -8.92 36.06 -14.01
HO6 BGC H . -7.75 33.15 -19.68
C2 BGC H . -8.32 33.05 -12.93
C3 BGC H . -9.55 32.75 -12.06
C4 BGC H . -10.81 33.24 -12.78
C5 BGC H . -10.74 32.57 -14.15
C6 BGC H . -12.11 32.74 -14.83
C1 BGC H . -8.49 33.01 -14.48
O2 BGC H . -7.28 32.15 -12.50
O3 BGC H . -9.40 33.43 -10.86
O4 BGC H . -12.00 32.84 -12.17
O5 BGC H . -9.78 33.16 -14.95
O6 BGC H . -11.99 32.64 -16.23
H2 BGC H . -8.07 34.10 -12.77
H3 BGC H . -9.65 31.69 -11.90
H4 BGC H . -10.83 34.32 -12.79
H5 BGC H . -10.49 31.53 -14.02
H61 BGC H . -12.52 33.71 -14.57
H62 BGC H . -12.77 31.95 -14.48
H1 BGC H . -8.19 32.05 -14.85
HO2 BGC H . -6.47 32.58 -12.24
HO3 BGC H . -9.59 32.85 -10.14
HO6 BGC H . -11.10 32.83 -16.49
C2 BGC H . -13.78 34.03 -11.06
C3 BGC H . -14.03 35.01 -9.91
C4 BGC H . -13.38 34.57 -8.59
C5 BGC H . -11.90 34.24 -8.87
C6 BGC H . -11.32 33.55 -7.62
C1 BGC H . -12.28 33.82 -11.23
O2 BGC H . -14.32 34.54 -12.25
O3 BGC H . -15.42 35.15 -9.72
O4 BGC H . -13.42 35.62 -7.66
O5 BGC H . -11.77 33.40 -9.99
O6 BGC H . -9.99 33.16 -7.81
H2 BGC H . -14.25 33.08 -10.82
H3 BGC H . -13.58 35.96 -10.18
H4 BGC H . -13.91 33.70 -8.21
H5 BGC H . -11.37 35.15 -9.08
H61 BGC H . -11.37 34.24 -6.78
H62 BGC H . -11.91 32.67 -7.39
H1 BGC H . -11.84 34.76 -11.56
HO2 BGC H . -14.33 33.85 -12.89
HO3 BGC H . -15.87 34.93 -10.52
HO6 BGC H . -9.91 32.22 -7.70
C2 BGC H . -14.13 36.45 -5.51
C3 BGC H . -15.11 36.14 -4.37
C4 BGC H . -16.52 36.11 -4.94
C5 BGC H . -16.58 35.09 -6.09
C6 BGC H . -17.91 35.28 -6.82
C1 BGC H . -14.22 35.34 -6.56
O2 BGC H . -12.85 36.51 -4.94
O3 BGC H . -15.05 37.11 -3.35
O4 BGC H . -17.45 35.73 -3.93
O5 BGC H . -15.55 35.25 -7.04
O6 BGC H . -17.88 36.50 -7.51
H2 BGC H . -14.36 37.39 -5.99
H3 BGC H . -14.84 35.18 -3.94
H4 BGC H . -16.78 37.09 -5.31
H5 BGC H . -16.48 34.12 -5.64
H61 BGC H . -18.04 34.47 -7.53
H62 BGC H . -18.72 35.28 -6.11
H1 BGC H . -13.90 34.42 -6.10
HO2 BGC H . -12.66 37.41 -4.71
HO3 BGC H . -15.17 36.69 -2.52
HO4 BGC H . -17.78 36.50 -3.51
HO6 BGC H . -17.07 36.60 -7.99
C2 BGC I . -9.58 -12.95 30.11
C3 BGC I . -10.86 -13.79 29.99
C4 BGC I . -11.66 -13.36 28.76
C5 BGC I . -10.76 -13.43 27.51
C6 BGC I . -11.49 -12.79 26.33
C1 BGC I . -8.77 -13.08 28.81
O1 BGC I . -7.67 -12.22 28.89
O2 BGC I . -8.84 -13.36 31.23
O3 BGC I . -11.62 -13.67 31.17
O4 BGC I . -12.75 -14.21 28.64
O5 BGC I . -9.55 -12.75 27.70
O6 BGC I . -10.72 -12.82 25.16
H2 BGC I . -9.85 -11.91 30.25
H3 BGC I . -10.61 -14.84 29.87
H4 BGC I . -11.98 -12.33 28.85
H5 BGC I . -10.55 -14.48 27.32
H61 BGC I . -11.72 -11.75 26.58
H62 BGC I . -12.43 -13.32 26.15
H1 BGC I . -8.44 -14.11 28.70
HO1 BGC I . -7.06 -12.43 28.19
HO2 BGC I . -8.00 -12.91 31.22
HO3 BGC I . -12.29 -14.35 31.17
HO6 BGC I . -11.03 -13.52 24.60
C2 BGC I . -15.16 -14.23 28.42
C3 BGC I . -16.41 -13.38 28.72
C4 BGC I . -16.39 -12.83 30.15
C5 BGC I . -15.04 -12.16 30.44
C6 BGC I . -14.93 -11.66 31.90
C1 BGC I . -13.91 -13.44 28.81
O2 BGC I . -15.14 -14.57 27.07
O3 BGC I . -17.51 -14.24 28.58
O4 BGC I . -17.32 -11.79 30.27
O5 BGC I . -14.00 -13.04 30.15
O6 BGC I . -14.77 -12.78 32.71
H2 BGC I . -15.19 -15.14 29.02
H3 BGC I . -16.45 -12.54 28.03
H4 BGC I . -16.58 -13.66 30.81
H5 BGC I . -14.98 -11.28 29.83
H61 BGC I . -14.07 -11.01 32.00
H62 BGC I . -15.82 -11.13 32.17
H1 BGC I . -13.84 -12.58 28.15
HO2 BGC I . -14.78 -13.85 26.57
HO3 BGC I . -18.14 -13.90 27.97
HO6 BGC I . -14.24 -13.41 32.26
C2 BGC I . -19.22 -11.08 31.48
C3 BGC I . -20.72 -11.30 31.67
C4 BGC I . -21.40 -11.37 30.29
C5 BGC I . -20.78 -12.55 29.54
C6 BGC I . -21.36 -12.72 28.14
C1 BGC I . -18.62 -12.18 30.58
O2 BGC I . -18.53 -11.07 32.70
O3 BGC I . -21.26 -10.26 32.43
O4 BGC I . -22.76 -11.56 30.49
O5 BGC I . -19.40 -12.33 29.41
O6 BGC I . -20.55 -13.62 27.42
H2 BGC I . -19.09 -10.10 31.02
H3 BGC I . -20.89 -12.23 32.19
H4 BGC I . -21.25 -10.47 29.73
H5 BGC I . -21.00 -13.44 30.12
H61 BGC I . -22.37 -13.11 28.20
H62 BGC I . -21.37 -11.76 27.63
H1 BGC I . -18.64 -13.14 31.10
HO2 BGC I . -19.02 -10.61 33.35
HO3 BGC I . -21.27 -9.46 31.92
HO6 BGC I . -21.09 -14.33 27.12
C2 BGC I . -24.94 -10.82 29.98
C3 BGC I . -25.80 -9.71 29.36
C4 BGC I . -25.40 -8.38 30.00
C5 BGC I . -23.88 -8.17 29.88
C6 BGC I . -23.54 -6.89 30.62
C1 BGC I . -23.44 -10.52 29.86
O2 BGC I . -25.30 -12.05 29.37
O3 BGC I . -27.16 -9.98 29.56
O4 BGC I . -26.10 -7.32 29.37
O5 BGC I . -23.18 -9.26 30.45
O6 BGC I . -22.16 -6.76 30.84
H2 BGC I . -25.15 -10.90 31.03
H3 BGC I . -25.61 -9.64 28.29
H4 BGC I . -25.66 -8.38 31.05
H5 BGC I . -23.58 -8.11 28.84
H61 BGC I . -23.89 -6.04 30.04
H62 BGC I . -24.05 -6.89 31.58
H1 BGC I . -23.11 -10.46 28.82
HO2 BGC I . -24.57 -12.38 28.87
HO3 BGC I . -27.44 -10.64 28.94
HO4 BGC I . -26.93 -7.65 29.03
HO6 BGC I . -21.93 -5.84 30.87
C2 BGC J . 10.42 -25.98 33.37
C3 BGC J . 8.97 -25.56 33.50
C4 BGC J . 8.33 -25.69 32.12
C5 BGC J . 8.70 -27.00 31.40
C6 BGC J . 9.52 -26.68 30.15
C1 BGC J . 10.52 -27.45 32.97
O1 BGC J . 11.70 -27.63 32.22
O2 BGC J . 11.08 -25.80 34.60
O3 BGC J . 8.95 -24.21 33.88
O4 BGC J . 6.94 -25.73 32.28
O5 BGC J . 9.42 -27.88 32.22
O6 BGC J . 9.38 -27.75 29.26
H2 BGC J . 10.90 -25.37 32.62
H3 BGC J . 8.44 -26.15 34.22
H4 BGC J . 8.70 -24.86 31.53
H5 BGC J . 7.77 -27.49 31.14
H61 BGC J . 10.56 -26.55 30.42
H62 BGC J . 9.14 -25.77 29.69
H1 BGC J . 10.55 -28.05 33.87
HO1 BGC J . 12.46 -27.65 32.78
HO2 BGC J . 10.63 -25.16 35.12
HO3 BGC J . 8.11 -23.83 33.66
HO6 BGC J . 9.47 -28.56 29.73
C2 BGC J . 4.83 -25.46 31.09
C3 BGC J . 4.15 -24.51 30.11
C4 BGC J . 4.10 -23.09 30.67
C5 BGC J . 5.52 -22.71 31.04
C6 BGC J . 5.48 -21.49 31.97
C1 BGC J . 6.27 -24.99 31.30
O2 BGC J . 4.86 -26.75 30.55
O3 BGC J . 2.86 -24.96 29.84
O4 BGC J . 3.72 -22.21 29.62
O5 BGC J . 6.25 -23.68 31.75
O6 BGC J . 6.13 -20.41 31.40
H2 BGC J . 4.28 -25.47 32.03
H3 BGC J . 4.73 -24.48 29.20
H4 BGC J . 3.41 -23.03 31.50
H5 BGC J . 6.00 -22.55 30.09
H61 BGC J . 4.45 -21.22 32.16
H62 BGC J . 5.96 -21.75 32.91
H1 BGC J . 6.77 -25.11 30.34
HO2 BGC J . 5.31 -27.33 31.17
HO3 BGC J . 2.39 -24.31 29.34
HO6 BGC J . 5.48 -19.76 31.19
C2 BGC J . 2.59 -20.23 28.94
C3 BGC J . 1.42 -19.27 29.19
C4 BGC J . 0.12 -20.07 29.21
C5 BGC J . 0.33 -21.16 30.28
C6 BGC J . -0.92 -22.07 30.33
C1 BGC J . 2.72 -21.33 30.00
O2 BGC J . 3.77 -19.46 28.90
O3 BGC J . 1.35 -18.29 28.18
O4 BGC J . -0.94 -19.24 29.57
O5 BGC J . 1.46 -21.96 30.03
O6 BGC J . -1.05 -22.71 29.08
H2 BGC J . 2.42 -20.75 28.00
H3 BGC J . 1.57 -18.78 30.14
H4 BGC J . -0.11 -20.50 28.25
H5 BGC J . 0.46 -20.65 31.22
H61 BGC J . -0.79 -22.81 31.10
H62 BGC J . -1.80 -21.47 30.52
H1 BGC J . 2.98 -20.93 30.98
HO2 BGC J . 4.52 -20.02 28.78
HO3 BGC J . 1.25 -17.45 28.58
HO6 BGC J . -0.21 -23.05 28.83
C2 BGC J . -3.07 -18.58 28.82
C3 BGC J . -3.82 -17.77 27.78
C4 BGC J . -3.16 -16.41 27.72
C5 BGC J . -1.67 -16.54 27.38
C6 BGC J . -1.03 -15.15 27.44
C1 BGC J . -1.57 -18.65 28.48
O2 BGC J . -3.59 -19.88 28.91
O3 BGC J . -5.17 -17.64 28.18
O4 BGC J . -3.77 -15.62 26.74
O5 BGC J . -1.02 -17.37 28.30
O6 BGC J . 0.36 -15.24 27.36
H2 BGC J . -3.17 -18.08 29.78
H3 BGC J . -3.82 -18.26 26.81
H4 BGC J . -3.26 -15.95 28.69
H5 BGC J . -1.57 -16.97 26.39
H61 BGC J . -1.40 -14.56 26.59
H62 BGC J . -1.31 -14.67 28.36
H1 BGC J . -1.44 -19.20 27.55
HO2 BGC J . -3.69 -20.13 29.82
HO3 BGC J . -5.56 -18.50 28.20
HO4 BGC J . -4.67 -15.91 26.61
HO6 BGC J . 0.64 -14.93 26.51
C1 NAG K . 25.60 -8.44 21.62
C2 NAG K . 24.86 -8.73 22.94
C3 NAG K . 24.55 -7.42 23.67
C4 NAG K . 25.81 -6.60 23.84
C5 NAG K . 26.45 -6.36 22.48
C6 NAG K . 27.74 -5.58 22.56
C7 NAG K . 23.42 -10.70 23.21
C8 NAG K . 22.11 -11.34 22.85
N2 NAG K . 23.64 -9.50 22.69
O3 NAG K . 23.96 -7.68 24.93
O4 NAG K . 25.50 -5.36 24.46
O5 NAG K . 26.76 -7.63 21.88
O6 NAG K . 28.62 -6.14 23.52
O7 NAG K . 24.23 -11.27 23.94
C1 NAG L . 20.36 -18.64 9.61
C2 NAG L . 19.67 -18.14 8.33
C3 NAG L . 18.16 -18.14 8.49
C4 NAG L . 17.68 -19.53 8.89
C5 NAG L . 18.38 -19.93 10.19
C6 NAG L . 18.02 -21.31 10.67
C7 NAG L . 20.45 -16.49 6.69
C8 NAG L . 20.90 -15.08 6.49
N2 NAG L . 20.13 -16.81 7.95
O3 NAG L . 17.58 -17.74 7.26
O4 NAG L . 16.27 -19.55 9.04
O5 NAG L . 19.80 -19.92 9.99
O6 NAG L . 18.61 -22.31 9.84
O7 NAG L . 20.38 -17.29 5.77
C1 NAG M . 58.77 -21.86 32.96
C2 NAG M . 60.26 -21.75 33.28
C3 NAG M . 61.09 -22.33 32.14
C4 NAG M . 60.66 -23.76 31.86
C5 NAG M . 59.15 -23.81 31.61
C6 NAG M . 58.63 -25.23 31.43
C7 NAG M . 60.92 -19.94 34.79
C8 NAG M . 61.33 -18.49 34.90
N2 NAG M . 60.66 -20.38 33.56
O3 NAG M . 62.47 -22.31 32.48
O4 NAG M . 61.34 -24.27 30.73
O5 NAG M . 58.44 -23.23 32.70
O6 NAG M . 58.66 -25.96 32.64
O7 NAG M . 60.84 -20.66 35.78
C1 NAG N . 40.89 -44.23 4.30
C2 NAG N . 41.71 -45.49 3.97
C3 NAG N . 41.13 -46.74 4.68
C4 NAG N . 39.65 -46.93 4.40
C5 NAG N . 39.02 -45.57 4.12
C6 NAG N . 37.54 -45.45 4.43
C7 NAG N . 42.53 -44.93 1.73
C8 NAG N . 42.49 -45.24 0.27
N2 NAG N . 41.77 -45.68 2.53
O3 NAG N . 41.37 -46.66 6.07
O4 NAG N . 39.47 -47.80 3.29
O5 NAG N . 39.70 -44.59 4.92
O6 NAG N . 36.94 -44.42 3.65
O7 NAG N . 43.24 -44.02 2.17
C1 NAG O . -29.83 -15.17 -30.94
C2 NAG O . -28.35 -15.54 -30.91
C3 NAG O . -28.17 -17.06 -30.80
C4 NAG O . -28.96 -17.59 -29.60
C5 NAG O . -30.41 -17.18 -29.72
C6 NAG O . -31.23 -17.58 -28.51
C7 NAG O . -26.84 -13.97 -32.06
C8 NAG O . -26.22 -13.58 -33.37
N2 NAG O . -27.66 -15.03 -32.09
O3 NAG O . -26.80 -17.36 -30.64
O4 NAG O . -28.87 -19.01 -29.56
O5 NAG O . -30.50 -15.74 -29.81
O6 NAG O . -30.70 -17.05 -27.31
O7 NAG O . -26.61 -13.35 -31.02
C1 NAG P . -32.56 -3.20 -41.87
C2 NAG P . -33.57 -3.49 -42.98
C3 NAG P . -32.86 -4.02 -44.22
C4 NAG P . -31.74 -3.10 -44.65
C5 NAG P . -30.78 -2.89 -43.47
C6 NAG P . -29.65 -1.94 -43.78
C7 NAG P . -35.89 -4.24 -42.70
C8 NAG P . -36.80 -5.31 -42.17
N2 NAG P . -34.59 -4.42 -42.52
O3 NAG P . -33.80 -4.18 -45.29
O4 NAG P . -31.03 -3.67 -45.74
O5 NAG P . -31.51 -2.34 -42.36
O6 NAG P . -30.13 -0.72 -44.33
O7 NAG P . -36.34 -3.24 -43.26
C1 NAG Q . -25.73 2.57 2.24
C2 NAG Q . -25.90 2.83 3.73
C3 NAG Q . -26.71 4.09 3.97
C4 NAG Q . -26.10 5.27 3.22
C5 NAG Q . -25.93 4.92 1.75
C6 NAG Q . -25.23 6.00 0.96
C7 NAG Q . -25.90 1.03 5.37
C8 NAG Q . -26.65 -0.13 5.96
N2 NAG Q . -26.50 1.68 4.39
O3 NAG Q . -26.78 4.36 5.37
O4 NAG Q . -26.94 6.41 3.34
O5 NAG Q . -25.14 3.73 1.62
O6 NAG Q . -23.92 6.24 1.47
O7 NAG Q . -24.77 1.34 5.77
C1 NAG R . -30.42 27.24 -27.35
C2 NAG R . -30.34 27.47 -25.84
C3 NAG R . -29.27 28.53 -25.52
C4 NAG R . -27.97 28.26 -26.28
C5 NAG R . -28.23 27.95 -27.75
C6 NAG R . -27.00 27.54 -28.52
C7 NAG R . -31.91 28.87 -24.48
C8 NAG R . -33.36 29.06 -24.14
N2 NAG R . -31.65 27.85 -25.33
O3 NAG R . -29.02 28.58 -24.12
O4 NAG R . -27.12 29.39 -26.21
O5 NAG R . -29.16 26.87 -27.85
O6 NAG R . -27.15 27.79 -29.91
O7 NAG R . -31.03 29.58 -23.99
C1 NAG S . -20.25 19.15 1.06
C2 NAG S . -21.57 19.94 1.05
C3 NAG S . -22.78 18.99 1.04
C4 NAG S . -22.63 17.94 -0.06
C5 NAG S . -21.31 17.22 0.11
C6 NAG S . -21.06 16.19 -0.97
C7 NAG S . -21.74 22.15 2.08
C8 NAG S . -21.80 22.93 3.36
N2 NAG S . -21.64 20.82 2.20
O3 NAG S . -23.94 19.75 0.78
O4 NAG S . -23.68 17.00 0.05
O5 NAG S . -20.25 18.18 0.01
O6 NAG S . -21.31 16.73 -2.25
O7 NAG S . -21.77 22.70 0.98
C1 NAG T . -9.10 26.91 10.02
C2 NAG T . -8.51 26.24 11.26
C3 NAG T . -9.34 26.57 12.49
C4 NAG T . -9.52 28.07 12.63
C5 NAG T . -10.05 28.69 11.34
C6 NAG T . -10.07 30.20 11.38
C7 NAG T . -7.27 24.13 11.28
C8 NAG T . -7.34 22.64 11.05
N2 NAG T . -8.41 24.79 11.08
O3 NAG T . -8.72 26.06 13.67
O4 NAG T . -10.46 28.32 13.67
O5 NAG T . -9.21 28.32 10.24
O6 NAG T . -8.83 30.72 11.84
O7 NAG T . -6.23 24.68 11.60
C1 NAG U . -12.41 28.28 -34.64
C2 NAG U . -12.09 28.06 -36.10
C3 NAG U . -10.61 28.27 -36.34
C4 NAG U . -10.20 29.66 -35.89
C5 NAG U . -10.62 29.91 -34.45
C6 NAG U . -10.47 31.38 -34.08
C7 NAG U . -13.34 26.57 -37.57
C8 NAG U . -13.71 25.14 -37.89
N2 NAG U . -12.52 26.75 -36.53
O3 NAG U . -10.32 28.12 -37.73
O4 NAG U . -8.78 29.85 -35.98
O5 NAG U . -12.01 29.60 -34.26
O6 NAG U . -11.35 32.17 -34.86
O7 NAG U . -13.76 27.50 -38.25
C1 NAG V . 9.24 45.75 -9.91
C2 NAG V . 8.88 46.98 -9.08
C3 NAG V . 8.95 48.23 -9.92
C4 NAG V . 10.36 48.40 -10.47
C5 NAG V . 10.69 47.28 -11.45
C6 NAG V . 12.08 46.73 -11.31
C7 NAG V . 7.29 46.04 -7.48
C8 NAG V . 5.85 45.99 -7.06
N2 NAG V . 7.55 46.83 -8.52
O3 NAG V . 8.59 49.32 -9.09
O4 NAG V . 10.43 49.63 -11.18
O5 NAG V . 9.77 46.17 -11.31
O6 NAG V . 12.68 46.52 -12.59
O7 NAG V . 8.15 45.41 -6.90
C1 NAG W . -18.82 4.76 26.65
C2 NAG W . -19.53 4.50 27.99
C3 NAG W . -19.76 5.82 28.74
C4 NAG W . -18.46 6.58 28.88
C5 NAG W . -17.91 6.84 27.50
C6 NAG W . -16.61 7.61 27.48
C7 NAG W . -21.04 2.56 28.15
C8 NAG W . -22.41 2.04 27.84
N2 NAG W . -20.80 3.82 27.78
O3 NAG W . -20.31 5.55 30.03
O4 NAG W . -18.71 7.80 29.57
O5 NAG W . -17.64 5.57 26.86
O6 NAG W . -15.56 6.92 28.15
O7 NAG W . -20.20 1.88 28.73
C1 NAG X . -24.84 -5.28 14.95
C2 NAG X . -25.61 -4.60 13.81
C3 NAG X . -27.09 -4.48 14.15
C4 NAG X . -27.65 -5.84 14.60
C5 NAG X . -26.77 -6.43 15.69
C6 NAG X . -27.18 -7.82 16.13
C7 NAG X . -24.70 -2.87 12.31
C8 NAG X . -24.16 -1.47 12.20
N2 NAG X . -25.05 -3.28 13.54
O3 NAG X . -27.80 -4.03 13.00
O4 NAG X . -28.98 -5.66 15.09
O5 NAG X . -25.42 -6.52 15.22
O6 NAG X . -27.65 -8.61 15.03
O7 NAG X . -24.82 -3.59 11.32
C1 NAG Y . 13.32 -11.10 37.77
C2 NAG Y . 14.81 -11.00 38.01
C3 NAG Y . 15.59 -11.67 36.88
C4 NAG Y . 15.12 -13.11 36.72
C5 NAG Y . 13.61 -13.16 36.55
C6 NAG Y . 13.07 -14.57 36.53
C7 NAG Y . 15.81 -9.15 39.27
C8 NAG Y . 16.15 -7.69 39.28
N2 NAG Y . 15.22 -9.61 38.17
O3 NAG Y . 16.98 -11.64 37.18
O4 NAG Y . 15.75 -13.70 35.58
O5 NAG Y . 12.96 -12.48 37.63
O6 NAG Y . 13.23 -15.20 37.81
O7 NAG Y . 16.07 -9.88 40.22
C1 NAG Z . -6.39 -32.44 9.56
C2 NAG Z . -5.75 -33.50 8.65
C3 NAG Z . -6.71 -34.66 8.46
C4 NAG Z . -7.09 -35.24 9.81
C5 NAG Z . -7.68 -34.16 10.71
C6 NAG Z . -7.96 -34.66 12.11
C7 NAG Z . -4.09 -32.90 6.96
C8 NAG Z . -3.86 -32.29 5.61
N2 NAG Z . -5.36 -32.94 7.37
O3 NAG Z . -6.11 -35.68 7.66
O4 NAG Z . -8.03 -36.30 9.62
O5 NAG Z . -6.77 -33.05 10.82
O6 NAG Z . -8.03 -33.58 13.04
O7 NAG Z . -3.17 -33.35 7.65
C1 NAG AA . 9.65 -21.56 3.51
C2 NAG AA . 8.64 -22.71 3.31
C3 NAG AA . 8.55 -23.07 1.83
C4 NAG AA . 8.25 -21.83 0.99
C5 NAG AA . 9.27 -20.73 1.31
C6 NAG AA . 8.96 -19.41 0.61
C7 NAG AA . 9.89 -23.99 5.05
C8 NAG AA . 10.03 -25.33 5.70
N2 NAG AA . 8.96 -23.91 4.09
O3 NAG AA . 7.52 -24.05 1.65
O4 NAG AA . 8.32 -22.15 -0.39
O5 NAG AA . 9.28 -20.45 2.71
O6 NAG AA . 8.49 -18.43 1.54
O7 NAG AA . 10.58 -23.03 5.38
#